data_6OEN
#
_entry.id   6OEN
#
_cell.length_a   1.0
_cell.length_b   1.0
_cell.length_c   1.0
_cell.angle_alpha   90.00
_cell.angle_beta   90.00
_cell.angle_gamma   90.00
#
_symmetry.space_group_name_H-M   'P 1'
#
loop_
_entity.id
_entity.type
_entity.pdbx_description
1 polymer 'V(D)J recombination-activating protein 1'
2 polymer 'V(D)J recombination-activating protein 2'
3 polymer 'DNA (57-MER)'
4 polymer 'DNA (46-MER)'
5 polymer 'DNA (46-MER)'
6 polymer 'DNA (57-MER)'
7 polymer 'High mobility group protein B1'
8 non-polymer 'ZINC ION'
9 non-polymer 'CALCIUM ION'
#
loop_
_entity_poly.entity_id
_entity_poly.type
_entity_poly.pdbx_seq_one_letter_code
_entity_poly.pdbx_strand_id
1 'polypeptide(L)'
;MAASLPSTLSFSSAPDEIQHPQIKFSEWKFKLFRVRSFEKAPEEAQKEKDSSEGKPYLEQSPVVPEKPGGQNSILTQRAL
KLHPKFSKKFHADGKSSDKAVHQARLRHFCRICGNRFKSDGHSRRYPVHGPVDAKTQSLFRKKEKRVTSWPDLIARIFRI
DVKADVDSIHPTEFCHDCWSIMHRKFSSSHSQVYFPRKVTVEWHPHTPSCDICFTAHRGLKRKRHQPNVQLSKKLKTVLN
HARRDRRKRTQARVSSKEVLKKISNCSKIHLSTKLLAVDFPAHFVKSISCQICEHILADPVETSCKHLFCRICILRCLKV
MGSYCPSCRYPCFPTDLESPVKSFLNILNSLMVKCPAQDCNEEVSLEKYNHHVSSHKESKETLVHINKGGRPRQHLLSLT
RRAQKHRLRELKIQVKEFADKEEGGDVKAVCLTLFLLALRARNEHRQADELEAIMQGRGSGLQPAVCLAIRVNTFLSCSQ
YHKMYRTVKAITGRQIFQPLHALRNAEKVLLPGYHPFEWQPPLKNVSSRTDVGIIDGLSGLASSVDEYPVDTIAKRFRYD
SALVSALMDMEEDILEGMRSQDLDDYLNGPFTVVVKESCDGMGDVSEKHGSGPAVPEKAVRFSFTVMRITIEHGSQNVKV
FEEPKPNSELCCKPLCLMLADESDHETLTAILSPLIAEREAMKSSELTLEMGGIPRTFKFIFRGTGYDEKLVREVEGLEA
SGSVYICTLCDTTRLEASQNLVFHSITRSHAENLQRYEVWRSNPYHESVEELRDRVKGVSAKPFIETVPSIDALHCDIGN
AAEFYKIFQLEIGEVYKHPNASKEERKRWQATLDKHLRKRMNLKPIMRMNGNFARKLMTQETVDAVCELIPSEERHEALR
ELMDLYLKMKPVWRSSCPAKECPESLCQYSFNSQRFAELLSTKFKYRYEGKITNYFHKTLAHVPEIIERDGSIGAWASEG
NQSGNKLFRRFRKMNARQSKCYEMEDVLKHHWLYTSKYLQKFMNAHNALKSSGFTMNSKETLGDPLGIEDSLESQDSMEF
;
A,C
2 'polypeptide(L)'
;MSLQMVTVGHNIALIQPGFSLMNFDGQVFFFGQKGWPKRSCPTGVFHFDIKQNHLKLKPAIFSKDSCYLPPLRYPATCSY
KGSIDSDKHQYIIHGGKTPNNELSDKIYIMSVACKNNKKVTFRCTEKDLVGDVPEPRYGHSIDVVYSRGKSMGVLFGGRS
YMPSTQRTTEKWNSVADCLPHVFLIDFEFGCATSYILPELQDGLSFHVSIARNDTVYILGGHSLASNIRPANLYRIRVDL
PLGTPAVNCTVLPGGISVSSAILTQTNNDEFVIVGGYQLENQKRMVCSLVSLGDNTIEISEMETPDWTSDIKHSKIWFGS
NMGNGTIFLGIPGDNKQAMSEAFYFYTLRCSEEDLSEDQKIVSNSQTSTEDPGDSTPFEDSEEFCFSAEATSFDGDDEFD
TYNEDDEDDESVTGYWITCCPTCDVDINTWVPFYSTELNKPAMIYCSHGDGHWVHAQCMDLEERTLIHLSEGSNKYYCNE
HVQIARALQTPKRNPPLQKPPMKSLHKKGSGKVLTPAKKSFLRRLFD
;
B,D
3 'polydeoxyribonucleotide'
;(DC)(DG)(DG)(DG)(DT)(DT)(DT)(DT)(DT)(DG)(DT)(DC)(DT)(DG)(DG)(DC)(DT)(DT)(DC)(DA)
(DC)(DA)(DC)(DT)(DT)(DG)(DA)(DT)(DT)(DT)(DG)(DC)(DA)(DT)(DC)(DA)(DC)(DT)(DG)(DT)
(DG)(DT)(DA)(DA)(DG)(DA)(DC)(DA)(DG)(DG)(DC)(DC)(DA)(DG)(DA)(DT)(DC)(DC)(DA)(DG)
(DG)
;
G
4 'polydeoxyribonucleotide'
;(DC)(DC)(DT)(DG)(DG)(DA)(DT)(DC)(DT)(DG)(DG)(DC)(DC)(DT)(DG)(DT)(DC)(DT)(DT)(DA)
(DC)(DA)(DC)(DA)(DG)(DT)(DG)(DA)(DT)(DA)(DC)(DA)(DG)(DC)(DC)(DC)(DT)(DT)(DA)(DA)
(DC)(DA)(DA)(DA)(DA)(DA)(DC)(DC)(DC)(DG)
;
I
5 'polydeoxyribonucleotide'
;(DC)(DG)(DG)(DG)(DT)(DT)(DT)(DT)(DT)(DG)(DT)(DT)(DA)(DA)(DG)(DG)(DG)(DC)(DT)(DG)
(DT)(DA)(DT)(DC)(DA)(DC)(DT)(DG)(DT)(DG)(DT)(DA)(DA)(DG)(DA)(DC)(DA)(DG)(DG)(DC)
(DC)(DA)(DG)(DA)(DT)(DC)(DC)(DA)(DG)(DG)
;
F
6 'polydeoxyribonucleotide'
;(DC)(DC)(DT)(DG)(DG)(DA)(DT)(DC)(DT)(DG)(DG)(DC)(DC)(DT)(DG)(DT)(DC)(DT)(DT)(DA)
(DC)(DA)(DC)(DA)(DG)(DT)(DG)(DA)(DT)(DG)(DC)(DA)(DA)(DA)(DT)(DC)(DA)(DA)(DG)(DT)
(DG)(DT)(DG)(DA)(DA)(DG)(DC)(DC)(DA)(DG)(DA)(DC)(DA)(DA)(DA)(DA)(DA)(DC)(DC)(DC)
(DG)
;
J
7 'polypeptide(L)'
;MGKGDPKKPRGKMSSYAFFVQTCREEHKKKHPDASVNFSEFSKKCSERWKTMSAKEKGKFEDMAKADKARYEREMKTYIP
PKGETKKKFKDPNAPKRPPSAFFLFCSEYRPKIKGEHPGLSIGDVAKKLGEMWNNTAADDKQPYEKKAAKLKEKYEKDIA
AYR
;
N,H
#
loop_
_chem_comp.id
_chem_comp.type
_chem_comp.name
_chem_comp.formula
CA non-polymer 'CALCIUM ION' 'Ca 2'
DA DNA linking 2'-DEOXYADENOSINE-5'-MONOPHOSPHATE 'C10 H14 N5 O6 P'
DC DNA linking 2'-DEOXYCYTIDINE-5'-MONOPHOSPHATE 'C9 H14 N3 O7 P'
DG DNA linking 2'-DEOXYGUANOSINE-5'-MONOPHOSPHATE 'C10 H14 N5 O7 P'
DT DNA linking THYMIDINE-5'-MONOPHOSPHATE 'C10 H15 N2 O8 P'
ZN non-polymer 'ZINC ION' 'Zn 2'
#
# COMPACT_ATOMS: atom_id res chain seq x y z
N THR A 400 -36.86 48.61 19.12
CA THR A 400 -37.79 47.65 18.51
C THR A 400 -38.17 48.11 17.10
N ARG A 401 -39.16 47.43 16.52
CA ARG A 401 -39.54 47.68 15.14
C ARG A 401 -40.23 49.02 14.97
N ARG A 402 -41.23 49.30 15.81
CA ARG A 402 -41.97 50.56 15.69
C ARG A 402 -41.10 51.75 16.10
N ALA A 403 -40.11 51.52 16.97
CA ALA A 403 -39.18 52.58 17.35
C ALA A 403 -38.30 53.00 16.18
N GLN A 404 -37.72 52.03 15.46
CA GLN A 404 -36.90 52.39 14.30
C GLN A 404 -37.76 52.83 13.12
N LYS A 405 -39.02 52.37 13.05
CA LYS A 405 -39.96 52.92 12.08
C LYS A 405 -40.23 54.39 12.34
N HIS A 406 -40.41 54.76 13.62
CA HIS A 406 -40.58 56.16 13.99
C HIS A 406 -39.30 56.96 13.72
N ARG A 407 -38.15 56.35 13.92
CA ARG A 407 -36.88 57.01 13.64
C ARG A 407 -36.67 57.22 12.14
N LEU A 408 -37.20 56.34 11.29
CA LEU A 408 -36.90 56.38 9.87
C LEU A 408 -38.13 56.63 9.00
N ARG A 409 -39.22 57.16 9.56
CA ARG A 409 -40.41 57.47 8.78
C ARG A 409 -40.14 58.51 7.70
N GLU A 410 -39.30 59.50 8.00
CA GLU A 410 -38.87 60.47 7.00
C GLU A 410 -38.09 59.78 5.89
N LEU A 411 -37.26 58.80 6.24
CA LEU A 411 -36.49 58.07 5.24
C LEU A 411 -37.40 57.24 4.36
N LYS A 412 -38.39 56.58 4.97
CA LYS A 412 -39.34 55.76 4.23
C LYS A 412 -40.13 56.59 3.25
N ILE A 413 -40.66 57.74 3.71
CA ILE A 413 -41.43 58.58 2.80
C ILE A 413 -40.52 59.29 1.80
N GLN A 414 -39.24 59.48 2.14
CA GLN A 414 -38.33 60.17 1.24
C GLN A 414 -37.95 59.29 0.06
N VAL A 415 -37.51 58.06 0.35
CA VAL A 415 -37.20 57.15 -0.76
C VAL A 415 -38.47 56.63 -1.39
N LYS A 416 -39.61 56.77 -0.71
CA LYS A 416 -40.89 56.54 -1.36
C LYS A 416 -41.12 57.56 -2.47
N GLU A 417 -40.92 58.85 -2.16
CA GLU A 417 -40.96 59.90 -3.18
C GLU A 417 -39.97 59.63 -4.30
N PHE A 418 -38.76 59.24 -3.93
CA PHE A 418 -37.72 59.01 -4.94
C PHE A 418 -38.01 57.79 -5.79
N ALA A 419 -38.69 56.80 -5.22
CA ALA A 419 -39.10 55.64 -6.00
C ALA A 419 -40.24 55.99 -6.95
N ASP A 420 -41.16 56.85 -6.51
CA ASP A 420 -42.23 57.26 -7.41
C ASP A 420 -41.72 58.19 -8.50
N LYS A 421 -40.68 58.97 -8.23
CA LYS A 421 -40.22 59.94 -9.21
C LYS A 421 -39.13 59.39 -10.11
N GLU A 422 -38.46 58.31 -9.69
CA GLU A 422 -37.37 57.76 -10.49
C GLU A 422 -37.87 56.65 -11.40
N GLU A 423 -38.41 55.59 -10.82
CA GLU A 423 -38.92 54.48 -11.61
C GLU A 423 -40.39 54.18 -11.33
N GLY A 424 -41.08 55.09 -10.65
CA GLY A 424 -42.52 54.99 -10.49
C GLY A 424 -43.01 53.89 -9.56
N GLY A 425 -42.76 54.02 -8.26
CA GLY A 425 -43.23 53.05 -7.30
C GLY A 425 -42.47 51.75 -7.39
N ASP A 426 -41.15 51.82 -7.37
CA ASP A 426 -40.25 50.68 -7.60
C ASP A 426 -39.31 50.53 -6.42
N VAL A 427 -39.89 50.53 -5.21
CA VAL A 427 -39.11 50.56 -3.98
C VAL A 427 -38.30 49.29 -3.78
N LYS A 428 -38.78 48.17 -4.33
CA LYS A 428 -38.16 46.88 -4.07
C LYS A 428 -36.77 46.77 -4.73
N ALA A 429 -36.71 46.98 -6.05
CA ALA A 429 -35.45 46.83 -6.76
C ALA A 429 -34.45 47.92 -6.41
N VAL A 430 -34.95 49.13 -6.14
CA VAL A 430 -34.07 50.25 -5.77
C VAL A 430 -33.46 49.99 -4.40
N CYS A 431 -34.28 49.60 -3.43
CA CYS A 431 -33.80 49.35 -2.08
C CYS A 431 -32.89 48.12 -2.04
N LEU A 432 -33.21 47.12 -2.86
CA LEU A 432 -32.37 45.94 -3.02
C LEU A 432 -30.99 46.30 -3.57
N THR A 433 -30.95 47.02 -4.69
CA THR A 433 -29.68 47.39 -5.30
C THR A 433 -28.89 48.35 -4.41
N LEU A 434 -29.58 49.12 -3.57
CA LEU A 434 -28.90 49.92 -2.56
C LEU A 434 -28.21 49.02 -1.54
N PHE A 435 -28.90 47.97 -1.08
CA PHE A 435 -28.27 47.01 -0.17
C PHE A 435 -27.09 46.32 -0.83
N LEU A 436 -27.23 45.95 -2.10
CA LEU A 436 -26.14 45.26 -2.80
C LEU A 436 -24.94 46.16 -2.98
N LEU A 437 -25.14 47.41 -3.39
CA LEU A 437 -24.01 48.32 -3.60
C LEU A 437 -23.32 48.66 -2.29
N ALA A 438 -24.10 48.81 -1.21
CA ALA A 438 -23.50 49.09 0.09
C ALA A 438 -22.71 47.89 0.61
N LEU A 439 -23.26 46.69 0.49
CA LEU A 439 -22.59 45.55 1.10
C LEU A 439 -21.49 45.02 0.21
N ARG A 440 -21.46 45.39 -1.06
CA ARG A 440 -20.29 45.11 -1.88
C ARG A 440 -19.20 46.15 -1.67
N ALA A 441 -19.56 47.41 -1.41
CA ALA A 441 -18.55 48.38 -0.99
C ALA A 441 -18.03 48.08 0.40
N ARG A 442 -18.75 47.27 1.17
CA ARG A 442 -18.28 46.72 2.44
C ARG A 442 -17.15 45.70 2.26
N ASN A 443 -16.99 45.15 1.04
CA ASN A 443 -15.96 44.15 0.69
C ASN A 443 -16.12 42.87 1.51
N GLU A 444 -17.36 42.40 1.62
CA GLU A 444 -17.70 41.16 2.31
C GLU A 444 -18.68 40.37 1.48
N HIS A 445 -18.29 40.15 0.22
CA HIS A 445 -19.22 39.81 -0.86
C HIS A 445 -19.88 38.44 -0.71
N ARG A 446 -19.42 37.61 0.23
CA ARG A 446 -20.06 36.31 0.45
C ARG A 446 -21.51 36.48 0.91
N GLN A 447 -21.73 37.40 1.84
CA GLN A 447 -23.09 37.72 2.26
C GLN A 447 -23.88 38.34 1.11
N ALA A 448 -23.20 39.10 0.25
CA ALA A 448 -23.87 39.78 -0.85
C ALA A 448 -24.42 38.79 -1.87
N ASP A 449 -23.57 37.88 -2.36
CA ASP A 449 -24.09 36.98 -3.38
C ASP A 449 -24.90 35.86 -2.75
N GLU A 450 -24.77 35.65 -1.43
CA GLU A 450 -25.72 34.79 -0.74
C GLU A 450 -27.12 35.40 -0.77
N LEU A 451 -27.21 36.70 -0.49
CA LEU A 451 -28.50 37.37 -0.58
C LEU A 451 -29.01 37.43 -2.01
N GLU A 452 -28.09 37.56 -2.97
CA GLU A 452 -28.49 37.56 -4.38
C GLU A 452 -29.06 36.22 -4.79
N ALA A 453 -28.42 35.12 -4.38
CA ALA A 453 -28.93 33.80 -4.71
C ALA A 453 -30.24 33.52 -4.00
N ILE A 454 -30.42 34.04 -2.78
CA ILE A 454 -31.65 33.73 -2.07
C ILE A 454 -32.81 34.62 -2.51
N MET A 455 -32.53 35.80 -3.07
CA MET A 455 -33.64 36.64 -3.51
C MET A 455 -33.93 36.50 -4.98
N GLN A 456 -32.98 35.96 -5.75
CA GLN A 456 -33.30 35.52 -7.10
C GLN A 456 -34.22 34.31 -7.08
N GLY A 457 -34.03 33.43 -6.11
CA GLY A 457 -34.70 32.16 -6.10
C GLY A 457 -33.83 30.99 -6.51
N ARG A 458 -32.53 31.04 -6.23
CA ARG A 458 -31.66 29.92 -6.51
C ARG A 458 -31.88 28.81 -5.49
N GLY A 459 -32.03 27.59 -5.96
CA GLY A 459 -32.35 26.48 -5.09
C GLY A 459 -31.18 26.08 -4.20
N SER A 460 -31.49 25.73 -2.96
CA SER A 460 -30.45 25.35 -2.01
C SER A 460 -29.96 23.93 -2.28
N GLY A 461 -30.87 22.95 -2.26
CA GLY A 461 -30.52 21.58 -2.58
C GLY A 461 -30.19 21.42 -4.05
N LEU A 462 -29.61 20.26 -4.37
CA LEU A 462 -29.08 20.05 -5.71
C LEU A 462 -29.48 18.68 -6.24
N GLN A 463 -29.07 18.44 -7.48
CA GLN A 463 -29.43 17.22 -8.20
C GLN A 463 -28.71 16.01 -7.59
N PRO A 464 -29.31 14.83 -7.68
CA PRO A 464 -28.59 13.61 -7.25
C PRO A 464 -27.40 13.30 -8.11
N ALA A 465 -27.45 13.63 -9.40
CA ALA A 465 -26.39 13.27 -10.33
C ALA A 465 -25.11 14.01 -10.01
N VAL A 466 -25.22 15.23 -9.50
CA VAL A 466 -24.03 15.98 -9.15
C VAL A 466 -23.38 15.39 -7.91
N CYS A 467 -24.19 14.88 -6.98
CA CYS A 467 -23.65 14.14 -5.84
C CYS A 467 -22.93 12.89 -6.31
N LEU A 468 -23.49 12.20 -7.30
CA LEU A 468 -22.83 11.03 -7.85
C LEU A 468 -21.51 11.42 -8.51
N ALA A 469 -21.50 12.57 -9.19
CA ALA A 469 -20.31 13.03 -9.88
C ALA A 469 -19.20 13.35 -8.90
N ILE A 470 -19.52 14.06 -7.83
CA ILE A 470 -18.47 14.44 -6.91
C ILE A 470 -18.03 13.25 -6.09
N ARG A 471 -18.93 12.30 -5.82
CA ARG A 471 -18.56 11.09 -5.09
C ARG A 471 -17.62 10.23 -5.91
N VAL A 472 -17.90 10.07 -7.20
CA VAL A 472 -17.02 9.29 -8.06
C VAL A 472 -15.68 9.98 -8.22
N ASN A 473 -15.70 11.30 -8.46
CA ASN A 473 -14.46 12.02 -8.70
C ASN A 473 -13.58 12.15 -7.48
N THR A 474 -14.12 12.06 -6.27
CA THR A 474 -13.29 12.11 -5.09
C THR A 474 -12.89 10.73 -4.57
N PHE A 475 -13.44 9.66 -5.15
CA PHE A 475 -13.24 8.28 -4.72
C PHE A 475 -13.56 8.10 -3.23
N LEU A 476 -14.83 8.25 -2.89
CA LEU A 476 -15.27 8.10 -1.51
C LEU A 476 -16.27 6.97 -1.37
N SER A 477 -16.17 6.26 -0.25
CA SER A 477 -17.05 5.15 0.05
C SER A 477 -18.41 5.67 0.50
N CYS A 478 -19.41 4.80 0.43
CA CYS A 478 -20.77 5.11 0.83
C CYS A 478 -20.91 5.39 2.31
N SER A 479 -20.06 4.78 3.13
CA SER A 479 -20.10 5.02 4.57
C SER A 479 -19.71 6.45 4.89
N GLN A 480 -18.59 6.91 4.34
CA GLN A 480 -18.14 8.26 4.62
C GLN A 480 -19.05 9.28 3.97
N TYR A 481 -19.59 8.96 2.80
CA TYR A 481 -20.54 9.84 2.16
C TYR A 481 -21.81 9.96 2.99
N HIS A 482 -22.29 8.85 3.53
CA HIS A 482 -23.50 8.85 4.33
C HIS A 482 -23.29 9.63 5.62
N LYS A 483 -22.10 9.52 6.20
CA LYS A 483 -21.75 10.30 7.37
C LYS A 483 -21.75 11.79 7.06
N MET A 484 -21.16 12.16 5.93
CA MET A 484 -21.13 13.57 5.52
C MET A 484 -22.53 14.10 5.28
N TYR A 485 -23.38 13.29 4.63
CA TYR A 485 -24.75 13.69 4.33
C TYR A 485 -25.55 13.89 5.61
N ARG A 486 -25.43 12.97 6.56
CA ARG A 486 -26.22 13.10 7.78
C ARG A 486 -25.71 14.24 8.65
N THR A 487 -24.41 14.56 8.58
CA THR A 487 -23.92 15.67 9.38
C THR A 487 -24.37 17.00 8.81
N VAL A 488 -24.35 17.14 7.50
CA VAL A 488 -24.80 18.40 6.91
C VAL A 488 -26.32 18.55 7.07
N LYS A 489 -27.04 17.44 7.06
CA LYS A 489 -28.47 17.50 7.38
C LYS A 489 -28.72 17.90 8.81
N ALA A 490 -27.91 17.39 9.75
CA ALA A 490 -28.09 17.74 11.15
C ALA A 490 -27.73 19.19 11.42
N ILE A 491 -26.73 19.72 10.72
CA ILE A 491 -26.27 21.07 11.00
C ILE A 491 -27.17 22.09 10.32
N THR A 492 -27.41 21.92 9.02
CA THR A 492 -28.16 22.89 8.25
C THR A 492 -29.64 22.90 8.61
N GLY A 493 -30.20 21.76 8.97
CA GLY A 493 -31.62 21.69 9.22
C GLY A 493 -32.36 21.32 7.96
N ARG A 494 -32.31 22.21 6.97
CA ARG A 494 -32.78 21.82 5.65
C ARG A 494 -31.78 20.86 5.02
N GLN A 495 -32.28 20.06 4.07
CA GLN A 495 -31.46 19.07 3.40
C GLN A 495 -30.96 19.65 2.09
N ILE A 496 -29.68 19.45 1.81
CA ILE A 496 -29.08 19.89 0.57
C ILE A 496 -28.54 18.71 -0.24
N PHE A 497 -27.92 17.75 0.41
CA PHE A 497 -27.35 16.60 -0.27
C PHE A 497 -28.41 15.51 -0.38
N GLN A 498 -27.99 14.31 -0.75
CA GLN A 498 -28.94 13.24 -1.00
C GLN A 498 -28.52 11.97 -0.28
N PRO A 499 -29.46 11.10 0.07
CA PRO A 499 -29.07 9.77 0.53
C PRO A 499 -28.93 8.79 -0.62
N LEU A 500 -28.59 7.54 -0.31
CA LEU A 500 -28.07 6.63 -1.33
C LEU A 500 -29.15 6.09 -2.27
N HIS A 501 -30.42 6.22 -1.92
CA HIS A 501 -31.50 5.62 -2.70
C HIS A 501 -31.60 6.26 -4.07
N ALA A 502 -31.77 7.60 -4.09
CA ALA A 502 -31.85 8.32 -5.35
C ALA A 502 -30.52 8.30 -6.08
N LEU A 503 -29.41 8.14 -5.34
CA LEU A 503 -28.10 8.02 -5.96
C LEU A 503 -28.01 6.75 -6.80
N ARG A 504 -28.38 5.61 -6.21
CA ARG A 504 -28.37 4.37 -6.94
C ARG A 504 -29.42 4.35 -8.04
N ASN A 505 -30.53 5.06 -7.83
CA ASN A 505 -31.55 5.16 -8.86
C ASN A 505 -31.03 5.90 -10.10
N ALA A 506 -30.44 7.07 -9.89
CA ALA A 506 -29.86 7.80 -11.02
C ALA A 506 -28.64 7.07 -11.58
N GLU A 507 -27.99 6.26 -10.74
CA GLU A 507 -26.87 5.45 -11.20
C GLU A 507 -27.33 4.40 -12.20
N LYS A 508 -28.38 3.65 -11.86
CA LYS A 508 -28.87 2.64 -12.79
C LYS A 508 -29.60 3.27 -13.97
N VAL A 509 -30.04 4.52 -13.85
CA VAL A 509 -30.45 5.25 -15.04
C VAL A 509 -29.26 5.48 -15.95
N LEU A 510 -28.15 5.96 -15.40
CA LEU A 510 -26.99 6.25 -16.22
C LEU A 510 -26.22 5.01 -16.63
N LEU A 511 -26.43 3.89 -15.96
CA LEU A 511 -25.71 2.68 -16.30
C LEU A 511 -26.25 2.10 -17.61
N PRO A 512 -25.43 1.37 -18.36
CA PRO A 512 -25.94 0.67 -19.54
C PRO A 512 -26.90 -0.45 -19.19
N GLY A 513 -27.77 -0.75 -20.14
CA GLY A 513 -28.77 -1.80 -19.95
C GLY A 513 -30.09 -1.33 -19.42
N TYR A 514 -30.47 -0.09 -19.72
CA TYR A 514 -31.66 0.51 -19.13
C TYR A 514 -32.58 1.14 -20.17
N HIS A 515 -32.05 1.61 -21.23
CA HIS A 515 -32.96 2.32 -22.11
C HIS A 515 -33.30 1.51 -23.34
N PRO A 516 -34.52 1.60 -23.84
CA PRO A 516 -34.91 0.83 -25.02
C PRO A 516 -34.39 1.44 -26.31
N PHE A 517 -34.37 0.60 -27.34
CA PHE A 517 -33.73 0.86 -28.62
C PHE A 517 -34.09 -0.29 -29.55
N GLU A 518 -33.73 -0.19 -30.82
CA GLU A 518 -34.00 -1.30 -31.71
C GLU A 518 -33.02 -1.32 -32.88
N TRP A 519 -33.03 -2.44 -33.60
CA TRP A 519 -32.19 -2.62 -34.77
C TRP A 519 -33.08 -2.97 -35.95
N GLN A 520 -32.86 -2.31 -37.08
CA GLN A 520 -33.63 -2.62 -38.28
C GLN A 520 -33.24 -3.97 -38.90
N PRO A 521 -31.97 -4.39 -38.93
CA PRO A 521 -31.70 -5.80 -39.10
C PRO A 521 -32.02 -6.56 -37.83
N PRO A 522 -32.21 -7.88 -37.90
CA PRO A 522 -32.56 -8.62 -36.68
C PRO A 522 -31.38 -9.02 -35.80
N LEU A 523 -30.14 -8.86 -36.26
CA LEU A 523 -28.91 -9.13 -35.50
C LEU A 523 -28.84 -10.59 -35.03
N LYS A 524 -28.56 -11.45 -36.00
CA LYS A 524 -28.32 -12.88 -35.76
C LYS A 524 -27.30 -13.10 -34.65
N ASN A 525 -27.54 -14.17 -33.88
CA ASN A 525 -26.75 -14.63 -32.75
C ASN A 525 -26.64 -13.60 -31.64
N VAL A 526 -27.56 -12.64 -31.56
CA VAL A 526 -27.58 -11.63 -30.52
C VAL A 526 -28.92 -11.74 -29.81
N SER A 527 -28.91 -11.61 -28.48
CA SER A 527 -30.15 -11.68 -27.71
C SER A 527 -31.02 -10.46 -27.98
N SER A 528 -32.28 -10.56 -27.56
CA SER A 528 -33.27 -9.52 -27.81
C SER A 528 -33.56 -8.67 -26.58
N ARG A 529 -33.01 -9.01 -25.42
CA ARG A 529 -33.27 -8.21 -24.24
C ARG A 529 -32.51 -6.90 -24.31
N THR A 530 -33.16 -5.83 -23.86
CA THR A 530 -32.57 -4.51 -23.81
C THR A 530 -32.17 -4.17 -22.39
N ASP A 531 -32.29 -5.14 -21.48
CA ASP A 531 -32.17 -4.86 -20.06
C ASP A 531 -31.21 -5.84 -19.40
N VAL A 532 -30.03 -6.01 -19.98
CA VAL A 532 -28.97 -6.79 -19.36
C VAL A 532 -27.69 -5.97 -19.45
N GLY A 533 -27.05 -5.76 -18.30
CA GLY A 533 -25.82 -5.01 -18.25
C GLY A 533 -24.60 -5.89 -17.98
N ILE A 534 -24.18 -5.92 -16.72
CA ILE A 534 -22.98 -6.66 -16.34
C ILE A 534 -23.23 -8.15 -16.45
N ILE A 535 -22.36 -8.85 -17.16
CA ILE A 535 -22.41 -10.29 -17.24
C ILE A 535 -20.99 -10.83 -17.04
N ASP A 536 -20.91 -12.16 -16.92
CA ASP A 536 -19.62 -12.83 -16.91
C ASP A 536 -18.98 -12.69 -18.27
N GLY A 537 -17.68 -12.39 -18.29
CA GLY A 537 -16.97 -12.43 -19.55
C GLY A 537 -16.72 -13.83 -20.06
N LEU A 538 -16.99 -14.85 -19.25
CA LEU A 538 -16.66 -16.21 -19.61
C LEU A 538 -17.58 -16.77 -20.67
N SER A 539 -18.76 -16.17 -20.85
CA SER A 539 -19.73 -16.53 -21.89
C SER A 539 -20.15 -18.01 -21.80
N GLY A 540 -20.20 -18.51 -20.58
CA GLY A 540 -20.56 -19.89 -20.36
C GLY A 540 -19.41 -20.87 -20.50
N LEU A 541 -18.18 -20.44 -20.26
CA LEU A 541 -17.06 -21.37 -20.19
C LEU A 541 -17.22 -22.27 -18.98
N ALA A 542 -17.52 -23.54 -19.23
CA ALA A 542 -17.60 -24.52 -18.16
C ALA A 542 -16.21 -24.77 -17.62
N SER A 543 -16.01 -24.42 -16.36
CA SER A 543 -14.69 -24.55 -15.74
C SER A 543 -14.71 -25.70 -14.74
N SER A 544 -15.39 -26.79 -15.09
CA SER A 544 -15.35 -28.00 -14.29
C SER A 544 -13.97 -28.63 -14.43
N VAL A 545 -13.64 -29.54 -13.51
CA VAL A 545 -12.28 -30.05 -13.41
C VAL A 545 -11.96 -31.01 -14.54
N ASP A 546 -12.98 -31.50 -15.24
CA ASP A 546 -12.80 -32.46 -16.30
C ASP A 546 -12.34 -31.81 -17.60
N GLU A 547 -12.26 -30.48 -17.62
CA GLU A 547 -11.99 -29.75 -18.85
C GLU A 547 -10.74 -28.90 -18.67
N TYR A 548 -10.47 -28.01 -19.62
CA TYR A 548 -9.26 -27.20 -19.53
C TYR A 548 -9.41 -26.18 -18.42
N PRO A 549 -8.50 -26.18 -17.44
CA PRO A 549 -8.72 -25.38 -16.23
C PRO A 549 -8.18 -23.97 -16.40
N VAL A 550 -8.98 -22.99 -15.96
CA VAL A 550 -8.58 -21.60 -15.95
C VAL A 550 -8.98 -21.02 -14.60
N ASP A 551 -8.55 -19.79 -14.34
CA ASP A 551 -8.98 -19.08 -13.15
C ASP A 551 -9.24 -17.61 -13.41
N THR A 552 -9.15 -17.17 -14.66
CA THR A 552 -9.18 -15.75 -14.97
C THR A 552 -10.61 -15.24 -14.86
N ILE A 553 -10.86 -14.38 -13.88
CA ILE A 553 -12.17 -13.76 -13.74
C ILE A 553 -12.32 -12.71 -14.82
N ALA A 554 -13.45 -12.75 -15.52
CA ALA A 554 -13.73 -11.80 -16.59
C ALA A 554 -15.15 -11.28 -16.46
N LYS A 555 -15.27 -9.96 -16.41
CA LYS A 555 -16.57 -9.30 -16.38
C LYS A 555 -16.70 -8.46 -17.64
N ARG A 556 -17.92 -8.38 -18.17
CA ARG A 556 -18.08 -7.65 -19.42
C ARG A 556 -19.47 -7.08 -19.53
N PHE A 557 -19.62 -6.15 -20.46
CA PHE A 557 -20.93 -5.65 -20.81
C PHE A 557 -21.46 -6.41 -22.02
N ARG A 558 -22.56 -5.92 -22.58
CA ARG A 558 -22.90 -6.18 -23.96
C ARG A 558 -22.48 -4.95 -24.75
N TYR A 559 -22.03 -5.17 -25.98
CA TYR A 559 -21.42 -4.08 -26.74
C TYR A 559 -22.43 -3.03 -27.14
N ASP A 560 -23.57 -3.48 -27.67
CA ASP A 560 -24.61 -2.56 -28.12
C ASP A 560 -25.17 -1.74 -26.96
N SER A 561 -25.21 -2.32 -25.76
CA SER A 561 -25.63 -1.59 -24.57
C SER A 561 -24.67 -0.46 -24.28
N ALA A 562 -23.37 -0.72 -24.43
CA ALA A 562 -22.37 0.33 -24.20
C ALA A 562 -22.47 1.41 -25.25
N LEU A 563 -22.73 1.03 -26.50
CA LEU A 563 -22.88 2.01 -27.57
C LEU A 563 -24.08 2.91 -27.33
N VAL A 564 -25.23 2.32 -26.97
CA VAL A 564 -26.42 3.14 -26.82
C VAL A 564 -26.33 3.99 -25.56
N SER A 565 -25.63 3.52 -24.53
CA SER A 565 -25.49 4.34 -23.33
C SER A 565 -24.52 5.49 -23.58
N ALA A 566 -23.44 5.23 -24.31
CA ALA A 566 -22.50 6.29 -24.68
C ALA A 566 -23.18 7.33 -25.56
N LEU A 567 -24.04 6.87 -26.48
CA LEU A 567 -24.82 7.80 -27.31
C LEU A 567 -25.79 8.61 -26.47
N MET A 568 -26.46 7.98 -25.50
CA MET A 568 -27.48 8.70 -24.77
C MET A 568 -26.88 9.70 -23.80
N ASP A 569 -25.64 9.49 -23.34
CA ASP A 569 -25.09 10.57 -22.52
C ASP A 569 -24.16 11.49 -23.30
N MET A 570 -23.90 11.23 -24.57
CA MET A 570 -23.37 12.27 -25.44
C MET A 570 -24.47 12.97 -26.23
N GLU A 571 -25.73 12.60 -25.95
CA GLU A 571 -26.88 13.18 -26.63
C GLU A 571 -26.97 14.69 -26.47
N GLU A 572 -26.63 15.22 -25.30
CA GLU A 572 -26.67 16.66 -25.11
C GLU A 572 -25.57 17.35 -25.90
N ASP A 573 -24.40 16.71 -26.00
CA ASP A 573 -23.31 17.24 -26.81
C ASP A 573 -23.68 17.28 -28.29
N ILE A 574 -24.30 16.21 -28.79
CA ILE A 574 -24.63 16.21 -30.22
C ILE A 574 -25.83 17.09 -30.49
N LEU A 575 -26.69 17.29 -29.49
CA LEU A 575 -27.77 18.26 -29.61
C LEU A 575 -27.21 19.67 -29.73
N GLU A 576 -26.23 20.00 -28.90
CA GLU A 576 -25.65 21.34 -28.95
C GLU A 576 -24.85 21.53 -30.24
N GLY A 577 -24.20 20.48 -30.73
CA GLY A 577 -23.50 20.58 -32.00
C GLY A 577 -24.44 20.76 -33.16
N MET A 578 -25.61 20.11 -33.10
CA MET A 578 -26.61 20.28 -34.15
C MET A 578 -27.23 21.66 -34.10
N ARG A 579 -27.39 22.21 -32.89
CA ARG A 579 -27.89 23.58 -32.79
C ARG A 579 -26.82 24.58 -33.17
N SER A 580 -25.56 24.21 -33.06
CA SER A 580 -24.48 25.12 -33.43
C SER A 580 -24.27 25.16 -34.93
N GLN A 581 -24.26 24.02 -35.60
CA GLN A 581 -23.91 24.00 -37.03
C GLN A 581 -25.13 24.09 -37.93
N ASP A 582 -26.00 25.06 -37.63
CA ASP A 582 -27.03 25.58 -38.51
C ASP A 582 -28.01 24.50 -38.96
N LEU A 583 -28.60 23.81 -38.00
CA LEU A 583 -29.60 22.80 -38.29
C LEU A 583 -30.69 22.82 -37.23
N ASP A 584 -31.59 21.87 -37.31
CA ASP A 584 -32.71 21.80 -36.40
C ASP A 584 -32.55 20.57 -35.50
N ASP A 585 -33.47 20.41 -34.56
CA ASP A 585 -33.47 19.22 -33.72
C ASP A 585 -34.25 18.07 -34.34
N TYR A 586 -35.19 18.37 -35.23
CA TYR A 586 -36.05 17.33 -35.78
C TYR A 586 -35.43 16.73 -37.03
N LEU A 587 -34.18 16.32 -36.96
CA LEU A 587 -33.52 15.64 -38.05
C LEU A 587 -33.52 14.14 -37.78
N ASN A 588 -33.50 13.37 -38.85
CA ASN A 588 -33.27 11.95 -38.75
C ASN A 588 -31.83 11.64 -39.17
N GLY A 589 -31.47 10.37 -39.08
CA GLY A 589 -30.13 9.97 -39.41
C GLY A 589 -29.90 9.86 -40.90
N PRO A 590 -29.06 8.90 -41.32
CA PRO A 590 -28.29 7.99 -40.47
C PRO A 590 -26.98 8.59 -40.01
N PHE A 591 -26.81 8.75 -38.71
CA PHE A 591 -25.58 9.29 -38.17
C PHE A 591 -24.47 8.26 -38.22
N THR A 592 -23.37 8.63 -38.85
CA THR A 592 -22.23 7.74 -39.03
C THR A 592 -21.23 8.01 -37.91
N VAL A 593 -20.86 6.96 -37.17
CA VAL A 593 -20.03 7.08 -35.98
C VAL A 593 -18.73 6.32 -36.22
N VAL A 594 -17.61 6.96 -35.91
CA VAL A 594 -16.30 6.35 -36.03
C VAL A 594 -15.83 5.92 -34.64
N VAL A 595 -15.56 4.64 -34.47
CA VAL A 595 -15.22 4.08 -33.16
C VAL A 595 -13.92 3.32 -33.28
N LYS A 596 -12.92 3.70 -32.49
CA LYS A 596 -11.68 2.95 -32.38
C LYS A 596 -11.76 2.02 -31.18
N GLU A 597 -10.86 1.04 -31.13
CA GLU A 597 -10.81 0.14 -29.99
C GLU A 597 -9.39 -0.10 -29.51
N SER A 598 -9.28 -0.70 -28.32
CA SER A 598 -8.02 -0.82 -27.61
C SER A 598 -8.13 -1.85 -26.51
N CYS A 599 -7.03 -2.56 -26.25
CA CYS A 599 -6.86 -3.22 -24.96
C CYS A 599 -5.37 -3.26 -24.66
N ASP A 600 -5.03 -3.16 -23.38
CA ASP A 600 -3.65 -3.26 -22.94
C ASP A 600 -3.62 -3.78 -21.53
N GLY A 601 -2.68 -4.67 -21.25
CA GLY A 601 -2.44 -5.13 -19.91
C GLY A 601 -1.72 -4.07 -19.10
N MET A 602 -1.91 -4.17 -17.78
CA MET A 602 -1.38 -3.16 -16.88
C MET A 602 -0.30 -3.66 -15.94
N GLY A 603 0.22 -4.87 -16.14
CA GLY A 603 1.19 -5.41 -15.21
C GLY A 603 0.54 -5.80 -13.90
N ASP A 604 1.27 -5.67 -12.79
CA ASP A 604 0.72 -6.10 -11.51
C ASP A 604 -0.33 -5.12 -11.03
N VAL A 605 -1.34 -5.64 -10.35
CA VAL A 605 -2.45 -4.85 -9.85
C VAL A 605 -2.68 -5.24 -8.40
N SER A 606 -1.69 -5.87 -7.79
CA SER A 606 -1.87 -6.60 -6.54
C SER A 606 -1.10 -5.94 -5.41
N GLU A 607 -1.69 -5.98 -4.21
CA GLU A 607 -1.06 -5.44 -2.97
C GLU A 607 -0.98 -6.62 -1.98
N LYS A 608 0.06 -7.46 -2.12
CA LYS A 608 0.18 -8.65 -1.30
C LYS A 608 1.02 -8.37 -0.06
N HIS A 609 0.41 -8.48 1.12
CA HIS A 609 1.14 -8.13 2.37
C HIS A 609 1.20 -9.30 3.37
N GLY A 610 0.61 -10.45 3.05
CA GLY A 610 0.68 -11.55 4.01
C GLY A 610 2.09 -12.08 4.18
N SER A 611 2.79 -12.26 3.07
CA SER A 611 4.17 -12.73 3.11
C SER A 611 5.09 -12.02 2.13
N GLY A 612 4.60 -11.03 1.39
CA GLY A 612 5.41 -10.34 0.42
C GLY A 612 5.02 -10.68 -1.00
N PRO A 613 6.01 -11.04 -1.83
CA PRO A 613 5.72 -11.30 -3.24
C PRO A 613 5.10 -12.67 -3.48
N ALA A 614 3.80 -12.69 -3.78
CA ALA A 614 3.11 -13.94 -4.03
C ALA A 614 3.06 -14.25 -5.52
N VAL A 615 2.44 -13.37 -6.29
CA VAL A 615 2.26 -13.61 -7.72
C VAL A 615 2.23 -12.27 -8.46
N PRO A 616 2.95 -12.14 -9.57
CA PRO A 616 2.73 -10.98 -10.44
C PRO A 616 1.44 -11.12 -11.23
N GLU A 617 0.33 -10.81 -10.57
CA GLU A 617 -0.98 -10.98 -11.20
C GLU A 617 -1.22 -9.88 -12.21
N LYS A 618 -1.33 -10.26 -13.48
CA LYS A 618 -1.47 -9.34 -14.58
C LYS A 618 -2.91 -9.29 -15.04
N ALA A 619 -3.43 -8.09 -15.20
CA ALA A 619 -4.81 -7.87 -15.59
C ALA A 619 -4.83 -6.99 -16.84
N VAL A 620 -5.98 -6.97 -17.50
CA VAL A 620 -6.11 -6.29 -18.78
C VAL A 620 -7.56 -5.85 -18.97
N ARG A 621 -7.72 -4.58 -19.36
CA ARG A 621 -9.02 -4.03 -19.68
C ARG A 621 -9.13 -3.94 -21.20
N PHE A 622 -10.32 -4.20 -21.71
CA PHE A 622 -10.60 -4.01 -23.13
C PHE A 622 -11.73 -3.01 -23.27
N SER A 623 -11.53 -2.03 -24.14
CA SER A 623 -12.27 -0.78 -24.13
C SER A 623 -12.48 -0.31 -25.55
N PHE A 624 -13.47 0.56 -25.73
CA PHE A 624 -13.70 1.24 -26.98
C PHE A 624 -13.69 2.74 -26.73
N THR A 625 -13.73 3.50 -27.82
CA THR A 625 -13.64 4.95 -27.75
C THR A 625 -14.27 5.55 -28.99
N VAL A 626 -15.26 6.40 -28.80
CA VAL A 626 -15.84 7.18 -29.88
C VAL A 626 -14.93 8.37 -30.13
N MET A 627 -14.82 8.78 -31.38
CA MET A 627 -14.00 9.95 -31.65
C MET A 627 -14.59 10.87 -32.71
N ARG A 628 -15.70 10.49 -33.35
CA ARG A 628 -16.23 11.27 -34.46
C ARG A 628 -17.67 10.86 -34.71
N ILE A 629 -18.57 11.83 -34.76
CA ILE A 629 -19.96 11.60 -35.12
C ILE A 629 -20.33 12.59 -36.21
N THR A 630 -20.78 12.08 -37.35
CA THR A 630 -21.12 12.90 -38.49
C THR A 630 -22.51 12.56 -38.98
N ILE A 631 -23.07 13.47 -39.78
CA ILE A 631 -24.31 13.23 -40.51
C ILE A 631 -24.15 13.82 -41.91
N GLU A 632 -24.54 13.04 -42.92
CA GLU A 632 -24.58 13.51 -44.30
C GLU A 632 -26.03 13.86 -44.63
N HIS A 633 -26.26 15.11 -44.98
CA HIS A 633 -27.57 15.57 -45.44
C HIS A 633 -27.39 16.27 -46.78
N GLY A 634 -28.36 16.09 -47.67
CA GLY A 634 -28.31 16.67 -48.99
C GLY A 634 -27.13 16.18 -49.81
N SER A 635 -26.16 17.07 -49.99
CA SER A 635 -24.94 16.75 -50.72
C SER A 635 -23.83 16.27 -49.81
N GLN A 636 -23.41 17.11 -48.87
CA GLN A 636 -22.20 16.88 -48.11
C GLN A 636 -22.54 16.36 -46.72
N ASN A 637 -21.52 16.19 -45.91
CA ASN A 637 -21.67 15.80 -44.52
C ASN A 637 -21.12 16.90 -43.61
N VAL A 638 -21.24 16.67 -42.31
CA VAL A 638 -20.82 17.67 -41.34
C VAL A 638 -20.39 16.95 -40.06
N LYS A 639 -19.25 17.36 -39.52
CA LYS A 639 -18.77 16.83 -38.26
C LYS A 639 -19.54 17.45 -37.11
N VAL A 640 -20.65 16.83 -36.69
CA VAL A 640 -21.45 17.38 -35.62
C VAL A 640 -20.93 16.99 -34.24
N PHE A 641 -19.96 16.08 -34.17
CA PHE A 641 -19.27 15.86 -32.90
C PHE A 641 -17.84 15.45 -33.17
N GLU A 642 -16.91 16.24 -32.65
CA GLU A 642 -15.49 15.93 -32.67
C GLU A 642 -15.03 15.78 -31.23
N GLU A 643 -14.29 14.73 -30.95
CA GLU A 643 -13.65 14.62 -29.65
C GLU A 643 -12.41 15.51 -29.64
N PRO A 644 -12.30 16.43 -28.69
CA PRO A 644 -11.11 17.31 -28.65
C PRO A 644 -9.81 16.60 -28.32
N LYS A 645 -9.84 15.56 -27.50
CA LYS A 645 -8.62 14.84 -27.13
C LYS A 645 -8.96 13.40 -26.78
N PRO A 646 -8.76 12.47 -27.72
CA PRO A 646 -9.08 11.07 -27.44
C PRO A 646 -8.03 10.35 -26.63
N ASN A 647 -6.78 10.83 -26.63
CA ASN A 647 -5.73 10.11 -25.93
C ASN A 647 -5.65 10.55 -24.47
N SER A 648 -6.75 10.43 -23.74
CA SER A 648 -6.77 10.76 -22.33
C SER A 648 -7.45 9.65 -21.55
N GLU A 649 -7.42 9.80 -20.23
CA GLU A 649 -8.06 8.85 -19.34
C GLU A 649 -9.49 9.25 -19.01
N LEU A 650 -10.06 10.19 -19.74
CA LEU A 650 -11.41 10.65 -19.47
C LEU A 650 -12.43 10.16 -20.47
N CYS A 651 -12.00 9.42 -21.50
CA CYS A 651 -12.88 9.05 -22.60
C CYS A 651 -12.64 7.61 -23.08
N CYS A 652 -12.07 6.75 -22.23
CA CYS A 652 -11.83 5.37 -22.61
C CYS A 652 -12.87 4.49 -21.92
N LYS A 653 -14.01 4.35 -22.56
CA LYS A 653 -15.10 3.55 -22.02
C LYS A 653 -14.78 2.07 -22.13
N PRO A 654 -14.84 1.31 -21.03
CA PRO A 654 -14.41 -0.09 -21.08
C PRO A 654 -15.54 -1.05 -21.44
N LEU A 655 -15.14 -2.17 -22.04
CA LEU A 655 -16.07 -3.26 -22.33
C LEU A 655 -15.94 -4.39 -21.32
N CYS A 656 -14.70 -4.79 -21.04
CA CYS A 656 -14.48 -5.95 -20.21
C CYS A 656 -13.20 -5.78 -19.39
N LEU A 657 -13.16 -6.51 -18.28
CA LEU A 657 -12.00 -6.62 -17.42
C LEU A 657 -11.66 -8.09 -17.25
N MET A 658 -10.37 -8.40 -17.36
CA MET A 658 -9.90 -9.77 -17.21
C MET A 658 -8.70 -9.77 -16.28
N LEU A 659 -8.63 -10.79 -15.44
CA LEU A 659 -7.40 -11.02 -14.68
C LEU A 659 -6.50 -12.03 -15.39
N ALA A 660 -6.21 -11.76 -16.65
CA ALA A 660 -5.49 -12.70 -17.51
C ALA A 660 -4.18 -12.10 -17.98
N ASP A 661 -3.25 -12.98 -18.34
CA ASP A 661 -1.96 -12.55 -18.84
C ASP A 661 -2.05 -12.21 -20.32
N GLU A 662 -1.21 -11.26 -20.74
CA GLU A 662 -1.23 -10.81 -22.13
C GLU A 662 -0.71 -11.89 -23.06
N SER A 663 0.31 -12.63 -22.66
CA SER A 663 0.80 -13.72 -23.49
C SER A 663 -0.07 -14.97 -23.38
N ASP A 664 -0.94 -15.05 -22.37
CA ASP A 664 -1.78 -16.23 -22.19
C ASP A 664 -2.85 -16.22 -23.27
N HIS A 665 -2.55 -16.93 -24.35
CA HIS A 665 -3.28 -16.75 -25.61
C HIS A 665 -4.67 -17.38 -25.54
N GLU A 666 -4.80 -18.50 -24.84
CA GLU A 666 -6.02 -19.31 -24.92
C GLU A 666 -7.19 -18.61 -24.25
N THR A 667 -6.99 -18.16 -23.01
CA THR A 667 -8.03 -17.43 -22.32
C THR A 667 -8.32 -16.09 -23.00
N LEU A 668 -7.30 -15.51 -23.63
CA LEU A 668 -7.47 -14.26 -24.37
C LEU A 668 -8.44 -14.44 -25.53
N THR A 669 -8.21 -15.46 -26.36
CA THR A 669 -9.13 -15.75 -27.45
C THR A 669 -10.50 -16.16 -26.93
N ALA A 670 -10.53 -16.98 -25.88
CA ALA A 670 -11.79 -17.54 -25.41
C ALA A 670 -12.68 -16.48 -24.78
N ILE A 671 -12.10 -15.39 -24.28
CA ILE A 671 -12.95 -14.31 -23.82
C ILE A 671 -13.23 -13.33 -24.95
N LEU A 672 -12.24 -13.01 -25.78
CA LEU A 672 -12.37 -11.92 -26.74
C LEU A 672 -13.24 -12.27 -27.94
N SER A 673 -13.22 -13.52 -28.39
CA SER A 673 -13.89 -13.91 -29.63
C SER A 673 -15.41 -13.68 -29.68
N PRO A 674 -16.21 -13.82 -28.60
CA PRO A 674 -17.62 -13.40 -28.71
C PRO A 674 -17.80 -11.95 -29.07
N LEU A 675 -16.96 -11.07 -28.54
CA LEU A 675 -17.07 -9.66 -28.84
C LEU A 675 -16.71 -9.38 -30.29
N ILE A 676 -15.72 -10.10 -30.82
CA ILE A 676 -15.37 -9.96 -32.23
C ILE A 676 -16.49 -10.45 -33.11
N ALA A 677 -17.15 -11.53 -32.70
CA ALA A 677 -18.26 -12.09 -33.47
C ALA A 677 -19.43 -11.12 -33.53
N GLU A 678 -19.82 -10.55 -32.38
CA GLU A 678 -20.96 -9.65 -32.39
C GLU A 678 -20.60 -8.31 -33.03
N ARG A 679 -19.34 -7.90 -32.95
CA ARG A 679 -18.91 -6.67 -33.60
C ARG A 679 -18.99 -6.80 -35.11
N GLU A 680 -18.53 -7.94 -35.64
CA GLU A 680 -18.68 -8.21 -37.07
C GLU A 680 -20.15 -8.35 -37.47
N ALA A 681 -20.98 -8.92 -36.60
CA ALA A 681 -22.40 -9.05 -36.89
C ALA A 681 -23.08 -7.68 -36.96
N MET A 682 -22.78 -6.81 -36.02
CA MET A 682 -23.41 -5.50 -35.97
C MET A 682 -22.74 -4.49 -36.88
N LYS A 683 -21.62 -4.85 -37.52
CA LYS A 683 -20.97 -3.94 -38.46
C LYS A 683 -21.87 -3.59 -39.65
N SER A 684 -22.76 -4.50 -40.02
CA SER A 684 -23.59 -4.27 -41.20
C SER A 684 -25.06 -4.10 -40.80
N SER A 685 -25.32 -3.30 -39.78
CA SER A 685 -26.67 -3.17 -39.25
C SER A 685 -27.03 -1.70 -39.07
N GLU A 686 -28.24 -1.46 -38.56
CA GLU A 686 -28.84 -0.13 -38.49
C GLU A 686 -29.48 0.05 -37.12
N LEU A 687 -29.06 1.07 -36.40
CA LEU A 687 -29.59 1.32 -35.07
C LEU A 687 -30.68 2.37 -35.10
N THR A 688 -31.68 2.22 -34.23
CA THR A 688 -32.77 3.17 -34.12
C THR A 688 -32.99 3.48 -32.64
N LEU A 689 -33.04 4.77 -32.31
CA LEU A 689 -33.05 5.21 -30.92
C LEU A 689 -33.76 6.56 -30.80
N GLU A 690 -34.54 6.71 -29.74
CA GLU A 690 -35.13 8.00 -29.40
C GLU A 690 -34.09 8.85 -28.68
N MET A 691 -33.97 10.11 -29.09
CA MET A 691 -33.05 11.03 -28.46
C MET A 691 -33.76 12.18 -27.74
N GLY A 692 -34.54 12.96 -28.47
CA GLY A 692 -35.34 13.98 -27.84
C GLY A 692 -36.79 13.62 -27.93
N GLY A 693 -37.07 12.32 -27.90
CA GLY A 693 -38.33 11.79 -28.35
C GLY A 693 -38.45 11.74 -29.85
N ILE A 694 -37.34 11.86 -30.57
CA ILE A 694 -37.32 11.83 -32.03
C ILE A 694 -36.50 10.61 -32.44
N PRO A 695 -37.05 9.74 -33.28
CA PRO A 695 -36.28 8.56 -33.72
C PRO A 695 -35.14 8.95 -34.64
N ARG A 696 -33.94 8.47 -34.30
CA ARG A 696 -32.76 8.66 -35.11
C ARG A 696 -32.18 7.29 -35.44
N THR A 697 -31.45 7.22 -36.54
CA THR A 697 -30.82 6.00 -36.98
C THR A 697 -29.31 6.19 -36.98
N PHE A 698 -28.59 5.10 -36.77
CA PHE A 698 -27.15 5.15 -36.61
C PHE A 698 -26.49 4.05 -37.41
N LYS A 699 -25.42 4.42 -38.11
CA LYS A 699 -24.46 3.51 -38.72
C LYS A 699 -23.10 3.76 -38.09
N PHE A 700 -22.24 2.74 -38.12
CA PHE A 700 -20.96 2.82 -37.45
C PHE A 700 -19.85 2.33 -38.38
N ILE A 701 -18.62 2.59 -37.97
CA ILE A 701 -17.44 2.06 -38.60
C ILE A 701 -16.38 1.90 -37.51
N PHE A 702 -15.76 0.73 -37.46
CA PHE A 702 -14.85 0.38 -36.39
C PHE A 702 -13.42 0.37 -36.89
N ARG A 703 -12.50 0.72 -35.99
CA ARG A 703 -11.09 0.85 -36.32
C ARG A 703 -10.27 0.27 -35.17
N GLY A 704 -9.55 -0.81 -35.45
CA GLY A 704 -8.57 -1.29 -34.49
C GLY A 704 -7.24 -0.61 -34.73
N THR A 705 -7.03 0.49 -34.02
CA THR A 705 -5.83 1.29 -34.20
C THR A 705 -5.21 1.65 -32.86
N GLY A 706 -5.55 0.93 -31.80
CA GLY A 706 -5.19 1.35 -30.46
C GLY A 706 -4.40 0.32 -29.71
N TYR A 707 -3.41 -0.27 -30.36
CA TYR A 707 -2.57 -1.30 -29.77
C TYR A 707 -1.11 -0.93 -29.95
N ASP A 708 -0.25 -1.61 -29.19
CA ASP A 708 1.17 -1.53 -29.45
C ASP A 708 1.56 -2.48 -30.58
N GLU A 709 2.85 -2.50 -30.88
CA GLU A 709 3.34 -3.28 -31.99
C GLU A 709 3.33 -4.77 -31.69
N LYS A 710 3.65 -5.14 -30.44
CA LYS A 710 3.80 -6.54 -30.12
C LYS A 710 2.45 -7.24 -30.08
N LEU A 711 1.40 -6.54 -29.63
CA LEU A 711 0.09 -7.18 -29.49
C LEU A 711 -0.55 -7.46 -30.84
N VAL A 712 -0.46 -6.52 -31.78
CA VAL A 712 -0.93 -6.83 -33.13
C VAL A 712 0.03 -7.77 -33.83
N ARG A 713 1.28 -7.82 -33.37
CA ARG A 713 2.21 -8.75 -34.00
C ARG A 713 1.91 -10.18 -33.60
N GLU A 714 1.38 -10.40 -32.39
CA GLU A 714 0.90 -11.74 -32.09
C GLU A 714 -0.55 -11.92 -32.52
N VAL A 715 -1.27 -10.84 -32.76
CA VAL A 715 -2.65 -10.99 -33.24
C VAL A 715 -2.65 -11.38 -34.72
N GLU A 716 -1.83 -10.74 -35.52
CA GLU A 716 -1.91 -10.95 -36.96
C GLU A 716 -1.17 -12.17 -37.43
N GLY A 717 -0.85 -13.17 -36.62
CA GLY A 717 -0.22 -14.36 -37.13
C GLY A 717 1.26 -14.25 -37.42
N LEU A 718 1.81 -13.04 -37.21
CA LEU A 718 3.25 -12.76 -37.46
C LEU A 718 4.08 -13.34 -36.30
N GLU A 719 5.37 -13.53 -36.54
CA GLU A 719 6.29 -14.07 -35.55
C GLU A 719 6.57 -13.02 -34.47
N ALA A 720 7.61 -13.24 -33.67
CA ALA A 720 7.98 -12.38 -32.55
C ALA A 720 8.73 -11.14 -32.99
N SER A 721 9.48 -10.53 -32.07
CA SER A 721 10.41 -9.45 -32.40
C SER A 721 11.77 -9.97 -32.84
N GLY A 722 11.79 -11.13 -33.49
CA GLY A 722 12.97 -11.87 -33.88
C GLY A 722 13.28 -11.61 -35.34
N SER A 723 12.70 -12.44 -36.20
CA SER A 723 13.06 -12.61 -37.61
C SER A 723 13.00 -11.34 -38.44
N VAL A 724 13.49 -11.47 -39.67
CA VAL A 724 13.90 -10.36 -40.52
C VAL A 724 12.68 -9.59 -41.03
N TYR A 725 11.51 -10.21 -40.95
CA TYR A 725 10.26 -9.53 -41.24
C TYR A 725 9.92 -8.60 -40.08
N ILE A 726 10.15 -7.30 -40.26
CA ILE A 726 9.95 -6.34 -39.19
C ILE A 726 8.84 -5.34 -39.46
N CYS A 727 8.23 -5.34 -40.63
CA CYS A 727 7.22 -4.34 -40.93
C CYS A 727 5.83 -4.95 -40.88
N THR A 728 4.88 -4.21 -40.32
CA THR A 728 3.49 -4.63 -40.30
C THR A 728 2.61 -3.90 -41.29
N LEU A 729 3.19 -3.01 -42.08
CA LEU A 729 2.46 -2.35 -43.16
C LEU A 729 3.04 -2.69 -44.52
N CYS A 730 4.31 -3.07 -44.57
CA CYS A 730 4.91 -3.70 -45.72
C CYS A 730 5.34 -5.11 -45.35
N ASP A 731 5.57 -5.93 -46.37
CA ASP A 731 5.98 -7.31 -46.18
C ASP A 731 7.48 -7.50 -46.35
N THR A 732 8.26 -6.43 -46.19
CA THR A 732 9.65 -6.47 -46.56
C THR A 732 10.47 -7.19 -45.49
N THR A 733 11.75 -7.41 -45.80
CA THR A 733 12.70 -7.90 -44.83
C THR A 733 13.51 -6.72 -44.30
N ARG A 734 14.10 -6.92 -43.13
CA ARG A 734 15.03 -5.94 -42.56
C ARG A 734 16.25 -5.77 -43.46
N LEU A 735 16.66 -6.85 -44.13
CA LEU A 735 17.73 -6.77 -45.12
C LEU A 735 17.32 -5.88 -46.29
N GLU A 736 16.12 -6.10 -46.83
CA GLU A 736 15.65 -5.29 -47.95
C GLU A 736 15.40 -3.84 -47.54
N ALA A 737 14.96 -3.62 -46.30
CA ALA A 737 14.74 -2.26 -45.85
C ALA A 737 16.05 -1.54 -45.61
N SER A 738 17.07 -2.27 -45.13
CA SER A 738 18.40 -1.71 -44.98
C SER A 738 18.99 -1.34 -46.32
N GLN A 739 18.70 -2.12 -47.35
CA GLN A 739 19.14 -1.75 -48.69
C GLN A 739 18.37 -0.54 -49.20
N ASN A 740 17.07 -0.67 -49.34
CA ASN A 740 16.25 0.28 -50.06
C ASN A 740 15.16 0.77 -49.13
N LEU A 741 15.25 2.04 -48.71
CA LEU A 741 14.51 2.48 -47.53
C LEU A 741 13.06 2.83 -47.85
N VAL A 742 12.84 3.90 -48.61
CA VAL A 742 11.47 4.34 -48.90
C VAL A 742 11.13 3.81 -50.29
N PHE A 743 10.73 2.53 -50.31
CA PHE A 743 10.39 1.88 -51.56
C PHE A 743 9.21 0.94 -51.38
N HIS A 744 8.37 1.19 -50.38
CA HIS A 744 7.32 0.27 -50.01
C HIS A 744 6.02 1.02 -49.88
N SER A 745 4.94 0.27 -49.77
CA SER A 745 3.60 0.83 -49.59
C SER A 745 2.84 -0.05 -48.62
N ILE A 746 1.62 0.36 -48.32
CA ILE A 746 0.75 -0.44 -47.46
C ILE A 746 0.32 -1.70 -48.21
N THR A 747 0.58 -2.85 -47.60
CA THR A 747 0.28 -4.12 -48.25
C THR A 747 -0.44 -5.10 -47.34
N ARG A 748 -0.13 -5.11 -46.05
CA ARG A 748 -0.55 -6.19 -45.16
C ARG A 748 -2.03 -6.04 -44.86
N SER A 749 -2.87 -6.59 -45.73
CA SER A 749 -4.30 -6.53 -45.56
C SER A 749 -4.79 -7.81 -44.89
N HIS A 750 -5.99 -7.76 -44.32
CA HIS A 750 -6.55 -8.83 -43.49
C HIS A 750 -6.85 -10.09 -44.27
N ALA A 751 -7.64 -9.98 -45.34
CA ALA A 751 -7.98 -11.15 -46.15
C ALA A 751 -6.75 -11.74 -46.84
N GLU A 752 -5.75 -10.91 -47.12
CA GLU A 752 -4.48 -11.42 -47.62
C GLU A 752 -3.81 -12.30 -46.59
N ASN A 753 -3.87 -11.92 -45.31
CA ASN A 753 -3.24 -12.73 -44.28
C ASN A 753 -4.02 -14.01 -44.02
N LEU A 754 -5.35 -13.95 -44.12
CA LEU A 754 -6.16 -15.15 -44.01
C LEU A 754 -5.86 -16.13 -45.14
N GLN A 755 -5.76 -15.61 -46.37
CA GLN A 755 -5.42 -16.43 -47.51
C GLN A 755 -4.02 -17.02 -47.39
N ARG A 756 -3.10 -16.23 -46.84
CA ARG A 756 -1.74 -16.72 -46.64
C ARG A 756 -1.69 -17.82 -45.59
N TYR A 757 -2.52 -17.72 -44.55
CA TYR A 757 -2.54 -18.79 -43.56
C TYR A 757 -3.17 -20.06 -44.12
N GLU A 758 -4.18 -19.90 -44.98
CA GLU A 758 -4.76 -21.06 -45.66
C GLU A 758 -3.74 -21.72 -46.57
N VAL A 759 -2.90 -20.90 -47.21
CA VAL A 759 -1.79 -21.42 -47.99
C VAL A 759 -0.80 -22.17 -47.11
N TRP A 760 -0.49 -21.62 -45.94
CA TRP A 760 0.47 -22.24 -45.03
C TRP A 760 -0.05 -23.58 -44.50
N ARG A 761 -1.35 -23.67 -44.23
CA ARG A 761 -1.90 -24.93 -43.78
C ARG A 761 -1.95 -25.95 -44.92
N SER A 762 -2.36 -25.50 -46.11
CA SER A 762 -2.55 -26.42 -47.21
C SER A 762 -1.23 -26.91 -47.80
N ASN A 763 -0.33 -25.97 -48.14
CA ASN A 763 0.93 -26.19 -48.84
C ASN A 763 0.69 -26.96 -50.13
N PRO A 764 0.11 -26.34 -51.16
CA PRO A 764 -0.16 -27.05 -52.41
C PRO A 764 1.04 -27.25 -53.30
N TYR A 765 2.21 -26.76 -52.91
CA TYR A 765 3.43 -26.94 -53.67
C TYR A 765 4.42 -27.88 -53.00
N HIS A 766 4.20 -28.21 -51.72
CA HIS A 766 5.00 -29.19 -50.96
C HIS A 766 6.47 -28.78 -50.89
N GLU A 767 6.67 -27.52 -50.53
CA GLU A 767 7.99 -26.91 -50.46
C GLU A 767 8.68 -27.28 -49.16
N SER A 768 9.83 -26.68 -48.95
CA SER A 768 10.52 -26.81 -47.68
C SER A 768 9.92 -25.84 -46.66
N VAL A 769 10.58 -25.75 -45.51
CA VAL A 769 10.14 -24.83 -44.47
C VAL A 769 10.38 -23.39 -44.90
N GLU A 770 11.61 -23.07 -45.26
CA GLU A 770 11.98 -21.68 -45.47
C GLU A 770 11.46 -21.15 -46.80
N GLU A 771 11.30 -22.04 -47.79
CA GLU A 771 10.70 -21.63 -49.05
C GLU A 771 9.26 -21.17 -48.84
N LEU A 772 8.50 -21.93 -48.06
CA LEU A 772 7.15 -21.51 -47.71
C LEU A 772 7.17 -20.30 -46.80
N ARG A 773 8.23 -20.17 -45.97
CA ARG A 773 8.32 -19.06 -45.04
C ARG A 773 8.50 -17.74 -45.76
N ASP A 774 9.42 -17.68 -46.73
CA ASP A 774 9.54 -16.45 -47.52
C ASP A 774 8.49 -16.38 -48.61
N ARG A 775 7.75 -17.47 -48.84
CA ARG A 775 6.57 -17.38 -49.70
C ARG A 775 5.46 -16.60 -49.02
N VAL A 776 5.14 -16.95 -47.77
CA VAL A 776 4.04 -16.30 -47.07
C VAL A 776 4.49 -15.08 -46.29
N LYS A 777 5.79 -14.84 -46.19
CA LYS A 777 6.39 -13.67 -45.55
C LYS A 777 5.99 -13.53 -44.08
N GLY A 778 6.43 -14.49 -43.29
CA GLY A 778 6.41 -14.37 -41.84
C GLY A 778 5.17 -14.79 -41.10
N VAL A 779 4.02 -14.81 -41.78
CA VAL A 779 2.77 -15.16 -41.11
C VAL A 779 2.73 -16.67 -40.89
N SER A 780 2.34 -17.06 -39.68
CA SER A 780 2.31 -18.48 -39.34
C SER A 780 1.11 -18.90 -38.50
N ALA A 781 0.26 -17.97 -38.07
CA ALA A 781 -0.86 -18.29 -37.20
C ALA A 781 -2.14 -17.71 -37.80
N LYS A 782 -3.27 -18.31 -37.44
CA LYS A 782 -4.56 -17.81 -37.88
C LYS A 782 -4.88 -16.54 -37.12
N PRO A 783 -4.98 -15.40 -37.79
CA PRO A 783 -5.37 -14.18 -37.09
C PRO A 783 -6.88 -14.15 -36.89
N PHE A 784 -7.30 -13.41 -35.87
CA PHE A 784 -8.73 -13.30 -35.62
C PHE A 784 -9.20 -11.91 -35.19
N ILE A 785 -8.38 -10.87 -35.32
CA ILE A 785 -8.86 -9.51 -35.15
C ILE A 785 -8.44 -8.71 -36.36
N GLU A 786 -9.40 -8.10 -37.04
CA GLU A 786 -9.09 -7.12 -38.06
C GLU A 786 -8.53 -5.89 -37.37
N THR A 787 -7.26 -5.57 -37.65
CA THR A 787 -6.61 -4.40 -37.08
C THR A 787 -6.18 -3.46 -38.20
N VAL A 788 -6.27 -2.17 -37.92
CA VAL A 788 -5.75 -1.16 -38.83
C VAL A 788 -4.58 -0.47 -38.14
N PRO A 789 -3.36 -0.91 -38.41
CA PRO A 789 -2.23 -0.55 -37.55
C PRO A 789 -1.69 0.83 -37.86
N SER A 790 -0.97 1.39 -36.89
CA SER A 790 -0.44 2.73 -36.99
C SER A 790 0.86 2.80 -36.19
N ILE A 791 1.32 4.02 -35.92
CA ILE A 791 2.63 4.26 -35.33
C ILE A 791 2.48 5.19 -34.14
N ASP A 792 3.60 5.59 -33.56
CA ASP A 792 3.63 6.50 -32.43
C ASP A 792 4.75 7.53 -32.59
N ALA A 793 4.46 8.75 -32.17
CA ALA A 793 5.36 9.88 -32.37
C ALA A 793 6.63 9.76 -31.55
N LEU A 794 6.51 9.27 -30.31
CA LEU A 794 7.68 9.09 -29.46
C LEU A 794 8.63 8.06 -30.05
N HIS A 795 8.08 7.00 -30.65
CA HIS A 795 8.94 5.98 -31.21
C HIS A 795 9.55 6.43 -32.53
N CYS A 796 8.79 7.21 -33.32
CA CYS A 796 9.37 7.70 -34.56
C CYS A 796 10.41 8.78 -34.30
N ASP A 797 10.35 9.45 -33.15
CA ASP A 797 11.46 10.31 -32.80
C ASP A 797 12.62 9.52 -32.23
N ILE A 798 12.34 8.52 -31.39
CA ILE A 798 13.41 7.85 -30.67
C ILE A 798 14.20 6.91 -31.56
N GLY A 799 13.58 6.44 -32.66
CA GLY A 799 14.31 5.62 -33.62
C GLY A 799 15.35 6.42 -34.37
N ASN A 800 15.01 7.64 -34.79
CA ASN A 800 16.00 8.53 -35.36
C ASN A 800 17.01 8.97 -34.32
N ALA A 801 16.58 9.08 -33.06
CA ALA A 801 17.44 9.59 -32.01
C ALA A 801 18.57 8.62 -31.69
N ALA A 802 18.26 7.33 -31.65
CA ALA A 802 19.29 6.33 -31.42
C ALA A 802 20.33 6.34 -32.53
N GLU A 803 19.87 6.51 -33.77
CA GLU A 803 20.79 6.58 -34.90
C GLU A 803 21.62 7.85 -34.87
N PHE A 804 21.04 8.95 -34.41
CA PHE A 804 21.79 10.20 -34.32
C PHE A 804 22.86 10.12 -33.24
N TYR A 805 22.52 9.55 -32.09
CA TYR A 805 23.50 9.37 -31.04
C TYR A 805 24.58 8.39 -31.47
N LYS A 806 24.21 7.37 -32.22
CA LYS A 806 25.17 6.41 -32.75
C LYS A 806 26.10 7.07 -33.76
N ILE A 807 25.56 7.90 -34.65
CA ILE A 807 26.41 8.48 -35.68
C ILE A 807 27.27 9.58 -35.10
N PHE A 808 26.86 10.16 -33.96
CA PHE A 808 27.77 11.07 -33.26
C PHE A 808 28.90 10.29 -32.59
N GLN A 809 28.60 9.12 -32.05
CA GLN A 809 29.66 8.29 -31.48
C GLN A 809 30.60 7.76 -32.55
N LEU A 810 30.09 7.58 -33.77
CA LEU A 810 30.94 7.05 -34.81
C LEU A 810 31.67 8.17 -35.54
N GLU A 811 31.14 9.39 -35.48
CA GLU A 811 31.84 10.56 -36.00
C GLU A 811 32.92 11.06 -35.04
N ILE A 812 32.73 10.87 -33.73
CA ILE A 812 33.81 11.10 -32.78
C ILE A 812 34.72 9.88 -32.84
N GLY A 813 34.23 8.80 -33.44
CA GLY A 813 35.09 7.72 -33.83
C GLY A 813 35.96 8.11 -35.01
N GLU A 814 35.44 9.02 -35.85
CA GLU A 814 36.03 9.41 -37.13
C GLU A 814 36.34 8.19 -37.98
N VAL A 815 35.38 7.25 -37.99
CA VAL A 815 35.66 5.90 -38.44
C VAL A 815 35.62 5.77 -39.95
N TYR A 816 35.42 6.87 -40.67
CA TYR A 816 35.71 6.84 -42.10
C TYR A 816 37.20 6.85 -42.37
N LYS A 817 38.03 7.05 -41.34
CA LYS A 817 39.46 6.78 -41.41
C LYS A 817 39.87 5.55 -40.61
N HIS A 818 39.14 5.21 -39.55
CA HIS A 818 39.43 3.98 -38.82
C HIS A 818 38.41 2.92 -39.22
N PRO A 819 38.74 2.00 -40.12
CA PRO A 819 37.72 1.06 -40.61
C PRO A 819 37.40 -0.04 -39.62
N ASN A 820 38.39 -0.54 -38.88
CA ASN A 820 38.16 -1.49 -37.81
C ASN A 820 38.12 -0.74 -36.48
N ALA A 821 37.42 -1.33 -35.52
CA ALA A 821 37.24 -0.68 -34.23
C ALA A 821 36.95 -1.71 -33.16
N SER A 822 37.63 -1.58 -32.02
CA SER A 822 37.39 -2.40 -30.85
C SER A 822 36.30 -1.80 -29.99
N LYS A 823 35.84 -2.58 -29.02
CA LYS A 823 34.82 -2.09 -28.09
C LYS A 823 35.40 -1.07 -27.13
N GLU A 824 36.70 -1.16 -26.86
CA GLU A 824 37.36 -0.19 -25.99
C GLU A 824 37.39 1.18 -26.64
N GLU A 825 37.62 1.23 -27.95
CA GLU A 825 37.65 2.49 -28.66
C GLU A 825 36.29 3.17 -28.63
N ARG A 826 35.23 2.41 -28.89
CA ARG A 826 33.88 2.97 -28.85
C ARG A 826 33.47 3.33 -27.43
N LYS A 827 33.94 2.57 -26.44
CA LYS A 827 33.64 2.90 -25.05
C LYS A 827 34.33 4.19 -24.64
N ARG A 828 35.59 4.37 -25.05
CA ARG A 828 36.29 5.60 -24.77
C ARG A 828 35.70 6.77 -25.56
N TRP A 829 35.15 6.50 -26.74
CA TRP A 829 34.51 7.55 -27.52
C TRP A 829 33.22 8.00 -26.85
N GLN A 830 32.46 7.05 -26.31
CA GLN A 830 31.29 7.40 -25.53
C GLN A 830 31.68 8.13 -24.25
N ALA A 831 32.83 7.75 -23.66
CA ALA A 831 33.31 8.42 -22.47
C ALA A 831 33.67 9.88 -22.74
N THR A 832 34.38 10.12 -23.84
CA THR A 832 34.69 11.48 -24.25
C THR A 832 33.42 12.25 -24.60
N LEU A 833 32.43 11.55 -25.16
CA LEU A 833 31.18 12.19 -25.50
C LEU A 833 30.44 12.67 -24.26
N ASP A 834 30.32 11.81 -23.24
CA ASP A 834 29.61 12.22 -22.04
C ASP A 834 30.40 13.25 -21.26
N LYS A 835 31.74 13.19 -21.35
CA LYS A 835 32.57 14.19 -20.70
C LYS A 835 32.38 15.56 -21.34
N HIS A 836 32.44 15.64 -22.67
CA HIS A 836 32.29 16.93 -23.33
C HIS A 836 30.85 17.42 -23.24
N LEU A 837 29.88 16.52 -23.19
CA LEU A 837 28.50 16.98 -23.13
C LEU A 837 28.12 17.42 -21.72
N ARG A 838 28.72 16.80 -20.71
CA ARG A 838 28.55 17.29 -19.35
C ARG A 838 29.39 18.51 -19.08
N LYS A 839 30.38 18.80 -19.94
CA LYS A 839 31.12 20.05 -19.78
C LYS A 839 30.47 21.19 -20.55
N ARG A 840 29.81 20.89 -21.68
CA ARG A 840 29.21 21.92 -22.51
C ARG A 840 27.73 22.12 -22.21
N MET A 841 26.93 21.08 -22.38
CA MET A 841 25.51 21.17 -22.12
C MET A 841 25.18 20.93 -20.65
N ASN A 842 26.06 20.22 -19.94
CA ASN A 842 25.95 19.96 -18.49
C ASN A 842 24.66 19.23 -18.14
N LEU A 843 24.34 18.23 -18.96
CA LEU A 843 23.19 17.37 -18.78
C LEU A 843 23.63 16.12 -18.03
N LYS A 844 22.69 15.19 -17.86
CA LYS A 844 22.99 13.89 -17.27
C LYS A 844 22.99 12.84 -18.37
N PRO A 845 24.15 12.48 -18.92
CA PRO A 845 24.17 11.45 -19.96
C PRO A 845 23.94 10.07 -19.38
N ILE A 846 23.11 9.29 -20.08
CA ILE A 846 22.75 7.95 -19.62
C ILE A 846 22.40 7.13 -20.84
N MET A 847 22.70 5.83 -20.78
CA MET A 847 22.34 4.93 -21.86
C MET A 847 20.87 4.54 -21.83
N ARG A 848 20.16 4.79 -20.73
CA ARG A 848 18.72 4.52 -20.66
C ARG A 848 18.01 5.58 -21.47
N MET A 849 17.75 5.26 -22.74
CA MET A 849 17.25 6.23 -23.69
C MET A 849 15.77 6.51 -23.48
N ASN A 850 15.42 7.78 -23.37
CA ASN A 850 14.04 8.19 -23.13
C ASN A 850 13.66 9.18 -24.20
N GLY A 851 12.47 9.77 -24.05
CA GLY A 851 12.00 10.73 -25.02
C GLY A 851 12.44 12.14 -24.70
N ASN A 852 12.58 12.45 -23.41
CA ASN A 852 12.97 13.79 -23.00
C ASN A 852 14.41 14.07 -23.38
N PHE A 853 15.30 13.11 -23.14
CA PHE A 853 16.70 13.28 -23.52
C PHE A 853 16.87 13.27 -25.04
N ALA A 854 16.04 12.50 -25.74
CA ALA A 854 16.07 12.48 -27.19
C ALA A 854 15.65 13.84 -27.75
N ARG A 855 14.57 14.41 -27.21
CA ARG A 855 14.16 15.76 -27.58
C ARG A 855 15.21 16.79 -27.18
N LYS A 856 15.92 16.54 -26.08
CA LYS A 856 16.98 17.42 -25.61
C LYS A 856 18.17 17.41 -26.56
N LEU A 857 18.41 16.29 -27.25
CA LEU A 857 19.55 16.24 -28.15
C LEU A 857 19.24 16.90 -29.50
N MET A 858 17.97 17.13 -29.80
CA MET A 858 17.57 17.61 -31.13
C MET A 858 17.52 19.14 -31.16
N THR A 859 18.70 19.76 -31.28
CA THR A 859 18.77 21.18 -31.58
C THR A 859 20.08 21.48 -32.30
N GLN A 860 20.15 22.69 -32.84
CA GLN A 860 21.35 23.12 -33.55
C GLN A 860 22.50 23.37 -32.59
N GLU A 861 22.18 23.72 -31.34
CA GLU A 861 23.23 23.91 -30.35
C GLU A 861 23.93 22.58 -30.04
N THR A 862 23.18 21.49 -30.00
CA THR A 862 23.77 20.18 -29.75
C THR A 862 24.63 19.75 -30.93
N VAL A 863 24.11 19.92 -32.16
CA VAL A 863 24.87 19.48 -33.32
C VAL A 863 26.11 20.35 -33.49
N ASP A 864 26.05 21.62 -33.06
CA ASP A 864 27.23 22.47 -33.11
C ASP A 864 28.25 22.05 -32.07
N ALA A 865 27.81 21.87 -30.82
CA ALA A 865 28.73 21.59 -29.73
C ALA A 865 29.30 20.19 -29.80
N VAL A 866 28.70 19.30 -30.60
CA VAL A 866 29.36 18.04 -30.85
C VAL A 866 30.20 18.06 -32.12
N CYS A 867 29.75 18.74 -33.18
CA CYS A 867 30.50 18.73 -34.43
C CYS A 867 31.79 19.50 -34.34
N GLU A 868 31.89 20.44 -33.39
CA GLU A 868 33.13 21.19 -33.21
C GLU A 868 34.27 20.36 -32.63
N LEU A 869 34.02 19.12 -32.21
CA LEU A 869 35.09 18.31 -31.63
C LEU A 869 36.06 17.84 -32.70
N ILE A 870 35.53 17.27 -33.78
CA ILE A 870 36.37 16.59 -34.76
C ILE A 870 36.95 17.60 -35.72
N PRO A 871 38.05 17.29 -36.40
CA PRO A 871 38.50 18.15 -37.50
C PRO A 871 37.70 17.90 -38.76
N SER A 872 36.43 18.32 -38.73
CA SER A 872 35.56 18.15 -39.89
C SER A 872 35.90 19.13 -41.00
N GLU A 873 36.55 18.62 -42.02
CA GLU A 873 36.63 19.35 -43.27
C GLU A 873 35.31 19.38 -44.02
N GLU A 874 34.44 18.42 -43.79
CA GLU A 874 33.13 18.39 -44.43
C GLU A 874 31.98 18.13 -43.49
N ARG A 875 32.15 17.26 -42.49
CA ARG A 875 31.09 16.64 -41.71
C ARG A 875 30.19 17.64 -40.99
N HIS A 876 30.68 18.86 -40.76
CA HIS A 876 29.90 19.94 -40.15
C HIS A 876 28.62 20.20 -40.91
N GLU A 877 28.73 20.59 -42.18
CA GLU A 877 27.54 20.93 -42.96
C GLU A 877 26.70 19.71 -43.30
N ALA A 878 27.33 18.54 -43.36
CA ALA A 878 26.58 17.30 -43.57
C ALA A 878 25.65 17.03 -42.41
N LEU A 879 26.18 17.13 -41.18
CA LEU A 879 25.36 17.01 -39.99
C LEU A 879 24.34 18.13 -39.90
N ARG A 880 24.70 19.32 -40.39
CA ARG A 880 23.79 20.46 -40.34
C ARG A 880 22.55 20.22 -41.18
N GLU A 881 22.73 19.85 -42.44
CA GLU A 881 21.57 19.65 -43.29
C GLU A 881 20.87 18.34 -42.98
N LEU A 882 21.58 17.39 -42.36
CA LEU A 882 20.92 16.22 -41.79
C LEU A 882 19.93 16.63 -40.71
N MET A 883 20.39 17.45 -39.76
CA MET A 883 19.51 17.97 -38.72
C MET A 883 18.40 18.83 -39.29
N ASP A 884 18.67 19.56 -40.37
CA ASP A 884 17.68 20.43 -40.98
C ASP A 884 16.56 19.62 -41.64
N LEU A 885 16.91 18.58 -42.38
CA LEU A 885 15.88 17.75 -42.99
C LEU A 885 15.15 16.93 -41.93
N TYR A 886 15.84 16.59 -40.85
CA TYR A 886 15.17 15.90 -39.75
C TYR A 886 14.15 16.79 -39.06
N LEU A 887 14.50 18.06 -38.84
CA LEU A 887 13.54 18.97 -38.24
C LEU A 887 12.48 19.40 -39.24
N LYS A 888 12.75 19.26 -40.55
CA LYS A 888 11.69 19.42 -41.53
C LYS A 888 10.70 18.26 -41.46
N MET A 889 11.19 17.05 -41.17
CA MET A 889 10.30 15.91 -41.01
C MET A 889 9.59 15.92 -39.67
N LYS A 890 10.15 16.62 -38.68
CA LYS A 890 9.58 16.66 -37.33
C LYS A 890 8.13 17.13 -37.23
N PRO A 891 7.71 18.29 -37.75
CA PRO A 891 6.37 18.78 -37.40
C PRO A 891 5.25 18.10 -38.15
N VAL A 892 5.54 17.24 -39.14
CA VAL A 892 4.46 16.59 -39.87
C VAL A 892 3.83 15.51 -38.99
N TRP A 893 4.59 14.98 -38.02
CA TRP A 893 3.99 14.21 -36.96
C TRP A 893 3.82 15.01 -35.69
N ARG A 894 4.53 16.12 -35.53
CA ARG A 894 4.37 16.96 -34.35
C ARG A 894 3.33 18.05 -34.57
N SER A 895 2.35 17.82 -35.43
CA SER A 895 1.25 18.76 -35.61
C SER A 895 -0.05 18.17 -35.06
N SER A 896 -0.26 16.89 -35.37
CA SER A 896 -1.43 16.03 -35.14
C SER A 896 -2.61 16.37 -36.06
N CYS A 897 -2.58 17.47 -36.80
CA CYS A 897 -3.55 17.77 -37.84
C CYS A 897 -2.88 18.49 -39.01
N PRO A 898 -1.98 17.83 -39.73
CA PRO A 898 -1.12 18.57 -40.68
C PRO A 898 -1.81 18.96 -41.96
N ALA A 899 -2.95 18.34 -42.30
CA ALA A 899 -3.66 18.70 -43.52
C ALA A 899 -4.19 20.11 -43.48
N LYS A 900 -4.55 20.61 -42.30
CA LYS A 900 -5.01 21.96 -42.13
C LYS A 900 -3.95 22.88 -41.52
N GLU A 901 -3.15 22.36 -40.57
CA GLU A 901 -2.26 23.24 -39.81
C GLU A 901 -1.03 23.60 -40.62
N CYS A 902 -0.22 22.61 -40.98
CA CYS A 902 0.98 22.85 -41.79
C CYS A 902 0.99 21.90 -42.98
N PRO A 903 0.23 22.21 -44.03
CA PRO A 903 0.31 21.38 -45.25
C PRO A 903 1.62 21.53 -45.98
N GLU A 904 2.35 22.61 -45.72
CA GLU A 904 3.69 22.78 -46.29
C GLU A 904 4.69 21.80 -45.69
N SER A 905 4.38 21.24 -44.52
CA SER A 905 5.23 20.19 -43.96
C SER A 905 5.02 18.87 -44.70
N LEU A 906 3.77 18.52 -45.01
CA LEU A 906 3.50 17.25 -45.68
C LEU A 906 3.83 17.32 -47.16
N CYS A 907 3.66 18.49 -47.78
CA CYS A 907 4.32 18.68 -49.06
C CYS A 907 5.82 18.81 -48.85
N GLN A 908 6.57 18.51 -49.92
CA GLN A 908 8.03 18.36 -50.04
C GLN A 908 8.54 17.10 -49.37
N TYR A 909 7.69 16.35 -48.66
CA TYR A 909 8.16 15.27 -47.80
C TYR A 909 8.62 14.07 -48.59
N SER A 910 8.10 13.89 -49.81
CA SER A 910 8.48 12.76 -50.65
C SER A 910 9.95 12.81 -51.02
N PHE A 911 10.35 13.88 -51.70
CA PHE A 911 11.76 14.01 -52.03
C PHE A 911 12.59 14.42 -50.82
N ASN A 912 11.96 14.89 -49.74
CA ASN A 912 12.69 15.06 -48.49
C ASN A 912 13.13 13.70 -47.94
N SER A 913 12.23 12.72 -47.99
CA SER A 913 12.56 11.37 -47.57
C SER A 913 13.57 10.72 -48.51
N GLN A 914 13.41 10.94 -49.81
CA GLN A 914 14.38 10.43 -50.79
C GLN A 914 15.75 11.06 -50.58
N ARG A 915 15.77 12.35 -50.24
CA ARG A 915 17.01 13.02 -49.96
C ARG A 915 17.61 12.54 -48.64
N PHE A 916 16.76 12.20 -47.68
CA PHE A 916 17.26 11.68 -46.41
C PHE A 916 17.88 10.30 -46.60
N ALA A 917 17.32 9.51 -47.51
CA ALA A 917 17.98 8.29 -47.94
C ALA A 917 19.31 8.60 -48.59
N GLU A 918 19.34 9.65 -49.42
CA GLU A 918 20.54 10.02 -50.16
C GLU A 918 21.68 10.42 -49.23
N LEU A 919 21.38 11.18 -48.17
CA LEU A 919 22.41 11.63 -47.24
C LEU A 919 23.08 10.47 -46.54
N LEU A 920 22.29 9.52 -46.04
CA LEU A 920 22.90 8.41 -45.33
C LEU A 920 23.58 7.44 -46.30
N SER A 921 23.13 7.39 -47.55
CA SER A 921 23.79 6.47 -48.47
C SER A 921 25.11 7.04 -48.96
N THR A 922 25.11 8.21 -49.57
CA THR A 922 26.31 8.68 -50.24
C THR A 922 27.32 9.31 -49.31
N LYS A 923 26.95 9.60 -48.06
CA LYS A 923 27.90 10.23 -47.18
C LYS A 923 28.27 9.32 -46.02
N PHE A 924 27.29 8.78 -45.33
CA PHE A 924 27.55 7.90 -44.20
C PHE A 924 27.39 6.45 -44.64
N LYS A 925 28.25 6.06 -45.57
CA LYS A 925 28.25 4.68 -46.06
C LYS A 925 29.12 3.78 -45.20
N TYR A 926 28.88 3.83 -43.89
CA TYR A 926 29.55 2.95 -42.94
C TYR A 926 28.64 2.46 -41.83
N ARG A 927 27.56 3.19 -41.51
CA ARG A 927 26.55 2.71 -40.58
C ARG A 927 25.55 1.79 -41.25
N TYR A 928 25.73 1.51 -42.55
CA TYR A 928 24.84 0.62 -43.30
C TYR A 928 25.21 -0.83 -42.98
N GLU A 929 24.95 -1.22 -41.74
CA GLU A 929 25.29 -2.57 -41.29
C GLU A 929 24.27 -3.58 -41.81
N GLY A 930 22.99 -3.23 -41.77
CA GLY A 930 21.94 -4.14 -42.12
C GLY A 930 20.86 -4.29 -41.08
N LYS A 931 21.01 -3.65 -39.91
CA LYS A 931 20.02 -3.72 -38.85
C LYS A 931 19.40 -2.34 -38.67
N ILE A 932 18.16 -2.20 -39.09
CA ILE A 932 17.33 -1.06 -38.71
C ILE A 932 16.08 -1.58 -38.03
N THR A 933 15.45 -0.73 -37.25
CA THR A 933 14.29 -1.12 -36.47
C THR A 933 13.02 -0.89 -37.28
N ASN A 934 11.90 -1.36 -36.70
CA ASN A 934 10.60 -1.14 -37.31
C ASN A 934 10.23 0.33 -37.33
N TYR A 935 10.61 1.05 -36.27
CA TYR A 935 10.29 2.48 -36.18
C TYR A 935 11.01 3.25 -37.27
N PHE A 936 12.21 2.82 -37.63
CA PHE A 936 12.95 3.46 -38.71
C PHE A 936 12.26 3.30 -40.04
N HIS A 937 11.93 2.06 -40.39
CA HIS A 937 11.24 1.76 -41.68
C HIS A 937 9.90 2.50 -41.73
N LYS A 938 9.17 2.51 -40.60
CA LYS A 938 7.88 3.19 -40.52
C LYS A 938 8.01 4.70 -40.69
N THR A 939 8.97 5.32 -40.02
CA THR A 939 9.08 6.78 -40.10
C THR A 939 9.73 7.21 -41.40
N LEU A 940 10.33 6.29 -42.14
CA LEU A 940 10.85 6.70 -43.43
C LEU A 940 9.81 6.52 -44.52
N ALA A 941 9.28 5.31 -44.68
CA ALA A 941 8.52 5.01 -45.88
C ALA A 941 7.01 5.19 -45.70
N HIS A 942 6.50 4.72 -44.55
CA HIS A 942 5.04 4.59 -44.29
C HIS A 942 4.39 5.76 -43.54
N VAL A 943 4.88 6.98 -43.72
CA VAL A 943 4.24 8.15 -43.12
C VAL A 943 3.12 8.75 -44.01
N PRO A 944 3.33 9.08 -45.30
CA PRO A 944 2.22 9.70 -46.04
C PRO A 944 1.07 8.74 -46.32
N GLU A 945 1.31 7.44 -46.27
CA GLU A 945 0.23 6.47 -46.36
C GLU A 945 -0.72 6.59 -45.18
N ILE A 946 -0.17 6.67 -43.97
CA ILE A 946 -0.99 6.84 -42.78
C ILE A 946 -1.61 8.23 -42.76
N ILE A 947 -0.92 9.21 -43.37
CA ILE A 947 -1.48 10.55 -43.48
C ILE A 947 -2.71 10.55 -44.37
N GLU A 948 -2.61 9.93 -45.54
CA GLU A 948 -3.75 9.83 -46.44
C GLU A 948 -4.83 8.91 -45.87
N ARG A 949 -4.45 7.99 -44.98
CA ARG A 949 -5.45 7.15 -44.34
C ARG A 949 -6.21 7.89 -43.26
N ASP A 950 -5.53 8.76 -42.50
CA ASP A 950 -6.13 9.35 -41.31
C ASP A 950 -6.03 10.87 -41.26
N GLY A 951 -4.95 11.47 -41.72
CA GLY A 951 -4.73 12.88 -41.51
C GLY A 951 -4.35 13.26 -40.11
N SER A 952 -3.96 12.29 -39.28
CA SER A 952 -3.65 12.53 -37.87
C SER A 952 -2.83 11.35 -37.39
N ILE A 953 -1.77 11.63 -36.63
CA ILE A 953 -0.95 10.53 -36.14
C ILE A 953 -1.19 10.30 -34.65
N GLY A 954 -1.46 11.35 -33.89
CA GLY A 954 -1.67 11.22 -32.46
C GLY A 954 -0.35 11.20 -31.69
N ALA A 955 -0.48 11.32 -30.38
CA ALA A 955 0.67 11.36 -29.48
C ALA A 955 0.43 10.56 -28.22
N TRP A 956 -0.25 9.43 -28.33
CA TRP A 956 -0.56 8.61 -27.17
C TRP A 956 0.65 7.79 -26.74
N ALA A 957 0.60 7.27 -25.52
CA ALA A 957 1.66 6.44 -24.98
C ALA A 957 1.13 5.53 -23.88
N ASN A 961 -0.02 4.61 -20.35
CA ASN A 961 1.14 4.45 -19.47
C ASN A 961 0.75 3.69 -18.22
N GLN A 962 1.21 4.18 -17.08
CA GLN A 962 0.80 3.65 -15.79
C GLN A 962 -0.57 4.17 -15.36
N SER A 963 -1.16 5.06 -16.14
CA SER A 963 -2.37 5.81 -15.85
C SER A 963 -3.56 4.94 -15.49
N GLY A 964 -3.84 3.90 -16.26
CA GLY A 964 -4.93 3.01 -15.93
C GLY A 964 -4.62 2.20 -14.70
N ASN A 965 -3.35 1.81 -14.55
CA ASN A 965 -2.92 0.93 -13.48
C ASN A 965 -3.05 1.54 -12.10
N LYS A 966 -2.58 2.79 -11.94
CA LYS A 966 -2.77 3.48 -10.66
C LYS A 966 -4.25 3.71 -10.37
N LEU A 967 -5.01 4.03 -11.42
CA LEU A 967 -6.45 4.22 -11.27
C LEU A 967 -7.15 2.93 -10.90
N PHE A 968 -6.75 1.83 -11.52
CA PHE A 968 -7.40 0.55 -11.25
C PHE A 968 -7.08 0.07 -9.85
N ARG A 969 -5.83 0.23 -9.41
CA ARG A 969 -5.48 -0.19 -8.06
C ARG A 969 -6.14 0.71 -7.02
N ARG A 970 -6.30 2.00 -7.33
CA ARG A 970 -6.99 2.89 -6.40
C ARG A 970 -8.46 2.52 -6.29
N PHE A 971 -9.08 2.16 -7.41
CA PHE A 971 -10.47 1.73 -7.36
C PHE A 971 -10.62 0.38 -6.65
N ARG A 972 -9.62 -0.47 -6.73
CA ARG A 972 -9.69 -1.70 -5.95
C ARG A 972 -9.49 -1.44 -4.47
N LYS A 973 -8.71 -0.43 -4.11
CA LYS A 973 -8.39 -0.23 -2.70
C LYS A 973 -9.38 0.65 -1.97
N MET A 974 -10.00 1.62 -2.64
CA MET A 974 -10.93 2.51 -1.95
C MET A 974 -12.32 1.89 -1.84
N ASN A 975 -12.94 1.58 -2.96
CA ASN A 975 -14.36 1.23 -3.00
C ASN A 975 -14.56 -0.11 -3.69
N ALA A 976 -14.53 -1.19 -2.90
CA ALA A 976 -14.60 -2.53 -3.47
C ALA A 976 -15.01 -3.52 -2.38
N ARG A 977 -15.54 -4.65 -2.82
CA ARG A 977 -16.00 -5.72 -1.94
C ARG A 977 -14.97 -6.83 -1.87
N GLN A 978 -15.35 -7.92 -1.22
CA GLN A 978 -14.52 -9.11 -1.13
C GLN A 978 -15.19 -10.27 -1.88
N SER A 979 -14.64 -11.47 -1.73
CA SER A 979 -14.98 -12.76 -2.35
C SER A 979 -14.76 -12.78 -3.86
N LYS A 980 -14.17 -11.74 -4.44
CA LYS A 980 -13.65 -11.68 -5.81
C LYS A 980 -14.71 -11.85 -6.89
N CYS A 981 -15.99 -11.85 -6.53
CA CYS A 981 -17.06 -12.00 -7.50
C CYS A 981 -17.76 -10.67 -7.76
N TYR A 982 -18.15 -9.97 -6.72
CA TYR A 982 -18.66 -8.63 -6.87
C TYR A 982 -17.56 -7.61 -7.12
N GLU A 983 -16.32 -7.99 -6.80
CA GLU A 983 -15.14 -7.07 -6.90
C GLU A 983 -14.96 -6.52 -8.31
N MET A 984 -14.95 -7.39 -9.33
CA MET A 984 -14.70 -6.95 -10.69
C MET A 984 -15.92 -6.23 -11.27
N GLU A 985 -17.11 -6.63 -10.85
CA GLU A 985 -18.32 -5.92 -11.26
C GLU A 985 -18.33 -4.50 -10.70
N ASP A 986 -17.88 -4.35 -9.46
CA ASP A 986 -17.85 -3.04 -8.84
C ASP A 986 -16.79 -2.16 -9.48
N VAL A 987 -15.63 -2.73 -9.80
CA VAL A 987 -14.59 -1.89 -10.38
C VAL A 987 -14.94 -1.55 -11.83
N LEU A 988 -15.69 -2.43 -12.51
CA LEU A 988 -16.15 -2.10 -13.85
C LEU A 988 -17.21 -0.99 -13.79
N LYS A 989 -18.09 -1.05 -12.80
CA LYS A 989 -19.10 -0.02 -12.63
C LYS A 989 -18.48 1.34 -12.35
N HIS A 990 -17.58 1.40 -11.38
CA HIS A 990 -16.97 2.67 -11.02
C HIS A 990 -16.07 3.20 -12.11
N HIS A 991 -15.34 2.30 -12.79
CA HIS A 991 -14.47 2.72 -13.87
C HIS A 991 -15.26 3.15 -15.08
N TRP A 992 -16.47 2.62 -15.25
CA TRP A 992 -17.35 3.15 -16.29
C TRP A 992 -17.86 4.53 -15.91
N LEU A 993 -18.31 4.68 -14.67
CA LEU A 993 -18.93 5.93 -14.25
C LEU A 993 -17.94 7.08 -14.21
N TYR A 994 -16.67 6.78 -14.03
CA TYR A 994 -15.65 7.82 -14.00
C TYR A 994 -15.55 8.54 -15.34
N THR A 995 -15.81 7.85 -16.44
CA THR A 995 -15.50 8.37 -17.76
C THR A 995 -16.74 8.66 -18.61
N SER A 996 -17.81 9.14 -17.98
CA SER A 996 -18.98 9.56 -18.72
C SER A 996 -18.99 11.07 -18.89
N LYS A 997 -19.50 11.53 -20.02
CA LYS A 997 -19.46 12.95 -20.37
C LYS A 997 -20.35 13.78 -19.47
N TYR A 998 -21.42 13.18 -18.97
CA TYR A 998 -22.43 13.91 -18.20
C TYR A 998 -21.88 14.38 -16.87
N LEU A 999 -21.28 13.47 -16.12
CA LEU A 999 -20.70 13.84 -14.84
C LEU A 999 -19.41 14.61 -15.03
N GLN A 1000 -18.72 14.39 -16.15
CA GLN A 1000 -17.54 15.18 -16.46
C GLN A 1000 -17.90 16.63 -16.69
N LYS A 1001 -19.03 16.88 -17.36
CA LYS A 1001 -19.52 18.22 -17.55
C LYS A 1001 -19.97 18.84 -16.23
N PHE A 1002 -20.56 18.03 -15.35
CA PHE A 1002 -20.86 18.54 -14.01
C PHE A 1002 -19.61 18.87 -13.23
N MET A 1003 -18.52 18.16 -13.48
CA MET A 1003 -17.33 18.33 -12.65
C MET A 1003 -16.43 19.46 -13.14
N ASN A 1004 -16.44 19.76 -14.43
CA ASN A 1004 -15.69 20.93 -14.86
C ASN A 1004 -16.58 22.15 -15.05
N ALA A 1005 -17.60 22.31 -14.21
CA ALA A 1005 -18.51 23.43 -14.30
C ALA A 1005 -18.02 24.67 -13.57
N HIS A 1006 -16.72 24.78 -13.31
CA HIS A 1006 -16.18 25.92 -12.59
C HIS A 1006 -15.65 27.02 -13.51
N ASN A 1007 -15.04 26.66 -14.63
CA ASN A 1007 -14.33 27.65 -15.44
C ASN A 1007 -15.27 28.41 -16.35
N ALA A 1008 -16.35 27.79 -16.78
CA ALA A 1008 -17.32 28.47 -17.62
C ALA A 1008 -18.14 29.45 -16.78
N HIS B 395 -35.14 46.85 -16.77
CA HIS B 395 -35.35 47.14 -15.36
C HIS B 395 -34.01 47.29 -14.65
N LEU B 396 -34.07 47.57 -13.35
CA LEU B 396 -32.87 47.85 -12.57
C LEU B 396 -31.99 46.63 -12.40
N LEU B 397 -32.61 45.45 -12.23
CA LEU B 397 -31.88 44.19 -12.16
C LEU B 397 -31.09 43.90 -13.41
N SER B 398 -31.61 44.28 -14.59
CA SER B 398 -30.90 44.14 -15.85
C SER B 398 -29.67 45.04 -15.95
N LEU B 399 -29.59 46.09 -15.16
CA LEU B 399 -28.44 46.98 -15.18
C LEU B 399 -27.27 46.38 -14.39
N THR B 400 -26.06 46.72 -14.80
CA THR B 400 -24.89 46.34 -14.03
C THR B 400 -24.71 47.28 -12.84
N ARG B 401 -23.76 46.93 -11.98
CA ARG B 401 -23.56 47.68 -10.74
C ARG B 401 -23.00 49.07 -11.00
N ARG B 402 -22.27 49.25 -12.10
CA ARG B 402 -21.76 50.56 -12.46
C ARG B 402 -22.88 51.51 -12.85
N ALA B 403 -23.76 51.07 -13.74
CA ALA B 403 -24.88 51.91 -14.16
C ALA B 403 -25.91 52.04 -13.04
N GLN B 404 -26.02 51.01 -12.19
CA GLN B 404 -26.84 51.14 -11.00
C GLN B 404 -26.25 52.15 -10.02
N LYS B 405 -24.92 52.21 -9.96
CA LYS B 405 -24.26 53.26 -9.17
C LYS B 405 -24.53 54.63 -9.75
N HIS B 406 -24.54 54.74 -11.08
CA HIS B 406 -24.88 56.01 -11.73
C HIS B 406 -26.32 56.42 -11.46
N ARG B 407 -27.25 55.48 -11.48
CA ARG B 407 -28.65 55.82 -11.25
C ARG B 407 -28.95 56.01 -9.76
N LEU B 408 -28.09 55.51 -8.89
CA LEU B 408 -28.36 55.48 -7.45
C LEU B 408 -27.42 56.37 -6.64
N ARG B 409 -26.54 57.12 -7.31
CA ARG B 409 -25.51 57.88 -6.59
C ARG B 409 -26.10 59.00 -5.73
N GLU B 410 -27.15 59.68 -6.22
CA GLU B 410 -27.73 60.77 -5.45
C GLU B 410 -28.48 60.25 -4.23
N LEU B 411 -29.22 59.15 -4.41
CA LEU B 411 -29.87 58.48 -3.29
C LEU B 411 -28.86 57.94 -2.30
N LYS B 412 -27.71 57.49 -2.80
CA LYS B 412 -26.64 57.02 -1.94
C LYS B 412 -26.08 58.16 -1.11
N ILE B 413 -25.91 59.33 -1.72
CA ILE B 413 -25.44 60.51 -1.00
C ILE B 413 -26.43 60.91 0.09
N GLN B 414 -27.73 60.80 -0.21
CA GLN B 414 -28.75 61.15 0.78
C GLN B 414 -28.77 60.16 1.94
N VAL B 415 -28.59 58.87 1.67
CA VAL B 415 -28.68 57.92 2.78
C VAL B 415 -27.40 57.96 3.62
N LYS B 416 -26.25 58.23 2.99
CA LYS B 416 -25.05 58.35 3.80
C LYS B 416 -25.03 59.65 4.57
N GLU B 417 -25.66 60.71 4.05
CA GLU B 417 -25.68 61.95 4.80
C GLU B 417 -26.67 61.87 5.95
N PHE B 418 -27.75 61.08 5.82
CA PHE B 418 -28.57 60.81 6.99
C PHE B 418 -27.81 59.97 8.00
N ALA B 419 -26.99 59.03 7.53
CA ALA B 419 -26.22 58.18 8.44
C ALA B 419 -25.23 59.01 9.25
N ASP B 420 -24.53 59.93 8.58
CA ASP B 420 -23.58 60.75 9.33
C ASP B 420 -24.25 61.92 10.06
N LYS B 421 -25.52 62.22 9.78
CA LYS B 421 -26.17 63.28 10.53
C LYS B 421 -27.07 62.76 11.66
N GLU B 422 -27.36 61.46 11.69
CA GLU B 422 -28.09 60.88 12.81
C GLU B 422 -27.24 59.90 13.60
N GLU B 423 -26.70 58.88 12.94
CA GLU B 423 -25.90 57.88 13.65
C GLU B 423 -24.42 58.23 13.67
N GLY B 424 -23.91 58.88 12.64
CA GLY B 424 -22.51 59.27 12.59
C GLY B 424 -21.65 58.34 11.76
N GLY B 425 -22.10 57.98 10.57
CA GLY B 425 -21.33 57.14 9.69
C GLY B 425 -21.60 55.66 9.88
N ASP B 426 -22.87 55.29 9.91
CA ASP B 426 -23.32 53.93 10.19
C ASP B 426 -24.22 53.44 9.07
N VAL B 427 -23.75 53.60 7.83
CA VAL B 427 -24.58 53.41 6.64
C VAL B 427 -24.99 51.94 6.51
N LYS B 428 -24.15 51.02 6.97
CA LYS B 428 -24.41 49.60 6.79
C LYS B 428 -25.59 49.13 7.63
N ALA B 429 -25.61 49.51 8.91
CA ALA B 429 -26.67 49.05 9.81
C ALA B 429 -28.00 49.71 9.47
N VAL B 430 -27.98 51.00 9.11
CA VAL B 430 -29.22 51.67 8.74
C VAL B 430 -29.72 51.14 7.39
N CYS B 431 -28.80 50.73 6.52
CA CYS B 431 -29.18 50.12 5.25
C CYS B 431 -29.82 48.76 5.48
N LEU B 432 -29.26 47.99 6.43
CA LEU B 432 -29.86 46.74 6.87
C LEU B 432 -31.30 46.95 7.34
N THR B 433 -31.51 47.92 8.24
CA THR B 433 -32.83 48.09 8.82
C THR B 433 -33.84 48.62 7.80
N LEU B 434 -33.40 49.51 6.90
CA LEU B 434 -34.35 50.05 5.93
C LEU B 434 -34.71 49.03 4.88
N PHE B 435 -33.75 48.20 4.44
CA PHE B 435 -34.10 47.15 3.50
C PHE B 435 -34.92 46.06 4.16
N LEU B 436 -34.66 45.79 5.45
CA LEU B 436 -35.42 44.80 6.20
C LEU B 436 -36.87 45.21 6.33
N LEU B 437 -37.12 46.48 6.64
CA LEU B 437 -38.51 46.90 6.80
C LEU B 437 -39.17 47.13 5.44
N ALA B 438 -38.37 47.41 4.40
CA ALA B 438 -38.91 47.46 3.04
C ALA B 438 -39.39 46.08 2.58
N LEU B 439 -38.73 45.01 3.03
CA LEU B 439 -39.28 43.69 2.77
C LEU B 439 -40.42 43.36 3.73
N ARG B 440 -40.37 43.90 4.96
CA ARG B 440 -41.41 43.60 5.95
C ARG B 440 -42.75 44.23 5.60
N ALA B 441 -42.76 45.28 4.78
CA ALA B 441 -44.02 45.87 4.38
C ALA B 441 -44.79 45.01 3.38
N ARG B 442 -44.16 43.98 2.81
CA ARG B 442 -44.83 43.08 1.86
C ARG B 442 -45.14 41.72 2.48
N ASN B 443 -44.90 41.58 3.79
CA ASN B 443 -45.34 40.45 4.62
C ASN B 443 -44.75 39.12 4.16
N GLU B 444 -43.50 39.17 3.68
CA GLU B 444 -42.77 37.97 3.28
C GLU B 444 -41.82 37.60 4.41
N HIS B 445 -42.41 37.23 5.55
CA HIS B 445 -41.68 37.10 6.81
C HIS B 445 -40.65 35.98 6.81
N ARG B 446 -40.86 34.97 5.95
CA ARG B 446 -39.89 33.89 5.78
C ARG B 446 -38.55 34.44 5.35
N GLN B 447 -38.55 35.33 4.37
CA GLN B 447 -37.32 35.96 3.92
C GLN B 447 -36.76 36.90 4.98
N ALA B 448 -37.62 37.44 5.84
CA ALA B 448 -37.13 38.31 6.91
C ALA B 448 -36.33 37.53 7.94
N ASP B 449 -36.85 36.41 8.42
CA ASP B 449 -36.08 35.59 9.34
C ASP B 449 -34.89 34.94 8.64
N GLU B 450 -35.01 34.73 7.32
CA GLU B 450 -33.88 34.24 6.55
C GLU B 450 -32.75 35.25 6.50
N LEU B 451 -33.06 36.53 6.32
CA LEU B 451 -32.03 37.55 6.33
C LEU B 451 -31.46 37.73 7.72
N GLU B 452 -32.29 37.54 8.75
CA GLU B 452 -31.77 37.50 10.12
C GLU B 452 -30.77 36.35 10.30
N ALA B 453 -31.04 35.21 9.67
CA ALA B 453 -30.14 34.08 9.82
C ALA B 453 -28.85 34.27 9.04
N ILE B 454 -28.91 34.94 7.88
CA ILE B 454 -27.70 35.06 7.08
C ILE B 454 -26.85 36.22 7.57
N MET B 455 -27.46 37.23 8.20
CA MET B 455 -26.65 38.21 8.91
C MET B 455 -26.15 37.61 10.22
N GLN B 456 -26.90 36.65 10.76
CA GLN B 456 -26.41 35.84 11.87
C GLN B 456 -25.34 34.88 11.41
N GLY B 457 -25.40 34.45 10.15
CA GLY B 457 -24.49 33.46 9.62
C GLY B 457 -24.81 32.04 10.01
N ARG B 458 -25.81 31.82 10.86
CA ARG B 458 -26.18 30.50 11.34
C ARG B 458 -27.12 29.78 10.39
N GLY B 459 -27.29 30.28 9.18
CA GLY B 459 -28.12 29.62 8.20
C GLY B 459 -27.30 28.58 7.47
N SER B 460 -27.24 28.66 6.15
CA SER B 460 -26.39 27.78 5.35
C SER B 460 -25.00 28.41 5.18
N GLY B 461 -24.33 28.57 6.32
CA GLY B 461 -23.06 29.27 6.34
C GLY B 461 -21.87 28.37 6.50
N LEU B 462 -22.01 27.36 7.36
CA LEU B 462 -20.99 26.34 7.64
C LEU B 462 -19.70 26.98 8.16
N GLN B 463 -19.79 27.47 9.40
CA GLN B 463 -18.68 27.89 10.24
C GLN B 463 -17.51 26.91 10.11
N PRO B 464 -16.29 27.41 9.89
CA PRO B 464 -15.19 26.55 9.39
C PRO B 464 -14.77 25.39 10.28
N ALA B 465 -15.08 25.45 11.58
CA ALA B 465 -14.78 24.33 12.46
C ALA B 465 -15.58 23.10 12.09
N VAL B 466 -16.80 23.29 11.61
CA VAL B 466 -17.66 22.17 11.26
C VAL B 466 -17.12 21.43 10.05
N CYS B 467 -16.77 22.16 9.00
CA CYS B 467 -16.26 21.49 7.81
C CYS B 467 -14.85 20.96 8.04
N LEU B 468 -14.11 21.58 8.96
CA LEU B 468 -12.84 20.99 9.38
C LEU B 468 -13.05 19.63 10.03
N ALA B 469 -14.07 19.53 10.90
CA ALA B 469 -14.43 18.26 11.51
C ALA B 469 -14.85 17.25 10.45
N ILE B 470 -15.55 17.72 9.42
CA ILE B 470 -15.97 16.87 8.32
C ILE B 470 -14.77 16.29 7.58
N ARG B 471 -13.83 17.17 7.23
CA ARG B 471 -12.66 16.74 6.47
C ARG B 471 -11.79 15.79 7.27
N VAL B 472 -11.62 16.06 8.57
CA VAL B 472 -10.81 15.18 9.39
C VAL B 472 -11.46 13.83 9.63
N ASN B 473 -12.76 13.79 9.95
CA ASN B 473 -13.42 12.52 10.20
C ASN B 473 -13.57 11.68 8.95
N THR B 474 -13.71 12.30 7.79
CA THR B 474 -13.94 11.54 6.59
C THR B 474 -12.68 11.24 5.79
N PHE B 475 -11.51 11.68 6.28
CA PHE B 475 -10.20 11.40 5.70
C PHE B 475 -10.08 11.89 4.27
N LEU B 476 -10.15 13.21 4.11
CA LEU B 476 -10.04 13.85 2.80
C LEU B 476 -8.70 14.54 2.67
N SER B 477 -8.06 14.38 1.52
CA SER B 477 -6.87 15.17 1.25
C SER B 477 -7.28 16.57 0.79
N CYS B 478 -6.26 17.41 0.60
CA CYS B 478 -6.52 18.82 0.33
C CYS B 478 -7.11 19.03 -1.05
N SER B 479 -6.56 18.35 -2.05
CA SER B 479 -6.97 18.57 -3.44
C SER B 479 -8.41 18.16 -3.66
N GLN B 480 -8.82 17.06 -3.04
CA GLN B 480 -10.19 16.59 -3.21
C GLN B 480 -11.18 17.49 -2.51
N TYR B 481 -10.83 18.01 -1.33
CA TYR B 481 -11.72 18.95 -0.66
C TYR B 481 -11.82 20.24 -1.43
N HIS B 482 -10.71 20.67 -2.05
CA HIS B 482 -10.73 21.86 -2.89
C HIS B 482 -11.61 21.64 -4.11
N LYS B 483 -11.56 20.44 -4.67
CA LYS B 483 -12.43 20.09 -5.80
C LYS B 483 -13.89 20.14 -5.41
N MET B 484 -14.23 19.55 -4.25
CA MET B 484 -15.60 19.55 -3.79
C MET B 484 -16.10 20.95 -3.50
N TYR B 485 -15.25 21.77 -2.88
CA TYR B 485 -15.60 23.14 -2.56
C TYR B 485 -15.86 23.95 -3.81
N ARG B 486 -14.97 23.86 -4.80
CA ARG B 486 -15.14 24.67 -6.01
C ARG B 486 -16.30 24.16 -6.85
N THR B 487 -16.60 22.86 -6.82
CA THR B 487 -17.71 22.36 -7.63
C THR B 487 -19.04 22.76 -7.04
N VAL B 488 -19.19 22.67 -5.71
CA VAL B 488 -20.47 23.06 -5.13
C VAL B 488 -20.64 24.57 -5.16
N LYS B 489 -19.53 25.31 -5.03
CA LYS B 489 -19.58 26.76 -5.15
C LYS B 489 -19.97 27.19 -6.56
N ALA B 490 -19.52 26.46 -7.58
CA ALA B 490 -19.97 26.76 -8.93
C ALA B 490 -21.42 26.36 -9.16
N ILE B 491 -21.84 25.19 -8.69
CA ILE B 491 -23.16 24.70 -9.08
C ILE B 491 -24.29 25.38 -8.30
N THR B 492 -24.06 25.81 -7.06
CA THR B 492 -25.12 26.53 -6.37
C THR B 492 -25.08 28.02 -6.60
N GLY B 493 -23.90 28.57 -6.83
CA GLY B 493 -23.72 30.01 -6.86
C GLY B 493 -23.39 30.57 -5.50
N ARG B 494 -23.96 29.98 -4.45
CA ARG B 494 -23.62 30.36 -3.09
C ARG B 494 -22.41 29.55 -2.63
N GLN B 495 -21.71 30.10 -1.64
CA GLN B 495 -20.47 29.51 -1.15
C GLN B 495 -20.80 28.81 0.17
N ILE B 496 -21.23 27.56 0.06
CA ILE B 496 -21.71 26.86 1.24
C ILE B 496 -20.55 26.34 2.07
N PHE B 497 -19.47 25.91 1.44
CA PHE B 497 -18.31 25.45 2.19
C PHE B 497 -17.33 26.61 2.38
N GLN B 498 -16.13 26.30 2.86
CA GLN B 498 -15.12 27.32 3.06
C GLN B 498 -13.89 26.98 2.24
N PRO B 499 -13.07 27.97 1.90
CA PRO B 499 -11.81 27.67 1.22
C PRO B 499 -10.72 27.22 2.19
N LEU B 500 -9.51 27.06 1.68
CA LEU B 500 -8.50 26.29 2.40
C LEU B 500 -7.80 27.12 3.46
N HIS B 501 -7.61 28.42 3.22
CA HIS B 501 -6.86 29.23 4.19
C HIS B 501 -7.68 29.45 5.45
N ALA B 502 -9.00 29.55 5.31
CA ALA B 502 -9.86 29.63 6.48
C ALA B 502 -9.83 28.32 7.25
N LEU B 503 -9.68 27.21 6.54
CA LEU B 503 -9.51 25.92 7.20
C LEU B 503 -8.18 25.86 7.95
N ARG B 504 -7.15 26.50 7.40
CA ARG B 504 -5.86 26.52 8.09
C ARG B 504 -5.91 27.40 9.33
N ASN B 505 -6.67 28.49 9.28
CA ASN B 505 -6.82 29.30 10.49
C ASN B 505 -7.67 28.59 11.53
N ALA B 506 -8.70 27.86 11.08
CA ALA B 506 -9.54 27.11 12.00
C ALA B 506 -8.80 25.94 12.61
N GLU B 507 -7.78 25.42 11.94
CA GLU B 507 -6.98 24.41 12.62
C GLU B 507 -5.87 25.01 13.45
N LYS B 508 -5.40 26.21 13.12
CA LYS B 508 -4.40 26.85 13.94
C LYS B 508 -4.99 27.36 15.24
N VAL B 509 -6.30 27.53 15.30
CA VAL B 509 -6.89 27.91 16.58
C VAL B 509 -7.03 26.70 17.51
N LEU B 510 -6.85 25.48 16.99
CA LEU B 510 -7.05 24.30 17.81
C LEU B 510 -5.79 23.51 18.11
N LEU B 511 -4.65 23.90 17.57
CA LEU B 511 -3.43 23.19 17.87
C LEU B 511 -2.91 23.59 19.26
N PRO B 512 -1.93 22.88 19.78
CA PRO B 512 -1.20 23.40 20.94
C PRO B 512 -0.45 24.67 20.60
N GLY B 513 -0.32 25.53 21.61
CA GLY B 513 0.53 26.70 21.50
C GLY B 513 -0.13 27.95 20.94
N TYR B 514 -1.40 28.18 21.27
CA TYR B 514 -2.08 29.35 20.75
C TYR B 514 -2.57 30.29 21.83
N HIS B 515 -3.24 29.79 22.84
CA HIS B 515 -3.78 30.69 23.83
C HIS B 515 -2.72 31.07 24.84
N PRO B 516 -2.81 32.24 25.45
CA PRO B 516 -1.89 32.60 26.54
C PRO B 516 -2.40 32.09 27.88
N PHE B 517 -1.47 32.06 28.83
CA PHE B 517 -1.67 31.45 30.14
C PHE B 517 -0.45 31.83 30.98
N GLU B 518 -0.52 31.55 32.28
CA GLU B 518 0.73 31.56 33.04
C GLU B 518 0.62 30.63 34.24
N TRP B 519 1.69 30.57 35.00
CA TRP B 519 1.81 29.65 36.12
C TRP B 519 2.25 30.41 37.35
N GLN B 520 1.58 30.15 38.48
CA GLN B 520 1.88 30.90 39.69
C GLN B 520 3.23 30.54 40.30
N PRO B 521 3.70 29.28 40.26
CA PRO B 521 5.13 29.06 40.37
C PRO B 521 5.77 29.12 39.00
N PRO B 522 7.01 29.59 38.90
CA PRO B 522 7.56 29.91 37.58
C PRO B 522 8.09 28.73 36.80
N LEU B 523 7.86 27.49 37.24
CA LEU B 523 8.08 26.26 36.47
C LEU B 523 9.54 26.10 36.02
N LYS B 524 10.38 25.75 37.00
CA LYS B 524 11.80 25.54 36.79
C LYS B 524 12.09 24.53 35.68
N ASN B 525 13.18 24.81 34.95
CA ASN B 525 13.67 24.06 33.79
C ASN B 525 12.66 23.98 32.65
N VAL B 526 11.69 24.91 32.61
CA VAL B 526 10.72 24.97 31.52
C VAL B 526 10.86 26.33 30.86
N SER B 527 11.03 26.34 29.54
CA SER B 527 11.00 27.59 28.80
C SER B 527 9.59 28.13 28.75
N SER B 528 9.42 29.36 29.24
CA SER B 528 8.11 29.98 29.38
C SER B 528 7.65 30.68 28.11
N ARG B 529 8.33 30.45 26.99
CA ARG B 529 7.82 30.86 25.69
C ARG B 529 6.54 30.10 25.39
N THR B 530 5.51 30.80 24.92
CA THR B 530 4.15 30.30 24.99
C THR B 530 3.52 30.09 23.62
N ASP B 531 4.31 29.91 22.58
CA ASP B 531 3.75 29.68 21.26
C ASP B 531 4.51 28.58 20.53
N VAL B 532 4.83 27.49 21.23
CA VAL B 532 5.53 26.37 20.63
C VAL B 532 4.51 25.30 20.26
N GLY B 533 4.74 24.64 19.14
CA GLY B 533 3.81 23.63 18.67
C GLY B 533 4.44 22.26 18.62
N ILE B 534 4.44 21.64 17.44
CA ILE B 534 5.14 20.39 17.26
C ILE B 534 6.64 20.64 17.33
N ILE B 535 7.28 20.10 18.36
CA ILE B 535 8.73 20.21 18.47
C ILE B 535 9.32 18.82 18.23
N ASP B 536 10.62 18.81 17.97
CA ASP B 536 11.34 17.58 17.74
C ASP B 536 11.36 16.75 19.03
N GLY B 537 11.05 15.45 18.89
CA GLY B 537 10.95 14.60 20.06
C GLY B 537 12.27 14.31 20.72
N LEU B 538 13.38 14.49 20.01
CA LEU B 538 14.67 14.08 20.56
C LEU B 538 15.22 15.10 21.54
N SER B 539 14.55 16.24 21.71
CA SER B 539 14.95 17.33 22.61
C SER B 539 16.38 17.81 22.35
N GLY B 540 16.76 17.79 21.07
CA GLY B 540 18.13 18.07 20.73
C GLY B 540 19.05 16.94 21.13
N LEU B 541 18.96 15.81 20.44
CA LEU B 541 19.91 14.74 20.66
C LEU B 541 21.22 15.01 19.94
N ALA B 542 22.02 13.96 19.84
CA ALA B 542 23.41 14.07 19.45
C ALA B 542 23.67 13.18 18.26
N SER B 543 22.93 13.37 17.19
CA SER B 543 22.94 12.55 15.98
C SER B 543 24.26 12.59 15.18
N SER B 544 25.36 13.16 15.65
CA SER B 544 26.63 13.12 14.93
C SER B 544 27.19 11.70 14.86
N VAL B 545 28.20 11.54 14.01
CA VAL B 545 28.77 10.22 13.75
C VAL B 545 29.53 9.71 14.96
N ASP B 546 30.28 10.59 15.63
CA ASP B 546 31.15 10.19 16.71
C ASP B 546 30.41 9.85 18.00
N GLU B 547 29.10 9.97 18.00
CA GLU B 547 28.24 9.63 19.13
C GLU B 547 27.62 8.26 18.89
N TYR B 548 26.99 7.73 19.94
CA TYR B 548 26.14 6.55 19.86
C TYR B 548 25.09 6.74 18.77
N PRO B 549 24.93 5.81 17.85
CA PRO B 549 24.00 6.02 16.75
C PRO B 549 22.57 5.79 17.18
N VAL B 550 21.69 6.65 16.69
CA VAL B 550 20.26 6.42 16.84
C VAL B 550 19.55 6.92 15.59
N ASP B 551 18.88 6.00 14.91
CA ASP B 551 18.05 6.36 13.78
C ASP B 551 16.64 5.98 14.16
N THR B 552 16.00 6.86 14.92
CA THR B 552 14.57 6.84 15.15
C THR B 552 14.08 8.23 14.83
N ILE B 553 12.78 8.35 14.63
CA ILE B 553 12.18 9.63 14.28
C ILE B 553 11.06 9.85 15.30
N ALA B 554 11.18 10.91 16.08
CA ALA B 554 10.28 11.18 17.19
C ALA B 554 9.80 12.61 17.09
N LYS B 555 8.49 12.81 17.18
CA LYS B 555 7.91 14.14 17.19
C LYS B 555 7.03 14.26 18.41
N ARG B 556 7.09 15.40 19.10
CA ARG B 556 6.38 15.50 20.35
C ARG B 556 5.78 16.89 20.50
N PHE B 557 4.90 16.99 21.47
CA PHE B 557 4.40 18.26 21.94
C PHE B 557 5.02 18.57 23.30
N ARG B 558 5.09 19.84 23.63
CA ARG B 558 5.40 20.17 25.01
C ARG B 558 4.17 19.89 25.85
N TYR B 559 4.41 19.48 27.09
CA TYR B 559 3.35 18.89 27.90
C TYR B 559 2.33 19.93 28.34
N ASP B 560 2.82 21.07 28.83
CA ASP B 560 1.95 22.10 29.36
C ASP B 560 1.07 22.70 28.27
N SER B 561 1.61 22.91 27.08
CA SER B 561 0.85 23.54 26.01
C SER B 561 -0.26 22.62 25.53
N ALA B 562 0.02 21.31 25.49
CA ALA B 562 -1.01 20.37 25.08
C ALA B 562 -2.09 20.25 26.14
N LEU B 563 -1.71 20.33 27.42
CA LEU B 563 -2.71 20.34 28.48
C LEU B 563 -3.59 21.56 28.40
N VAL B 564 -2.98 22.71 28.09
CA VAL B 564 -3.70 23.96 27.93
C VAL B 564 -4.69 23.87 26.78
N SER B 565 -4.26 23.31 25.65
CA SER B 565 -5.15 23.23 24.51
C SER B 565 -6.26 22.22 24.73
N ALA B 566 -6.00 21.17 25.50
CA ALA B 566 -7.07 20.24 25.83
C ALA B 566 -8.12 20.90 26.71
N LEU B 567 -7.68 21.72 27.66
CA LEU B 567 -8.64 22.42 28.51
C LEU B 567 -9.44 23.46 27.72
N MET B 568 -8.78 24.17 26.80
CA MET B 568 -9.49 25.12 25.96
C MET B 568 -10.45 24.43 25.01
N ASP B 569 -10.15 23.19 24.63
CA ASP B 569 -11.10 22.42 23.83
C ASP B 569 -12.34 22.07 24.65
N MET B 570 -12.14 21.56 25.86
CA MET B 570 -13.28 21.14 26.67
C MET B 570 -13.91 22.28 27.46
N GLU B 571 -13.53 23.51 27.15
CA GLU B 571 -14.08 24.72 27.78
C GLU B 571 -15.60 24.78 27.79
N GLU B 572 -16.25 24.59 26.63
CA GLU B 572 -17.70 24.76 26.57
C GLU B 572 -18.41 23.67 27.35
N ASP B 573 -17.84 22.46 27.33
CA ASP B 573 -18.41 21.37 28.09
C ASP B 573 -18.27 21.61 29.58
N ILE B 574 -17.14 22.18 30.03
CA ILE B 574 -17.00 22.38 31.47
C ILE B 574 -17.87 23.55 31.92
N LEU B 575 -18.11 24.52 31.04
CA LEU B 575 -19.06 25.59 31.31
C LEU B 575 -20.46 25.04 31.53
N GLU B 576 -20.92 24.19 30.61
CA GLU B 576 -22.29 23.70 30.75
C GLU B 576 -22.39 22.65 31.84
N GLY B 577 -21.29 21.98 32.17
CA GLY B 577 -21.29 21.06 33.28
C GLY B 577 -21.47 21.78 34.62
N MET B 578 -20.72 22.86 34.82
CA MET B 578 -20.88 23.59 36.07
C MET B 578 -22.18 24.38 36.11
N ARG B 579 -22.75 24.71 34.95
CA ARG B 579 -24.12 25.23 34.95
C ARG B 579 -25.12 24.16 35.37
N SER B 580 -24.95 22.94 34.85
CA SER B 580 -25.89 21.87 35.14
C SER B 580 -25.79 21.39 36.57
N GLN B 581 -24.65 21.60 37.21
CA GLN B 581 -24.51 21.19 38.60
C GLN B 581 -24.86 22.29 39.58
N ASP B 582 -25.73 23.23 39.18
CA ASP B 582 -26.35 24.23 40.05
C ASP B 582 -25.31 25.13 40.71
N LEU B 583 -24.53 25.79 39.86
CA LEU B 583 -23.53 26.74 40.32
C LEU B 583 -23.50 27.94 39.38
N ASP B 584 -22.58 28.85 39.64
CA ASP B 584 -22.51 30.05 38.85
C ASP B 584 -21.58 29.87 37.66
N ASP B 585 -21.85 30.66 36.60
CA ASP B 585 -20.91 30.70 35.48
C ASP B 585 -19.67 31.48 35.84
N TYR B 586 -19.73 32.31 36.87
CA TYR B 586 -18.56 33.01 37.39
C TYR B 586 -18.10 32.25 38.63
N LEU B 587 -16.87 31.73 38.57
CA LEU B 587 -16.30 30.97 39.68
C LEU B 587 -14.80 30.84 39.45
N ASN B 588 -14.00 31.35 40.38
CA ASN B 588 -12.57 31.15 40.29
C ASN B 588 -12.23 29.76 40.81
N GLY B 589 -10.99 29.35 40.56
CA GLY B 589 -10.57 28.01 40.90
C GLY B 589 -10.36 27.77 42.38
N PRO B 590 -9.63 26.71 42.73
CA PRO B 590 -8.90 25.83 41.81
C PRO B 590 -9.68 24.61 41.34
N PHE B 591 -9.71 24.44 40.02
CA PHE B 591 -10.22 23.22 39.42
C PHE B 591 -9.11 22.18 39.53
N THR B 592 -9.43 21.01 40.06
CA THR B 592 -8.46 19.93 40.15
C THR B 592 -8.81 18.89 39.10
N VAL B 593 -7.83 18.55 38.28
CA VAL B 593 -8.04 17.73 37.10
C VAL B 593 -7.27 16.44 37.28
N VAL B 594 -7.96 15.31 37.17
CA VAL B 594 -7.34 14.00 37.29
C VAL B 594 -7.23 13.39 35.91
N VAL B 595 -6.01 12.98 35.56
CA VAL B 595 -5.59 12.68 34.19
C VAL B 595 -5.09 11.25 34.11
N LYS B 596 -5.66 10.47 33.19
CA LYS B 596 -5.16 9.15 32.88
C LYS B 596 -3.85 9.26 32.10
N GLU B 597 -2.92 8.36 32.39
CA GLU B 597 -1.61 8.34 31.75
C GLU B 597 -1.36 6.98 31.14
N SER B 598 -0.96 6.95 29.86
CA SER B 598 -0.85 5.69 29.13
C SER B 598 0.29 5.74 28.14
N CYS B 599 0.69 4.54 27.68
CA CYS B 599 1.68 4.38 26.62
C CYS B 599 1.53 2.98 26.03
N ASP B 600 1.71 2.86 24.72
CA ASP B 600 1.59 1.57 24.05
C ASP B 600 2.24 1.65 22.67
N GLY B 601 2.85 0.54 22.27
CA GLY B 601 3.34 0.37 20.92
C GLY B 601 2.32 -0.32 20.05
N MET B 602 2.38 0.00 18.75
CA MET B 602 1.37 -0.48 17.82
C MET B 602 1.92 -1.47 16.81
N GLY B 603 3.02 -2.14 17.11
CA GLY B 603 3.53 -3.20 16.26
C GLY B 603 4.07 -2.74 14.93
N ASP B 604 3.63 -3.37 13.85
CA ASP B 604 4.15 -3.11 12.52
C ASP B 604 3.28 -2.07 11.82
N VAL B 605 3.92 -1.24 11.01
CA VAL B 605 3.22 -0.20 10.26
C VAL B 605 3.67 -0.20 8.81
N SER B 606 4.40 -1.22 8.39
CA SER B 606 4.99 -1.25 7.05
C SER B 606 3.94 -1.68 6.03
N GLU B 607 4.08 -1.18 4.81
CA GLU B 607 3.24 -1.58 3.70
C GLU B 607 4.11 -1.83 2.48
N LYS B 608 4.40 -3.11 2.22
CA LYS B 608 5.18 -3.52 1.07
C LYS B 608 4.42 -4.60 0.33
N HIS B 609 4.03 -4.31 -0.91
CA HIS B 609 3.28 -5.28 -1.71
C HIS B 609 4.17 -6.40 -2.21
N GLY B 610 5.47 -6.13 -2.28
CA GLY B 610 6.43 -7.12 -2.71
C GLY B 610 7.82 -6.81 -2.18
N SER B 611 8.84 -7.03 -3.03
CA SER B 611 10.25 -6.78 -2.74
C SER B 611 10.72 -7.58 -1.51
N GLY B 612 10.14 -8.76 -1.34
CA GLY B 612 10.39 -9.59 -0.19
C GLY B 612 9.82 -8.98 1.07
N PRO B 613 10.32 -9.40 2.23
CA PRO B 613 10.01 -8.69 3.47
C PRO B 613 10.82 -7.41 3.56
N ALA B 614 10.13 -6.30 3.78
CA ALA B 614 10.84 -5.02 3.69
C ALA B 614 11.60 -4.69 4.98
N VAL B 615 10.87 -4.38 6.05
CA VAL B 615 11.38 -3.86 7.33
C VAL B 615 10.32 -4.17 8.38
N PRO B 616 10.68 -4.69 9.58
CA PRO B 616 9.69 -4.89 10.64
C PRO B 616 9.04 -3.60 11.14
N GLU B 617 9.84 -2.56 11.40
CA GLU B 617 9.39 -1.17 11.58
C GLU B 617 8.42 -1.00 12.74
N LYS B 618 8.92 -1.22 13.94
CA LYS B 618 8.09 -1.07 15.12
C LYS B 618 8.08 0.36 15.63
N ALA B 619 6.94 0.79 16.14
CA ALA B 619 6.72 2.16 16.57
C ALA B 619 5.82 2.18 17.81
N VAL B 620 5.78 3.34 18.47
CA VAL B 620 5.13 3.45 19.78
C VAL B 620 4.72 4.90 20.02
N ARG B 621 3.53 5.07 20.61
CA ARG B 621 2.97 6.36 20.97
C ARG B 621 3.08 6.57 22.47
N PHE B 622 2.86 7.82 22.87
CA PHE B 622 2.76 8.17 24.29
C PHE B 622 1.70 9.25 24.39
N SER B 623 0.69 8.99 25.21
CA SER B 623 -0.58 9.71 25.16
C SER B 623 -1.14 9.88 26.57
N PHE B 624 -2.21 10.66 26.66
CA PHE B 624 -2.91 10.92 27.91
C PHE B 624 -4.39 11.11 27.64
N THR B 625 -5.16 11.25 28.72
CA THR B 625 -6.60 11.40 28.62
C THR B 625 -7.09 12.12 29.87
N VAL B 626 -7.84 13.20 29.69
CA VAL B 626 -8.44 13.87 30.84
C VAL B 626 -9.58 13.01 31.35
N MET B 627 -9.42 12.49 32.58
CA MET B 627 -10.42 11.57 33.08
C MET B 627 -11.55 12.30 33.80
N ARG B 628 -11.24 13.05 34.84
CA ARG B 628 -12.31 13.74 35.55
C ARG B 628 -11.84 15.09 36.03
N ILE B 629 -12.81 16.00 36.20
CA ILE B 629 -12.53 17.33 36.71
C ILE B 629 -13.42 17.55 37.92
N THR B 630 -12.86 18.12 38.98
CA THR B 630 -13.62 18.38 40.18
C THR B 630 -13.31 19.78 40.71
N ILE B 631 -14.18 20.22 41.63
CA ILE B 631 -14.16 21.55 42.22
C ILE B 631 -14.91 21.48 43.54
N GLU B 632 -14.42 22.23 44.51
CA GLU B 632 -15.07 22.40 45.80
C GLU B 632 -15.77 23.75 45.84
N HIS B 633 -16.71 23.88 46.77
CA HIS B 633 -17.24 25.17 47.19
C HIS B 633 -17.22 25.13 48.72
N GLY B 634 -16.35 25.95 49.30
CA GLY B 634 -16.05 25.85 50.71
C GLY B 634 -15.37 24.53 51.01
N SER B 635 -16.08 23.64 51.70
CA SER B 635 -15.59 22.31 52.02
C SER B 635 -16.25 21.19 51.22
N GLN B 636 -17.36 21.48 50.54
CA GLN B 636 -18.06 20.46 49.79
C GLN B 636 -17.55 20.42 48.36
N ASN B 637 -16.99 19.28 47.96
CA ASN B 637 -16.49 19.09 46.61
C ASN B 637 -17.60 18.56 45.71
N VAL B 638 -17.45 18.82 44.42
CA VAL B 638 -18.40 18.29 43.45
C VAL B 638 -17.63 17.82 42.22
N LYS B 639 -17.95 16.63 41.75
CA LYS B 639 -17.53 16.18 40.45
C LYS B 639 -18.21 17.06 39.41
N VAL B 640 -17.44 17.95 38.81
CA VAL B 640 -18.04 18.83 37.82
C VAL B 640 -18.01 18.20 36.43
N PHE B 641 -17.06 17.31 36.15
CA PHE B 641 -17.09 16.65 34.86
C PHE B 641 -16.55 15.24 34.93
N GLU B 642 -17.32 14.31 34.35
CA GLU B 642 -16.96 12.91 34.27
C GLU B 642 -16.98 12.49 32.80
N GLU B 643 -16.09 11.59 32.43
CA GLU B 643 -16.01 11.14 31.05
C GLU B 643 -16.72 9.80 30.88
N PRO B 644 -17.54 9.65 29.83
CA PRO B 644 -18.34 8.43 29.73
C PRO B 644 -17.58 7.21 29.26
N LYS B 645 -16.64 7.37 28.32
CA LYS B 645 -15.91 6.24 27.75
C LYS B 645 -14.42 6.48 27.92
N PRO B 646 -13.79 5.84 28.89
CA PRO B 646 -12.40 6.16 29.21
C PRO B 646 -11.40 5.61 28.21
N ASN B 647 -11.57 4.37 27.79
CA ASN B 647 -10.53 3.66 27.04
C ASN B 647 -10.82 3.66 25.55
N SER B 648 -11.74 4.53 25.15
CA SER B 648 -12.17 4.60 23.76
C SER B 648 -11.11 5.28 22.91
N GLU B 649 -11.32 5.22 21.60
CA GLU B 649 -10.34 5.72 20.66
C GLU B 649 -10.49 7.21 20.39
N LEU B 650 -11.52 7.85 20.94
CA LEU B 650 -11.77 9.24 20.61
C LEU B 650 -11.37 10.21 21.71
N CYS B 651 -10.67 9.75 22.72
CA CYS B 651 -10.29 10.58 23.86
C CYS B 651 -8.87 10.29 24.31
N CYS B 652 -8.04 9.78 23.42
CA CYS B 652 -6.64 9.49 23.75
C CYS B 652 -5.73 10.46 23.02
N LYS B 653 -5.52 11.62 23.62
CA LYS B 653 -4.74 12.68 23.00
C LYS B 653 -3.26 12.32 23.08
N PRO B 654 -2.53 12.33 21.98
CA PRO B 654 -1.14 11.87 22.02
C PRO B 654 -0.15 12.99 22.26
N LEU B 655 0.84 12.69 23.10
CA LEU B 655 1.95 13.63 23.30
C LEU B 655 3.03 13.44 22.25
N CYS B 656 3.48 12.20 22.09
CA CYS B 656 4.68 11.96 21.29
C CYS B 656 4.56 10.67 20.52
N LEU B 657 5.19 10.66 19.37
CA LEU B 657 5.26 9.47 18.52
C LEU B 657 6.71 9.21 18.19
N MET B 658 7.11 7.93 18.26
CA MET B 658 8.44 7.58 17.77
C MET B 658 8.38 6.23 17.09
N LEU B 659 9.20 6.11 16.05
CA LEU B 659 9.36 4.86 15.31
C LEU B 659 10.50 4.11 15.98
N ALA B 660 10.16 3.32 16.99
CA ALA B 660 11.18 2.59 17.73
C ALA B 660 10.57 1.33 18.30
N ASP B 661 11.43 0.39 18.67
CA ASP B 661 10.98 -0.83 19.30
C ASP B 661 10.51 -0.54 20.71
N GLU B 662 9.55 -1.33 21.20
CA GLU B 662 9.06 -1.16 22.56
C GLU B 662 10.11 -1.54 23.58
N SER B 663 10.92 -2.57 23.30
CA SER B 663 11.92 -3.02 24.27
C SER B 663 13.28 -2.38 24.07
N ASP B 664 13.46 -1.57 23.03
CA ASP B 664 14.74 -0.91 22.82
C ASP B 664 14.88 0.16 23.87
N HIS B 665 15.57 -0.19 24.96
CA HIS B 665 15.37 0.47 26.24
C HIS B 665 15.92 1.89 26.25
N GLU B 666 17.17 2.06 25.82
CA GLU B 666 17.87 3.32 26.05
C GLU B 666 17.32 4.43 25.18
N THR B 667 16.96 4.13 23.93
CA THR B 667 16.32 5.12 23.07
C THR B 667 14.97 5.54 23.64
N LEU B 668 14.23 4.57 24.16
CA LEU B 668 12.90 4.85 24.71
C LEU B 668 12.99 5.77 25.91
N THR B 669 13.86 5.44 26.88
CA THR B 669 13.94 6.31 28.04
C THR B 669 14.59 7.64 27.71
N ALA B 670 15.45 7.67 26.68
CA ALA B 670 16.11 8.91 26.32
C ALA B 670 15.15 9.88 25.67
N ILE B 671 14.15 9.38 24.95
CA ILE B 671 13.14 10.30 24.44
C ILE B 671 12.11 10.62 25.50
N LEU B 672 11.73 9.65 26.32
CA LEU B 672 10.62 9.92 27.22
C LEU B 672 11.01 10.65 28.50
N SER B 673 12.30 10.74 28.81
CA SER B 673 12.70 11.39 30.06
C SER B 673 12.41 12.89 30.18
N PRO B 674 12.51 13.74 29.14
CA PRO B 674 12.15 15.15 29.36
C PRO B 674 10.67 15.37 29.63
N LEU B 675 9.80 14.53 29.07
CA LEU B 675 8.39 14.66 29.40
C LEU B 675 8.12 14.26 30.84
N ILE B 676 8.89 13.31 31.35
CA ILE B 676 8.84 12.97 32.77
C ILE B 676 9.28 14.16 33.60
N ALA B 677 10.33 14.85 33.15
CA ALA B 677 10.82 16.03 33.87
C ALA B 677 9.78 17.14 33.86
N GLU B 678 9.09 17.31 32.74
CA GLU B 678 8.03 18.31 32.67
C GLU B 678 6.87 17.94 33.58
N ARG B 679 6.58 16.65 33.69
CA ARG B 679 5.49 16.20 34.55
C ARG B 679 5.82 16.45 36.00
N GLU B 680 7.04 16.12 36.42
CA GLU B 680 7.38 16.31 37.82
C GLU B 680 7.57 17.78 38.16
N ALA B 681 7.94 18.61 37.19
CA ALA B 681 7.92 20.04 37.44
C ALA B 681 6.49 20.57 37.53
N MET B 682 5.57 19.95 36.80
CA MET B 682 4.19 20.41 36.79
C MET B 682 3.41 19.95 38.01
N LYS B 683 3.91 18.92 38.70
CA LYS B 683 3.17 18.35 39.82
C LYS B 683 2.92 19.32 40.97
N SER B 684 3.81 20.30 41.14
CA SER B 684 3.72 21.22 42.27
C SER B 684 3.57 22.65 41.79
N SER B 685 2.68 22.87 40.82
CA SER B 685 2.52 24.17 40.19
C SER B 685 1.05 24.59 40.22
N GLU B 686 0.77 25.74 39.62
CA GLU B 686 -0.57 26.31 39.57
C GLU B 686 -0.76 26.91 38.18
N LEU B 687 -1.75 26.40 37.45
CA LEU B 687 -2.05 26.96 36.14
C LEU B 687 -3.08 28.07 36.28
N THR B 688 -2.96 29.09 35.42
CA THR B 688 -3.91 30.19 35.36
C THR B 688 -4.27 30.45 33.91
N LEU B 689 -5.58 30.47 33.65
CA LEU B 689 -6.17 30.49 32.31
C LEU B 689 -7.29 31.52 32.27
N GLU B 690 -7.76 31.84 31.07
CA GLU B 690 -8.74 32.90 30.84
C GLU B 690 -9.88 32.41 29.96
N MET B 691 -10.49 31.28 30.33
CA MET B 691 -11.49 30.69 29.43
C MET B 691 -12.80 31.45 29.43
N GLY B 692 -13.53 31.47 30.54
CA GLY B 692 -14.86 32.04 30.50
C GLY B 692 -14.91 33.53 30.74
N GLY B 693 -14.03 34.28 30.09
CA GLY B 693 -13.92 35.70 30.30
C GLY B 693 -13.33 36.13 31.63
N ILE B 694 -12.99 35.19 32.50
CA ILE B 694 -12.49 35.44 33.84
C ILE B 694 -11.37 34.44 34.09
N PRO B 695 -10.38 34.76 34.92
CA PRO B 695 -9.29 33.80 35.13
C PRO B 695 -9.70 32.65 36.02
N ARG B 696 -9.14 31.47 35.74
CA ARG B 696 -9.32 30.28 36.53
C ARG B 696 -7.95 29.72 36.89
N THR B 697 -7.88 29.01 38.01
CA THR B 697 -6.67 28.38 38.50
C THR B 697 -6.85 26.87 38.54
N PHE B 698 -5.73 26.16 38.40
CA PHE B 698 -5.76 24.71 38.22
C PHE B 698 -4.61 24.05 38.97
N LYS B 699 -4.91 22.94 39.61
CA LYS B 699 -3.95 21.96 40.11
C LYS B 699 -4.11 20.66 39.34
N PHE B 700 -3.19 19.73 39.54
CA PHE B 700 -3.21 18.51 38.74
C PHE B 700 -2.81 17.30 39.57
N ILE B 701 -3.23 16.13 39.10
CA ILE B 701 -2.96 14.84 39.72
C ILE B 701 -2.87 13.82 38.59
N PHE B 702 -1.82 13.01 38.59
CA PHE B 702 -1.60 12.08 37.50
C PHE B 702 -1.60 10.64 37.97
N ARG B 703 -2.32 9.79 37.26
CA ARG B 703 -2.39 8.37 37.57
C ARG B 703 -1.84 7.61 36.37
N GLY B 704 -0.68 7.02 36.53
CA GLY B 704 -0.10 6.20 35.49
C GLY B 704 -0.65 4.79 35.51
N THR B 705 -1.86 4.61 34.98
CA THR B 705 -2.48 3.30 34.98
C THR B 705 -2.58 2.67 33.61
N GLY B 706 -2.41 3.43 32.54
CA GLY B 706 -2.67 2.89 31.23
C GLY B 706 -1.51 2.17 30.59
N TYR B 707 -0.83 1.31 31.33
CA TYR B 707 0.28 0.53 30.81
C TYR B 707 -0.14 -0.92 30.70
N ASP B 708 0.58 -1.68 29.90
CA ASP B 708 0.36 -3.12 29.86
C ASP B 708 1.48 -3.82 30.63
N GLU B 709 1.36 -5.15 30.74
CA GLU B 709 2.10 -5.90 31.75
C GLU B 709 3.58 -5.98 31.43
N LYS B 710 3.93 -6.32 30.19
CA LYS B 710 5.31 -6.44 29.80
C LYS B 710 6.03 -5.12 29.88
N LEU B 711 5.32 -4.02 29.61
CA LEU B 711 5.93 -2.72 29.71
C LEU B 711 6.10 -2.24 31.15
N VAL B 712 5.13 -2.53 32.03
CA VAL B 712 5.29 -2.08 33.40
C VAL B 712 6.34 -2.92 34.13
N ARG B 713 6.54 -4.17 33.73
CA ARG B 713 7.65 -4.94 34.28
C ARG B 713 9.00 -4.49 33.74
N GLU B 714 9.02 -3.81 32.60
CA GLU B 714 10.24 -3.36 31.97
C GLU B 714 10.67 -1.97 32.39
N VAL B 715 9.74 -1.03 32.50
CA VAL B 715 10.12 0.36 32.75
C VAL B 715 10.13 0.72 34.23
N GLU B 716 9.69 -0.17 35.10
CA GLU B 716 9.82 0.08 36.52
C GLU B 716 11.09 -0.53 37.08
N GLY B 717 11.57 -1.62 36.51
CA GLY B 717 12.82 -2.23 36.92
C GLY B 717 12.67 -3.64 37.44
N LEU B 718 11.59 -4.33 37.09
CA LEU B 718 11.41 -5.67 37.59
C LEU B 718 11.99 -6.68 36.61
N GLU B 719 11.93 -7.95 37.00
CA GLU B 719 12.24 -9.03 36.09
C GLU B 719 11.17 -9.13 35.02
N ALA B 720 11.55 -9.63 33.83
CA ALA B 720 10.64 -9.67 32.71
C ALA B 720 9.45 -10.60 32.95
N SER B 721 9.68 -11.91 32.92
CA SER B 721 8.61 -12.84 33.28
C SER B 721 9.05 -14.08 34.02
N GLY B 722 10.29 -14.52 33.87
CA GLY B 722 10.72 -15.81 34.35
C GLY B 722 11.21 -15.85 35.76
N SER B 723 10.79 -14.92 36.60
CA SER B 723 11.23 -14.94 37.99
C SER B 723 10.31 -15.81 38.82
N VAL B 724 10.61 -15.84 40.12
CA VAL B 724 9.64 -16.36 41.07
C VAL B 724 8.69 -15.23 41.47
N TYR B 725 9.02 -14.00 41.10
CA TYR B 725 8.25 -12.84 41.52
C TYR B 725 7.24 -12.47 40.46
N ILE B 726 5.96 -12.64 40.77
CA ILE B 726 4.90 -12.48 39.79
C ILE B 726 3.97 -11.32 40.14
N CYS B 727 3.88 -10.94 41.40
CA CYS B 727 2.95 -9.91 41.79
C CYS B 727 3.59 -8.54 41.67
N THR B 728 2.92 -7.63 40.98
CA THR B 728 3.42 -6.27 40.88
C THR B 728 2.94 -5.39 42.03
N LEU B 729 2.24 -5.96 42.99
CA LEU B 729 1.88 -5.25 44.21
C LEU B 729 2.45 -5.86 45.47
N CYS B 730 2.23 -7.18 45.63
CA CYS B 730 2.75 -7.94 46.79
C CYS B 730 4.05 -8.65 46.38
N ASP B 731 4.95 -8.89 47.34
CA ASP B 731 6.22 -9.55 47.06
C ASP B 731 6.12 -11.06 47.18
N THR B 732 4.98 -11.63 46.83
CA THR B 732 4.75 -13.05 47.01
C THR B 732 5.43 -13.82 45.89
N THR B 733 6.18 -14.84 46.27
CA THR B 733 6.83 -15.69 45.29
C THR B 733 5.82 -16.63 44.62
N ARG B 734 6.27 -17.30 43.57
CA ARG B 734 5.44 -18.30 42.91
C ARG B 734 5.17 -19.48 43.84
N LEU B 735 6.13 -19.79 44.70
CA LEU B 735 5.92 -20.84 45.71
C LEU B 735 4.82 -20.48 46.68
N GLU B 736 4.87 -19.26 47.24
CA GLU B 736 3.87 -18.85 48.21
C GLU B 736 2.52 -18.54 47.57
N ALA B 737 2.51 -18.18 46.28
CA ALA B 737 1.25 -17.86 45.62
C ALA B 737 0.37 -19.09 45.47
N SER B 738 0.96 -20.23 45.17
CA SER B 738 0.21 -21.48 45.24
C SER B 738 -0.15 -21.83 46.67
N GLN B 739 0.69 -21.46 47.63
CA GLN B 739 0.42 -21.78 49.03
C GLN B 739 -0.56 -20.82 49.68
N ASN B 740 -0.20 -19.55 49.80
CA ASN B 740 -1.11 -18.54 50.32
C ASN B 740 -1.87 -17.95 49.14
N LEU B 741 -3.19 -17.84 49.28
CA LEU B 741 -4.03 -17.50 48.14
C LEU B 741 -4.50 -16.06 48.18
N VAL B 742 -4.89 -15.57 49.36
CA VAL B 742 -5.49 -14.26 49.46
C VAL B 742 -4.85 -13.38 50.52
N PHE B 743 -4.16 -13.95 51.50
CA PHE B 743 -3.73 -13.18 52.65
C PHE B 743 -2.46 -12.38 52.36
N HIS B 744 -2.59 -11.33 51.55
CA HIS B 744 -1.48 -10.45 51.23
C HIS B 744 -2.00 -9.02 51.25
N SER B 745 -1.13 -8.09 50.86
CA SER B 745 -1.50 -6.68 50.82
C SER B 745 -0.79 -6.03 49.66
N ILE B 746 -0.83 -4.70 49.64
CA ILE B 746 -0.09 -3.92 48.64
C ILE B 746 1.11 -3.31 49.33
N THR B 747 2.30 -3.62 48.82
CA THR B 747 3.54 -3.26 49.51
C THR B 747 4.58 -2.71 48.54
N ARG B 748 4.19 -2.42 47.31
CA ARG B 748 5.14 -1.90 46.35
C ARG B 748 4.86 -0.43 46.12
N SER B 749 5.91 0.37 46.17
CA SER B 749 5.80 1.81 45.96
C SER B 749 7.04 2.27 45.21
N HIS B 750 7.07 3.54 44.85
CA HIS B 750 8.13 4.02 43.98
C HIS B 750 9.41 4.32 44.77
N ALA B 751 9.28 5.04 45.88
CA ALA B 751 10.46 5.48 46.62
C ALA B 751 11.17 4.30 47.28
N GLU B 752 10.41 3.33 47.77
CA GLU B 752 11.02 2.13 48.32
C GLU B 752 11.68 1.31 47.22
N ASN B 753 11.17 1.39 45.99
CA ASN B 753 11.82 0.69 44.88
C ASN B 753 13.13 1.35 44.52
N LEU B 754 13.17 2.69 44.58
CA LEU B 754 14.42 3.41 44.44
C LEU B 754 15.41 3.01 45.53
N GLN B 755 14.93 2.90 46.75
CA GLN B 755 15.78 2.51 47.87
C GLN B 755 16.29 1.09 47.70
N ARG B 756 15.44 0.20 47.19
CA ARG B 756 15.84 -1.19 46.95
C ARG B 756 16.88 -1.27 45.85
N TYR B 757 16.74 -0.44 44.81
CA TYR B 757 17.75 -0.42 43.77
C TYR B 757 19.08 0.11 44.29
N GLU B 758 19.01 1.08 45.19
CA GLU B 758 20.24 1.59 45.79
C GLU B 758 20.89 0.54 46.68
N VAL B 759 20.07 -0.29 47.32
CA VAL B 759 20.59 -1.43 48.08
C VAL B 759 21.27 -2.42 47.14
N TRP B 760 20.67 -2.64 45.97
CA TRP B 760 21.26 -3.54 44.99
C TRP B 760 22.57 -3.00 44.45
N ARG B 761 22.69 -1.69 44.34
CA ARG B 761 23.96 -1.12 43.91
C ARG B 761 25.01 -1.23 44.99
N SER B 762 24.68 -0.81 46.21
CA SER B 762 25.68 -0.66 47.26
C SER B 762 26.16 -2.00 47.79
N ASN B 763 25.22 -2.94 47.98
CA ASN B 763 25.43 -4.26 48.59
C ASN B 763 26.07 -4.09 49.95
N PRO B 764 25.35 -3.59 50.94
CA PRO B 764 26.01 -3.17 52.19
C PRO B 764 26.42 -4.31 53.09
N TYR B 765 25.84 -5.49 52.92
CA TYR B 765 26.15 -6.59 53.82
C TYR B 765 27.00 -7.67 53.18
N HIS B 766 27.48 -7.43 51.96
CA HIS B 766 28.45 -8.28 51.26
C HIS B 766 27.95 -9.71 51.11
N GLU B 767 26.66 -9.83 50.84
CA GLU B 767 26.02 -11.13 50.77
C GLU B 767 26.24 -11.73 49.38
N SER B 768 25.71 -12.94 49.21
CA SER B 768 25.85 -13.62 47.93
C SER B 768 24.79 -13.13 46.95
N VAL B 769 24.75 -13.78 45.80
CA VAL B 769 23.92 -13.29 44.70
C VAL B 769 22.47 -13.63 44.93
N GLU B 770 22.18 -14.86 45.37
CA GLU B 770 20.80 -15.32 45.48
C GLU B 770 20.09 -14.65 46.64
N GLU B 771 20.81 -14.38 47.72
CA GLU B 771 20.16 -13.73 48.85
C GLU B 771 19.92 -12.26 48.56
N LEU B 772 20.73 -11.64 47.70
CA LEU B 772 20.34 -10.33 47.17
C LEU B 772 19.11 -10.45 46.29
N ARG B 773 19.05 -11.51 45.48
CA ARG B 773 17.94 -11.73 44.56
C ARG B 773 16.63 -11.90 45.30
N ASP B 774 16.67 -12.53 46.47
CA ASP B 774 15.43 -12.63 47.25
C ASP B 774 15.26 -11.48 48.24
N ARG B 775 16.32 -10.74 48.56
CA ARG B 775 16.19 -9.61 49.44
C ARG B 775 15.53 -8.42 48.76
N VAL B 776 15.88 -8.16 47.51
CA VAL B 776 15.32 -6.99 46.82
C VAL B 776 13.98 -7.28 46.16
N LYS B 777 13.55 -8.54 46.13
CA LYS B 777 12.33 -9.00 45.45
C LYS B 777 12.30 -8.58 43.98
N GLY B 778 13.27 -9.08 43.21
CA GLY B 778 13.26 -8.91 41.78
C GLY B 778 13.68 -7.54 41.27
N VAL B 779 14.12 -6.65 42.15
CA VAL B 779 14.56 -5.33 41.72
C VAL B 779 15.92 -5.46 41.06
N SER B 780 16.01 -5.02 39.81
CA SER B 780 17.28 -5.15 39.10
C SER B 780 17.72 -3.83 38.47
N ALA B 781 16.78 -3.06 37.94
CA ALA B 781 17.09 -1.87 37.17
C ALA B 781 16.67 -0.62 37.95
N LYS B 782 17.25 0.51 37.55
CA LYS B 782 16.90 1.78 38.17
C LYS B 782 15.48 2.16 37.78
N PRO B 783 14.58 2.36 38.72
CA PRO B 783 13.24 2.85 38.37
C PRO B 783 13.30 4.30 37.92
N PHE B 784 12.49 4.62 36.91
CA PHE B 784 12.46 6.00 36.45
C PHE B 784 11.08 6.51 36.06
N ILE B 785 10.01 5.73 36.21
CA ILE B 785 8.67 6.19 35.89
C ILE B 785 7.73 5.73 36.99
N GLU B 786 7.05 6.67 37.63
CA GLU B 786 6.04 6.35 38.63
C GLU B 786 4.85 5.73 37.94
N THR B 787 4.29 4.68 38.52
CA THR B 787 3.23 3.93 37.88
C THR B 787 2.37 3.22 38.91
N VAL B 788 1.07 3.51 38.87
CA VAL B 788 0.12 2.81 39.72
C VAL B 788 -0.60 1.78 38.86
N PRO B 789 -0.39 0.49 39.08
CA PRO B 789 -0.89 -0.51 38.14
C PRO B 789 -2.28 -1.00 38.47
N SER B 790 -2.93 -1.59 37.48
CA SER B 790 -4.28 -2.12 37.62
C SER B 790 -4.44 -3.29 36.66
N ILE B 791 -5.69 -3.69 36.46
CA ILE B 791 -6.03 -4.83 35.62
C ILE B 791 -7.22 -4.48 34.74
N ASP B 792 -7.68 -5.48 33.99
CA ASP B 792 -8.89 -5.40 33.20
C ASP B 792 -9.57 -6.77 33.18
N ALA B 793 -10.91 -6.75 33.04
CA ALA B 793 -11.74 -7.91 33.38
C ALA B 793 -11.51 -9.09 32.44
N LEU B 794 -11.06 -8.81 31.21
CA LEU B 794 -10.79 -9.85 30.22
C LEU B 794 -9.70 -10.80 30.72
N HIS B 795 -8.64 -10.25 31.30
CA HIS B 795 -7.57 -11.09 31.82
C HIS B 795 -8.05 -11.87 33.04
N CYS B 796 -8.93 -11.27 33.84
CA CYS B 796 -9.48 -11.94 35.01
C CYS B 796 -10.25 -13.19 34.64
N ASP B 797 -11.29 -13.04 33.82
CA ASP B 797 -12.08 -14.24 33.53
C ASP B 797 -11.37 -15.17 32.55
N ILE B 798 -10.38 -14.66 31.79
CA ILE B 798 -9.67 -15.60 30.94
C ILE B 798 -8.69 -16.43 31.75
N GLY B 799 -8.15 -15.88 32.85
CA GLY B 799 -7.33 -16.71 33.72
C GLY B 799 -8.17 -17.69 34.48
N ASN B 800 -9.38 -17.26 34.88
CA ASN B 800 -10.32 -18.16 35.53
C ASN B 800 -10.67 -19.34 34.63
N ALA B 801 -11.06 -19.07 33.39
CA ALA B 801 -11.49 -20.16 32.50
C ALA B 801 -10.31 -21.02 32.05
N ALA B 802 -9.11 -20.42 31.98
CA ALA B 802 -7.93 -21.22 31.69
C ALA B 802 -7.62 -22.18 32.82
N GLU B 803 -7.94 -21.79 34.07
CA GLU B 803 -7.86 -22.75 35.16
C GLU B 803 -8.98 -23.79 35.06
N PHE B 804 -10.19 -23.35 34.76
CA PHE B 804 -11.37 -24.21 34.80
C PHE B 804 -11.34 -25.32 33.76
N TYR B 805 -10.77 -25.03 32.59
CA TYR B 805 -10.63 -26.05 31.55
C TYR B 805 -9.73 -27.18 32.03
N LYS B 806 -8.63 -26.84 32.69
CA LYS B 806 -7.75 -27.85 33.25
C LYS B 806 -8.42 -28.57 34.42
N ILE B 807 -9.28 -27.87 35.16
CA ILE B 807 -10.04 -28.50 36.24
C ILE B 807 -10.95 -29.59 35.67
N PHE B 808 -11.63 -29.29 34.56
CA PHE B 808 -12.50 -30.29 33.95
C PHE B 808 -11.71 -31.41 33.30
N GLN B 809 -10.50 -31.11 32.83
CA GLN B 809 -9.61 -32.15 32.32
C GLN B 809 -9.24 -33.14 33.42
N LEU B 810 -8.87 -32.63 34.59
CA LEU B 810 -8.56 -33.53 35.70
C LEU B 810 -9.81 -34.18 36.27
N GLU B 811 -10.98 -33.54 36.12
CA GLU B 811 -12.20 -34.15 36.61
C GLU B 811 -12.65 -35.31 35.75
N ILE B 812 -12.55 -35.18 34.42
CA ILE B 812 -12.76 -36.35 33.57
C ILE B 812 -11.60 -37.34 33.70
N GLY B 813 -10.45 -36.90 34.20
CA GLY B 813 -9.34 -37.82 34.36
C GLY B 813 -9.45 -38.79 35.50
N GLU B 814 -10.26 -38.49 36.52
CA GLU B 814 -10.33 -39.23 37.80
C GLU B 814 -8.93 -39.38 38.42
N VAL B 815 -8.18 -38.29 38.34
CA VAL B 815 -6.75 -38.33 38.64
C VAL B 815 -6.47 -38.50 40.14
N TYR B 816 -7.49 -38.32 41.00
CA TYR B 816 -7.35 -38.56 42.42
C TYR B 816 -7.00 -40.01 42.75
N LYS B 817 -7.37 -40.96 41.88
CA LYS B 817 -6.98 -42.35 42.06
C LYS B 817 -5.94 -42.80 41.05
N HIS B 818 -5.64 -41.99 40.04
CA HIS B 818 -4.53 -42.25 39.13
C HIS B 818 -3.45 -41.23 39.43
N PRO B 819 -2.50 -41.53 40.31
CA PRO B 819 -1.53 -40.50 40.75
C PRO B 819 -0.59 -40.05 39.65
N ASN B 820 -0.44 -40.84 38.61
CA ASN B 820 0.20 -40.42 37.38
C ASN B 820 -0.64 -40.96 36.22
N ALA B 821 -0.54 -40.32 35.07
CA ALA B 821 -1.11 -40.81 33.84
C ALA B 821 -0.11 -40.53 32.72
N SER B 822 -0.33 -41.14 31.56
CA SER B 822 0.39 -40.75 30.37
C SER B 822 -0.13 -39.40 29.91
N LYS B 823 0.72 -38.65 29.21
CA LYS B 823 0.30 -37.38 28.65
C LYS B 823 -0.77 -37.57 27.59
N GLU B 824 -0.63 -38.62 26.79
CA GLU B 824 -1.59 -38.87 25.71
C GLU B 824 -2.89 -39.40 26.25
N GLU B 825 -2.88 -39.99 27.45
CA GLU B 825 -4.12 -40.28 28.15
C GLU B 825 -4.86 -39.00 28.49
N ARG B 826 -4.12 -37.94 28.84
CA ARG B 826 -4.75 -36.66 29.08
C ARG B 826 -5.18 -35.99 27.78
N LYS B 827 -4.46 -36.25 26.69
CA LYS B 827 -4.90 -35.77 25.38
C LYS B 827 -6.19 -36.46 24.96
N ARG B 828 -6.31 -37.75 25.27
CA ARG B 828 -7.54 -38.48 24.97
C ARG B 828 -8.68 -38.02 25.86
N TRP B 829 -8.38 -37.71 27.12
CA TRP B 829 -9.37 -37.10 28.01
C TRP B 829 -9.87 -35.78 27.44
N GLN B 830 -8.93 -34.94 26.99
CA GLN B 830 -9.28 -33.65 26.40
C GLN B 830 -10.09 -33.81 25.13
N ALA B 831 -9.74 -34.79 24.29
CA ALA B 831 -10.46 -35.01 23.04
C ALA B 831 -11.87 -35.55 23.30
N THR B 832 -12.03 -36.38 24.32
CA THR B 832 -13.36 -36.83 24.72
C THR B 832 -14.18 -35.68 25.27
N LEU B 833 -13.55 -34.78 26.01
CA LEU B 833 -14.21 -33.54 26.42
C LEU B 833 -14.62 -32.70 25.23
N ASP B 834 -13.79 -32.66 24.19
CA ASP B 834 -14.09 -31.84 23.03
C ASP B 834 -15.26 -32.40 22.24
N LYS B 835 -15.26 -33.72 22.03
CA LYS B 835 -16.40 -34.39 21.42
C LYS B 835 -17.66 -34.23 22.27
N HIS B 836 -17.49 -34.22 23.59
CA HIS B 836 -18.62 -34.09 24.50
C HIS B 836 -19.22 -32.69 24.44
N LEU B 837 -18.38 -31.65 24.45
CA LEU B 837 -18.89 -30.30 24.37
C LEU B 837 -19.46 -30.00 22.99
N ARG B 838 -18.91 -30.63 21.95
CA ARG B 838 -19.51 -30.46 20.63
C ARG B 838 -20.85 -31.17 20.55
N LYS B 839 -20.99 -32.33 21.19
CA LYS B 839 -22.21 -33.09 21.05
C LYS B 839 -23.31 -32.57 21.96
N ARG B 840 -22.95 -31.85 23.03
CA ARG B 840 -23.98 -31.28 23.90
C ARG B 840 -24.17 -29.79 23.63
N MET B 841 -23.10 -29.02 23.75
CA MET B 841 -23.18 -27.57 23.65
C MET B 841 -23.29 -27.07 22.22
N ASN B 842 -22.79 -27.84 21.25
CA ASN B 842 -22.43 -27.35 19.92
C ASN B 842 -21.47 -26.16 20.07
N LEU B 843 -20.28 -26.49 20.55
CA LEU B 843 -19.19 -25.53 20.66
C LEU B 843 -18.01 -26.03 19.85
N LYS B 844 -17.34 -25.10 19.18
CA LYS B 844 -16.18 -25.44 18.35
C LYS B 844 -14.92 -25.24 19.17
N PRO B 845 -14.18 -26.30 19.49
CA PRO B 845 -12.97 -26.13 20.32
C PRO B 845 -11.83 -25.52 19.51
N ILE B 846 -10.91 -24.90 20.23
CA ILE B 846 -9.72 -24.29 19.64
C ILE B 846 -8.66 -24.22 20.73
N MET B 847 -7.40 -24.48 20.33
CA MET B 847 -6.28 -24.46 21.26
C MET B 847 -6.04 -23.08 21.83
N ARG B 848 -6.12 -22.03 21.01
CA ARG B 848 -5.98 -20.67 21.50
C ARG B 848 -7.25 -20.28 22.27
N MET B 849 -7.09 -19.54 23.35
CA MET B 849 -8.23 -19.08 24.13
C MET B 849 -8.38 -17.57 24.04
N ASN B 850 -9.57 -17.13 23.63
CA ASN B 850 -9.89 -15.72 23.63
C ASN B 850 -10.95 -15.46 24.70
N GLY B 851 -11.42 -14.22 24.78
CA GLY B 851 -12.44 -13.86 25.73
C GLY B 851 -13.79 -14.41 25.36
N ASN B 852 -14.00 -14.65 24.06
CA ASN B 852 -15.30 -15.11 23.59
C ASN B 852 -15.58 -16.53 24.04
N PHE B 853 -14.67 -17.46 23.76
CA PHE B 853 -14.87 -18.85 24.13
C PHE B 853 -14.87 -19.02 25.65
N ALA B 854 -14.03 -18.24 26.33
CA ALA B 854 -14.00 -18.26 27.78
C ALA B 854 -15.31 -17.74 28.37
N ARG B 855 -15.90 -16.71 27.76
CA ARG B 855 -17.13 -16.16 28.29
C ARG B 855 -18.31 -17.09 28.00
N LYS B 856 -18.33 -17.71 26.83
CA LYS B 856 -19.43 -18.62 26.53
C LYS B 856 -19.21 -20.01 27.11
N LEU B 857 -18.08 -20.25 27.77
CA LEU B 857 -17.94 -21.51 28.50
C LEU B 857 -18.69 -21.47 29.82
N MET B 858 -18.59 -20.37 30.57
CA MET B 858 -19.04 -20.33 31.96
C MET B 858 -20.56 -20.23 32.02
N THR B 859 -21.22 -21.37 31.83
CA THR B 859 -22.65 -21.46 32.06
C THR B 859 -22.93 -22.61 33.00
N GLN B 860 -24.06 -22.51 33.69
CA GLN B 860 -24.49 -23.58 34.58
C GLN B 860 -24.84 -24.84 33.80
N GLU B 861 -25.35 -24.69 32.59
CA GLU B 861 -25.74 -25.86 31.80
C GLU B 861 -24.53 -26.61 31.26
N THR B 862 -23.45 -25.91 30.92
CA THR B 862 -22.27 -26.61 30.42
C THR B 862 -21.54 -27.30 31.57
N VAL B 863 -21.55 -26.67 32.74
CA VAL B 863 -20.93 -27.33 33.88
C VAL B 863 -21.81 -28.48 34.36
N ASP B 864 -23.13 -28.40 34.09
CA ASP B 864 -24.00 -29.54 34.32
C ASP B 864 -23.70 -30.68 33.36
N ALA B 865 -23.48 -30.35 32.09
CA ALA B 865 -23.14 -31.34 31.07
C ALA B 865 -21.82 -32.02 31.38
N VAL B 866 -20.85 -31.29 31.92
CA VAL B 866 -19.58 -31.97 32.20
C VAL B 866 -19.62 -32.72 33.51
N CYS B 867 -20.40 -32.28 34.52
CA CYS B 867 -20.46 -33.10 35.72
C CYS B 867 -21.38 -34.30 35.57
N GLU B 868 -22.25 -34.32 34.56
CA GLU B 868 -23.06 -35.51 34.34
C GLU B 868 -22.24 -36.71 33.89
N LEU B 869 -21.03 -36.50 33.38
CA LEU B 869 -20.20 -37.59 32.90
C LEU B 869 -19.43 -38.25 34.05
N ILE B 870 -19.27 -37.55 35.16
CA ILE B 870 -18.47 -38.08 36.25
C ILE B 870 -19.40 -38.60 37.34
N PRO B 871 -19.09 -39.75 37.97
CA PRO B 871 -19.83 -40.16 39.17
C PRO B 871 -19.35 -39.45 40.41
N SER B 872 -19.80 -39.92 41.59
CA SER B 872 -19.49 -39.35 42.90
C SER B 872 -19.92 -37.89 42.97
N GLU B 873 -21.24 -37.69 42.96
CA GLU B 873 -21.91 -36.40 42.77
C GLU B 873 -21.60 -35.32 43.81
N GLU B 874 -20.86 -35.68 44.87
CA GLU B 874 -20.24 -34.67 45.72
C GLU B 874 -19.28 -33.81 44.92
N ARG B 875 -18.64 -34.40 43.90
CA ARG B 875 -17.86 -33.63 42.93
C ARG B 875 -18.74 -32.65 42.17
N HIS B 876 -19.96 -33.07 41.83
CA HIS B 876 -20.89 -32.18 41.13
C HIS B 876 -21.31 -31.03 42.03
N GLU B 877 -21.53 -31.31 43.31
CA GLU B 877 -21.86 -30.27 44.26
C GLU B 877 -20.69 -29.33 44.49
N ALA B 878 -19.46 -29.87 44.47
CA ALA B 878 -18.27 -29.05 44.63
C ALA B 878 -18.10 -28.08 43.48
N LEU B 879 -18.22 -28.57 42.25
CA LEU B 879 -18.11 -27.66 41.11
C LEU B 879 -19.32 -26.73 41.02
N ARG B 880 -20.46 -27.15 41.57
CA ARG B 880 -21.62 -26.28 41.60
C ARG B 880 -21.40 -25.09 42.53
N GLU B 881 -20.91 -25.35 43.75
CA GLU B 881 -20.54 -24.28 44.67
C GLU B 881 -19.44 -23.41 44.10
N LEU B 882 -18.48 -24.04 43.42
CA LEU B 882 -17.35 -23.33 42.85
C LEU B 882 -17.80 -22.38 41.74
N MET B 883 -18.65 -22.87 40.84
CA MET B 883 -19.22 -22.03 39.80
C MET B 883 -20.11 -20.95 40.38
N ASP B 884 -20.78 -21.24 41.50
CA ASP B 884 -21.60 -20.24 42.16
C ASP B 884 -20.76 -19.10 42.72
N LEU B 885 -19.63 -19.44 43.35
CA LEU B 885 -18.72 -18.41 43.84
C LEU B 885 -18.12 -17.63 42.68
N TYR B 886 -17.87 -18.29 41.56
CA TYR B 886 -17.35 -17.60 40.38
C TYR B 886 -18.36 -16.61 39.83
N LEU B 887 -19.61 -17.03 39.65
CA LEU B 887 -20.62 -16.13 39.10
C LEU B 887 -21.01 -15.04 40.09
N LYS B 888 -20.86 -15.30 41.39
CA LYS B 888 -20.99 -14.22 42.35
C LYS B 888 -19.87 -13.21 42.21
N MET B 889 -18.64 -13.68 42.01
CA MET B 889 -17.51 -12.77 41.94
C MET B 889 -17.42 -12.05 40.60
N LYS B 890 -18.07 -12.56 39.56
CA LYS B 890 -17.93 -11.98 38.22
C LYS B 890 -18.43 -10.54 38.08
N PRO B 891 -19.67 -10.17 38.43
CA PRO B 891 -20.12 -8.80 38.13
C PRO B 891 -19.54 -7.75 39.04
N VAL B 892 -18.79 -8.14 40.07
CA VAL B 892 -18.04 -7.19 40.88
C VAL B 892 -17.02 -6.46 40.01
N TRP B 893 -16.16 -7.21 39.33
CA TRP B 893 -15.23 -6.64 38.39
C TRP B 893 -15.81 -6.59 36.99
N ARG B 894 -17.09 -6.91 36.83
CA ARG B 894 -17.77 -6.78 35.56
C ARG B 894 -18.91 -5.80 35.67
N SER B 895 -18.66 -4.65 36.29
CA SER B 895 -19.67 -3.60 36.42
C SER B 895 -19.21 -2.22 35.98
N SER B 896 -17.95 -1.85 36.22
CA SER B 896 -17.29 -0.55 36.09
C SER B 896 -17.79 0.49 37.08
N CYS B 897 -18.79 0.19 37.92
CA CYS B 897 -19.17 1.03 39.05
C CYS B 897 -19.61 0.17 40.24
N PRO B 898 -18.76 -0.71 40.77
CA PRO B 898 -19.26 -1.73 41.71
C PRO B 898 -19.55 -1.20 43.10
N ALA B 899 -19.08 0.00 43.44
CA ALA B 899 -19.53 0.64 44.67
C ALA B 899 -20.99 1.02 44.59
N LYS B 900 -21.51 1.27 43.39
CA LYS B 900 -22.88 1.68 43.19
C LYS B 900 -23.75 0.58 42.60
N GLU B 901 -23.22 -0.22 41.68
CA GLU B 901 -24.04 -1.21 40.98
C GLU B 901 -24.37 -2.39 41.88
N CYS B 902 -23.35 -3.12 42.32
CA CYS B 902 -23.56 -4.32 43.14
C CYS B 902 -22.77 -4.24 44.45
N PRO B 903 -23.21 -3.38 45.37
CA PRO B 903 -22.48 -3.29 46.65
C PRO B 903 -22.69 -4.50 47.53
N GLU B 904 -23.81 -5.21 47.38
CA GLU B 904 -24.02 -6.45 48.11
C GLU B 904 -23.04 -7.53 47.65
N SER B 905 -22.77 -7.59 46.35
CA SER B 905 -21.78 -8.53 45.85
C SER B 905 -20.37 -8.07 46.16
N LEU B 906 -20.17 -6.75 46.25
CA LEU B 906 -18.87 -6.22 46.64
C LEU B 906 -18.56 -6.59 48.09
N CYS B 907 -19.56 -6.53 48.95
CA CYS B 907 -19.42 -7.11 50.27
C CYS B 907 -19.44 -8.62 50.16
N GLN B 908 -18.88 -9.26 51.20
CA GLN B 908 -18.76 -10.73 51.25
C GLN B 908 -17.72 -11.17 50.21
N TYR B 909 -16.82 -10.27 49.78
CA TYR B 909 -15.86 -10.67 48.77
C TYR B 909 -14.73 -11.50 49.38
N SER B 910 -14.17 -11.00 50.48
CA SER B 910 -13.17 -11.76 51.23
C SER B 910 -13.77 -13.07 51.75
N PHE B 911 -15.06 -13.01 52.10
CA PHE B 911 -15.80 -14.19 52.64
C PHE B 911 -15.92 -15.29 51.57
N ASN B 912 -16.33 -14.93 50.35
CA ASN B 912 -16.51 -15.95 49.32
C ASN B 912 -15.18 -16.37 48.72
N SER B 913 -14.19 -15.47 48.69
CA SER B 913 -12.89 -15.89 48.16
C SER B 913 -12.15 -16.77 49.15
N GLN B 914 -12.34 -16.54 50.46
CA GLN B 914 -11.79 -17.46 51.45
C GLN B 914 -12.49 -18.80 51.38
N ARG B 915 -13.79 -18.80 51.11
CA ARG B 915 -14.52 -20.04 50.88
C ARG B 915 -13.98 -20.79 49.67
N PHE B 916 -13.73 -20.08 48.58
CA PHE B 916 -13.23 -20.72 47.36
C PHE B 916 -11.79 -21.19 47.56
N ALA B 917 -11.02 -20.46 48.37
CA ALA B 917 -9.68 -20.91 48.72
C ALA B 917 -9.73 -22.17 49.57
N GLU B 918 -10.71 -22.26 50.47
CA GLU B 918 -10.89 -23.47 51.25
C GLU B 918 -11.33 -24.63 50.37
N LEU B 919 -12.10 -24.33 49.31
CA LEU B 919 -12.50 -25.39 48.38
C LEU B 919 -11.33 -25.91 47.59
N LEU B 920 -10.51 -25.01 47.03
CA LEU B 920 -9.41 -25.45 46.19
C LEU B 920 -8.31 -26.10 47.01
N SER B 921 -8.04 -25.56 48.21
CA SER B 921 -6.99 -26.10 49.05
C SER B 921 -7.34 -27.45 49.66
N THR B 922 -8.61 -27.70 49.95
CA THR B 922 -9.02 -28.95 50.57
C THR B 922 -9.62 -29.93 49.56
N LYS B 923 -10.69 -29.52 48.87
CA LYS B 923 -11.40 -30.47 48.03
C LYS B 923 -10.64 -30.76 46.76
N PHE B 924 -10.26 -29.73 46.02
CA PHE B 924 -9.49 -29.93 44.80
C PHE B 924 -8.00 -29.76 45.06
N LYS B 925 -7.51 -30.56 46.02
CA LYS B 925 -6.11 -30.48 46.44
C LYS B 925 -5.23 -31.35 45.56
N TYR B 926 -5.32 -31.17 44.25
CA TYR B 926 -4.44 -31.83 43.29
C TYR B 926 -3.86 -30.87 42.28
N ARG B 927 -4.42 -29.67 42.14
CA ARG B 927 -3.86 -28.61 41.32
C ARG B 927 -2.56 -28.06 41.88
N TYR B 928 -2.26 -28.33 43.15
CA TYR B 928 -1.10 -27.76 43.81
C TYR B 928 0.18 -28.39 43.28
N GLU B 929 0.68 -27.84 42.18
CA GLU B 929 1.95 -28.25 41.61
C GLU B 929 2.94 -27.09 41.55
N GLY B 930 2.62 -25.97 42.19
CA GLY B 930 3.45 -24.80 42.10
C GLY B 930 3.14 -23.90 40.93
N LYS B 931 2.47 -24.41 39.90
CA LYS B 931 2.07 -23.62 38.76
C LYS B 931 0.91 -22.72 39.15
N ILE B 932 1.10 -21.42 38.96
CA ILE B 932 0.07 -20.44 39.29
C ILE B 932 0.30 -19.23 38.40
N THR B 933 -0.79 -18.65 37.92
CA THR B 933 -0.71 -17.53 37.01
C THR B 933 -0.84 -16.24 37.80
N ASN B 934 -0.08 -15.21 37.39
CA ASN B 934 -0.10 -13.93 38.08
C ASN B 934 -1.45 -13.25 37.95
N TYR B 935 -2.12 -13.46 36.80
CA TYR B 935 -3.50 -13.04 36.63
C TYR B 935 -4.39 -13.63 37.72
N PHE B 936 -4.18 -14.91 38.02
CA PHE B 936 -5.00 -15.57 39.03
C PHE B 936 -4.70 -15.02 40.42
N HIS B 937 -3.42 -14.72 40.66
CA HIS B 937 -2.99 -14.14 41.96
C HIS B 937 -3.64 -12.76 42.13
N LYS B 938 -3.71 -11.97 41.05
CA LYS B 938 -4.34 -10.66 41.10
C LYS B 938 -5.83 -10.77 41.32
N THR B 939 -6.47 -11.78 40.73
CA THR B 939 -7.90 -11.95 40.97
C THR B 939 -8.19 -12.42 42.38
N LEU B 940 -7.30 -13.20 42.96
CA LEU B 940 -7.59 -13.68 44.31
C LEU B 940 -7.33 -12.60 45.35
N ALA B 941 -6.14 -11.99 45.32
CA ALA B 941 -5.70 -11.15 46.42
C ALA B 941 -6.01 -9.68 46.22
N HIS B 942 -5.42 -9.13 45.14
CA HIS B 942 -5.39 -7.67 44.80
C HIS B 942 -6.67 -7.09 44.20
N VAL B 943 -7.85 -7.65 44.48
CA VAL B 943 -9.08 -7.02 43.99
C VAL B 943 -9.56 -5.89 44.89
N PRO B 944 -9.86 -6.09 46.19
CA PRO B 944 -10.61 -5.04 46.88
C PRO B 944 -9.79 -3.82 47.24
N GLU B 945 -8.46 -3.96 47.34
CA GLU B 945 -7.63 -2.79 47.57
C GLU B 945 -7.60 -1.90 46.34
N ILE B 946 -7.56 -2.51 45.16
CA ILE B 946 -7.70 -1.77 43.91
C ILE B 946 -9.07 -1.09 43.85
N ILE B 947 -10.10 -1.78 44.34
CA ILE B 947 -11.45 -1.22 44.34
C ILE B 947 -11.55 0.00 45.24
N GLU B 948 -11.04 -0.09 46.47
CA GLU B 948 -11.14 1.06 47.35
C GLU B 948 -10.18 2.17 46.93
N ARG B 949 -9.12 1.83 46.20
CA ARG B 949 -8.24 2.87 45.71
C ARG B 949 -8.89 3.67 44.60
N ASP B 950 -9.48 2.98 43.62
CA ASP B 950 -10.01 3.66 42.44
C ASP B 950 -11.52 3.53 42.32
N GLY B 951 -12.05 2.32 42.30
CA GLY B 951 -13.46 2.10 42.14
C GLY B 951 -13.90 1.61 40.78
N SER B 952 -12.98 1.12 39.96
CA SER B 952 -13.33 0.64 38.63
C SER B 952 -12.30 -0.39 38.20
N ILE B 953 -12.67 -1.17 37.19
CA ILE B 953 -11.71 -1.99 36.46
C ILE B 953 -11.74 -1.43 35.04
N GLY B 954 -11.99 -0.12 34.94
CA GLY B 954 -12.00 0.55 33.66
C GLY B 954 -10.93 1.62 33.55
N GLY B 960 -9.70 -4.23 21.87
CA GLY B 960 -9.33 -3.04 21.11
C GLY B 960 -7.82 -2.96 20.95
N ASN B 961 -7.22 -4.04 20.44
CA ASN B 961 -5.79 -4.07 20.22
C ASN B 961 -5.43 -3.42 18.89
N GLN B 962 -6.14 -3.81 17.83
CA GLN B 962 -5.88 -3.27 16.49
C GLN B 962 -6.75 -2.04 16.29
N SER B 963 -6.52 -1.04 17.12
CA SER B 963 -7.26 0.20 17.04
C SER B 963 -6.37 1.36 16.66
N GLY B 964 -5.28 1.58 17.39
CA GLY B 964 -4.39 2.66 17.07
C GLY B 964 -3.59 2.39 15.82
N ASN B 965 -3.24 1.11 15.59
CA ASN B 965 -2.34 0.78 14.49
C ASN B 965 -3.01 0.92 13.14
N LYS B 966 -4.27 0.47 13.04
CA LYS B 966 -5.02 0.61 11.79
C LYS B 966 -5.25 2.07 11.46
N LEU B 967 -5.63 2.86 12.46
CA LEU B 967 -5.84 4.29 12.27
C LEU B 967 -4.54 4.99 11.92
N PHE B 968 -3.43 4.52 12.49
CA PHE B 968 -2.12 5.08 12.16
C PHE B 968 -1.75 4.79 10.72
N ARG B 969 -2.03 3.57 10.26
CA ARG B 969 -1.78 3.23 8.87
C ARG B 969 -2.68 4.05 7.94
N ARG B 970 -3.91 4.32 8.38
CA ARG B 970 -4.82 5.17 7.61
C ARG B 970 -4.26 6.57 7.46
N PHE B 971 -3.80 7.16 8.56
CA PHE B 971 -3.26 8.51 8.51
C PHE B 971 -1.97 8.57 7.71
N ARG B 972 -1.13 7.54 7.82
CA ARG B 972 0.13 7.57 7.09
C ARG B 972 -0.09 7.38 5.60
N LYS B 973 -1.09 6.60 5.22
CA LYS B 973 -1.24 6.34 3.79
C LYS B 973 -2.09 7.40 3.09
N MET B 974 -3.10 7.93 3.77
CA MET B 974 -4.01 8.84 3.07
C MET B 974 -3.43 10.23 2.92
N ASN B 975 -3.17 10.90 4.03
CA ASN B 975 -2.76 12.29 4.03
C ASN B 975 -1.38 12.43 4.67
N ALA B 976 -0.34 12.47 3.84
CA ALA B 976 1.01 12.54 4.38
C ALA B 976 1.95 13.15 3.36
N ARG B 977 2.92 13.90 3.87
CA ARG B 977 4.10 14.27 3.13
C ARG B 977 5.21 13.27 3.43
N GLN B 978 6.18 13.20 2.53
CA GLN B 978 7.26 12.25 2.64
C GLN B 978 8.47 12.87 3.35
N SER B 979 9.63 12.22 3.16
CA SER B 979 11.00 12.51 3.61
C SER B 979 11.24 12.10 5.06
N LYS B 980 10.28 11.46 5.72
CA LYS B 980 10.35 10.95 7.09
C LYS B 980 10.58 12.04 8.13
N CYS B 981 10.51 13.32 7.75
CA CYS B 981 10.67 14.43 8.65
C CYS B 981 9.37 15.19 8.83
N TYR B 982 8.75 15.60 7.74
CA TYR B 982 7.44 16.21 7.80
C TYR B 982 6.33 15.20 8.03
N GLU B 983 6.62 13.91 7.84
CA GLU B 983 5.59 12.88 7.90
C GLU B 983 5.04 12.73 9.31
N MET B 984 5.94 12.65 10.29
CA MET B 984 5.51 12.40 11.65
C MET B 984 4.77 13.59 12.23
N GLU B 985 5.19 14.79 11.85
CA GLU B 985 4.47 16.00 12.24
C GLU B 985 3.07 15.99 11.69
N ASP B 986 2.92 15.50 10.46
CA ASP B 986 1.62 15.47 9.82
C ASP B 986 0.68 14.48 10.49
N VAL B 987 1.17 13.27 10.76
CA VAL B 987 0.29 12.28 11.36
C VAL B 987 0.00 12.63 12.81
N LEU B 988 0.95 13.27 13.50
CA LEU B 988 0.72 13.73 14.86
C LEU B 988 -0.33 14.82 14.90
N LYS B 989 -0.24 15.77 13.97
CA LYS B 989 -1.20 16.87 13.92
C LYS B 989 -2.59 16.36 13.58
N HIS B 990 -2.69 15.45 12.62
CA HIS B 990 -4.01 14.95 12.24
C HIS B 990 -4.59 14.05 13.32
N HIS B 991 -3.73 13.38 14.09
CA HIS B 991 -4.21 12.60 15.21
C HIS B 991 -4.78 13.50 16.30
N TRP B 992 -4.08 14.60 16.59
CA TRP B 992 -4.56 15.55 17.58
C TRP B 992 -5.85 16.20 17.13
N LEU B 993 -5.98 16.48 15.84
CA LEU B 993 -7.24 17.02 15.34
C LEU B 993 -8.36 16.01 15.37
N TYR B 994 -8.02 14.74 15.18
CA TYR B 994 -9.03 13.69 15.26
C TYR B 994 -9.52 13.51 16.69
N THR B 995 -8.68 13.80 17.65
CA THR B 995 -9.00 13.48 19.03
C THR B 995 -9.67 14.64 19.76
N SER B 996 -10.03 15.70 19.06
CA SER B 996 -10.62 16.85 19.74
C SER B 996 -12.06 16.57 20.14
N LYS B 997 -12.45 17.02 21.33
CA LYS B 997 -13.83 16.88 21.77
C LYS B 997 -14.74 17.82 21.01
N TYR B 998 -14.21 18.98 20.60
CA TYR B 998 -14.97 19.99 19.88
C TYR B 998 -15.52 19.45 18.57
N LEU B 999 -14.64 18.82 17.79
CA LEU B 999 -15.03 18.36 16.46
C LEU B 999 -15.95 17.16 16.53
N GLN B 1000 -15.69 16.25 17.47
CA GLN B 1000 -16.58 15.10 17.64
C GLN B 1000 -17.95 15.54 18.13
N LYS B 1001 -17.98 16.57 18.97
CA LYS B 1001 -19.24 17.11 19.46
C LYS B 1001 -20.04 17.74 18.35
N PHE B 1002 -19.37 18.40 17.41
CA PHE B 1002 -20.09 18.82 16.21
C PHE B 1002 -20.48 17.64 15.35
N MET B 1003 -19.66 16.60 15.34
CA MET B 1003 -19.78 15.55 14.33
C MET B 1003 -20.95 14.63 14.61
N ASN B 1004 -21.24 14.36 15.87
CA ASN B 1004 -22.36 13.46 16.12
C ASN B 1004 -23.63 14.21 16.45
N ALA B 1005 -23.90 15.33 15.79
CA ALA B 1005 -25.10 16.11 16.03
C ALA B 1005 -26.38 15.46 15.52
N HIS B 1006 -26.28 14.35 14.79
CA HIS B 1006 -27.43 13.65 14.23
C HIS B 1006 -28.37 13.10 15.29
N ASN B 1007 -27.85 12.76 16.48
CA ASN B 1007 -28.69 12.18 17.51
C ASN B 1007 -29.64 13.19 18.13
N ALA B 1008 -29.26 14.47 18.13
CA ALA B 1008 -30.11 15.51 18.67
C ALA B 1008 -31.32 15.74 17.79
N MET C 1 3.61 -49.44 -11.47
CA MET C 1 3.69 -49.84 -10.07
C MET C 1 4.90 -49.20 -9.40
N SER C 2 5.38 -48.10 -9.97
CA SER C 2 6.58 -47.45 -9.46
C SER C 2 6.55 -45.99 -9.89
N LEU C 3 6.54 -45.09 -8.90
CA LEU C 3 6.57 -43.66 -9.16
C LEU C 3 8.00 -43.20 -9.36
N GLN C 4 8.20 -42.32 -10.34
CA GLN C 4 9.51 -41.75 -10.60
C GLN C 4 9.35 -40.26 -10.84
N MET C 5 10.13 -39.45 -10.13
CA MET C 5 10.13 -38.01 -10.36
C MET C 5 11.07 -37.67 -11.50
N VAL C 6 10.66 -36.71 -12.32
CA VAL C 6 11.38 -36.33 -13.54
C VAL C 6 11.88 -34.90 -13.39
N THR C 7 13.11 -34.67 -13.82
CA THR C 7 13.59 -33.30 -13.97
C THR C 7 13.34 -32.84 -15.39
N VAL C 8 13.41 -31.54 -15.60
CA VAL C 8 12.78 -30.91 -16.74
C VAL C 8 13.81 -30.11 -17.52
N GLY C 9 13.60 -30.02 -18.84
CA GLY C 9 14.36 -29.13 -19.70
C GLY C 9 13.98 -27.67 -19.51
N HIS C 10 14.53 -26.82 -20.37
CA HIS C 10 14.38 -25.39 -20.18
C HIS C 10 13.01 -24.88 -20.60
N ASN C 11 12.38 -25.53 -21.58
CA ASN C 11 11.16 -25.01 -22.20
C ASN C 11 9.95 -25.71 -21.59
N ILE C 12 9.64 -25.29 -20.35
CA ILE C 12 8.50 -25.82 -19.62
C ILE C 12 7.17 -25.38 -20.24
N ALA C 13 7.09 -24.15 -20.72
CA ALA C 13 5.83 -23.52 -21.09
C ALA C 13 5.16 -24.14 -22.30
N LEU C 14 5.88 -24.92 -23.10
CA LEU C 14 5.26 -25.59 -24.23
C LEU C 14 4.35 -26.72 -23.80
N ILE C 15 4.51 -27.26 -22.60
CA ILE C 15 3.60 -28.24 -22.04
C ILE C 15 2.32 -27.52 -21.65
N GLN C 16 1.22 -28.26 -21.55
CA GLN C 16 -0.12 -27.79 -21.27
C GLN C 16 -0.99 -29.01 -21.07
N PRO C 17 -2.09 -28.89 -20.31
CA PRO C 17 -3.00 -30.03 -20.17
C PRO C 17 -3.70 -30.33 -21.48
N GLY C 18 -3.75 -31.61 -21.83
CA GLY C 18 -4.32 -32.00 -23.10
C GLY C 18 -3.26 -32.09 -24.19
N PHE C 19 -2.24 -32.88 -23.96
CA PHE C 19 -1.16 -33.00 -24.93
C PHE C 19 -1.33 -34.29 -25.72
N SER C 20 -0.35 -34.61 -26.56
CA SER C 20 -0.37 -35.83 -27.35
C SER C 20 1.00 -36.48 -27.26
N LEU C 21 1.03 -37.75 -26.90
CA LEU C 21 2.27 -38.52 -26.84
C LEU C 21 2.17 -39.58 -27.91
N MET C 22 3.07 -39.56 -28.88
CA MET C 22 3.05 -40.52 -29.96
C MET C 22 4.29 -41.39 -29.91
N ASN C 23 4.19 -42.59 -30.48
CA ASN C 23 5.25 -43.58 -30.34
C ASN C 23 5.48 -44.27 -31.67
N PHE C 24 6.75 -44.43 -32.03
CA PHE C 24 7.17 -45.12 -33.24
C PHE C 24 8.46 -45.86 -32.90
N ASP C 25 8.38 -47.20 -32.87
CA ASP C 25 9.51 -48.09 -32.60
C ASP C 25 10.18 -47.78 -31.26
N GLY C 26 9.37 -47.47 -30.25
CA GLY C 26 9.87 -47.10 -28.95
C GLY C 26 10.28 -45.65 -28.83
N GLN C 27 10.36 -44.93 -29.94
CA GLN C 27 10.75 -43.53 -29.91
C GLN C 27 9.51 -42.66 -29.84
N VAL C 28 9.50 -41.74 -28.89
CA VAL C 28 8.28 -41.05 -28.48
C VAL C 28 8.40 -39.54 -28.74
N PHE C 29 7.35 -39.00 -29.34
CA PHE C 29 7.30 -37.62 -29.80
C PHE C 29 6.16 -36.89 -29.13
N PHE C 30 6.38 -35.61 -28.87
CA PHE C 30 5.39 -34.74 -28.27
C PHE C 30 4.66 -33.96 -29.35
N PHE C 31 3.34 -33.87 -29.20
CA PHE C 31 2.48 -33.06 -30.05
C PHE C 31 1.52 -32.28 -29.16
N GLY C 32 1.06 -31.14 -29.66
CA GLY C 32 0.09 -30.34 -28.94
C GLY C 32 0.73 -29.35 -27.98
N GLN C 33 1.55 -28.45 -28.53
CA GLN C 33 2.23 -27.46 -27.72
C GLN C 33 1.26 -26.36 -27.29
N LYS C 34 1.79 -25.40 -26.54
CA LYS C 34 1.00 -24.29 -26.04
C LYS C 34 1.31 -23.03 -26.83
N GLY C 35 0.27 -22.27 -27.14
CA GLY C 35 0.44 -21.06 -27.94
C GLY C 35 0.38 -21.39 -29.42
N TRP C 36 1.45 -21.09 -30.14
CA TRP C 36 1.56 -21.34 -31.56
C TRP C 36 3.00 -21.70 -31.83
N PRO C 37 3.31 -22.28 -33.00
CA PRO C 37 4.71 -22.57 -33.33
C PRO C 37 5.56 -21.31 -33.43
N LYS C 38 6.86 -21.47 -33.15
CA LYS C 38 7.77 -20.34 -33.08
C LYS C 38 8.89 -20.50 -34.09
N ARG C 39 9.87 -19.59 -34.03
CA ARG C 39 11.04 -19.67 -34.89
C ARG C 39 11.94 -20.83 -34.53
N SER C 40 11.90 -21.27 -33.28
CA SER C 40 12.68 -22.43 -32.86
C SER C 40 12.17 -23.70 -33.51
N CYS C 41 10.87 -23.98 -33.33
CA CYS C 41 10.26 -25.16 -33.93
C CYS C 41 9.16 -24.73 -34.88
N PRO C 42 9.30 -24.97 -36.18
CA PRO C 42 8.26 -24.55 -37.12
C PRO C 42 7.04 -25.46 -37.11
N THR C 43 7.12 -26.63 -36.49
CA THR C 43 6.00 -27.56 -36.51
C THR C 43 5.24 -27.60 -35.20
N GLY C 44 5.93 -27.87 -34.11
CA GLY C 44 5.27 -28.10 -32.83
C GLY C 44 5.45 -29.50 -32.29
N VAL C 45 6.07 -30.40 -33.03
CA VAL C 45 6.29 -31.76 -32.57
C VAL C 45 7.75 -31.90 -32.19
N PHE C 46 8.01 -32.69 -31.15
CA PHE C 46 9.34 -32.73 -30.55
C PHE C 46 9.75 -34.15 -30.23
N HIS C 47 11.06 -34.37 -30.14
CA HIS C 47 11.61 -35.63 -29.68
C HIS C 47 11.49 -35.67 -28.17
N PHE C 48 10.41 -36.24 -27.67
CA PHE C 48 10.23 -36.33 -26.23
C PHE C 48 11.16 -37.38 -25.64
N ASP C 49 12.34 -36.99 -25.20
CA ASP C 49 13.33 -37.98 -24.81
C ASP C 49 13.86 -37.73 -23.41
N ILE C 50 13.99 -38.82 -22.65
CA ILE C 50 14.24 -38.78 -21.22
C ILE C 50 15.42 -39.70 -20.91
N LYS C 51 16.45 -39.14 -20.29
CA LYS C 51 17.56 -39.91 -19.75
C LYS C 51 17.73 -39.57 -18.28
N GLN C 52 17.84 -40.62 -17.45
CA GLN C 52 18.07 -40.52 -16.00
C GLN C 52 16.96 -39.74 -15.32
N ASN C 53 15.72 -39.98 -15.78
CA ASN C 53 14.53 -39.21 -15.42
C ASN C 53 14.74 -37.71 -15.67
N HIS C 54 15.26 -37.39 -16.84
CA HIS C 54 15.46 -36.00 -17.25
C HIS C 54 14.98 -35.86 -18.68
N LEU C 55 14.05 -34.95 -18.91
CA LEU C 55 13.43 -34.78 -20.21
C LEU C 55 14.08 -33.64 -20.98
N LYS C 56 14.10 -33.77 -22.30
CA LYS C 56 14.54 -32.72 -23.19
C LYS C 56 13.64 -32.69 -24.41
N LEU C 57 13.03 -31.53 -24.66
CA LEU C 57 12.15 -31.34 -25.79
C LEU C 57 12.97 -30.69 -26.89
N LYS C 58 13.41 -31.49 -27.85
CA LYS C 58 14.33 -31.02 -28.86
C LYS C 58 13.64 -31.20 -30.21
N PRO C 59 13.77 -30.28 -31.17
CA PRO C 59 12.77 -30.18 -32.24
C PRO C 59 12.86 -31.30 -33.26
N ALA C 60 11.80 -31.41 -34.05
CA ALA C 60 11.68 -32.39 -35.11
C ALA C 60 11.06 -31.71 -36.32
N ILE C 61 11.57 -32.03 -37.51
CA ILE C 61 11.15 -31.34 -38.71
C ILE C 61 10.36 -32.28 -39.60
N PHE C 62 9.75 -31.71 -40.62
CA PHE C 62 8.87 -32.42 -41.53
C PHE C 62 9.57 -32.66 -42.86
N SER C 63 8.93 -33.45 -43.71
CA SER C 63 9.39 -33.62 -45.07
C SER C 63 8.94 -32.44 -45.92
N LYS C 64 9.29 -32.51 -47.21
CA LYS C 64 8.81 -31.50 -48.13
C LYS C 64 7.33 -31.71 -48.43
N ASP C 65 6.87 -32.94 -48.54
CA ASP C 65 5.52 -33.26 -48.97
C ASP C 65 4.54 -33.30 -47.82
N SER C 66 5.00 -32.95 -46.63
CA SER C 66 4.19 -32.98 -45.43
C SER C 66 3.15 -31.86 -45.49
N CYS C 67 2.15 -31.95 -44.61
CA CYS C 67 1.17 -30.90 -44.48
C CYS C 67 1.27 -30.35 -43.07
N TYR C 68 1.14 -29.04 -42.93
CA TYR C 68 1.34 -28.41 -41.63
C TYR C 68 0.01 -28.34 -40.90
N LEU C 69 0.08 -28.32 -39.58
CA LEU C 69 -1.13 -28.40 -38.80
C LEU C 69 -0.95 -27.69 -37.47
N PRO C 70 -1.99 -27.07 -36.95
CA PRO C 70 -1.87 -26.39 -35.67
C PRO C 70 -1.91 -27.40 -34.53
N PRO C 71 -1.45 -27.02 -33.35
CA PRO C 71 -1.60 -27.92 -32.20
C PRO C 71 -3.05 -28.03 -31.79
N LEU C 72 -3.44 -29.24 -31.42
CA LEU C 72 -4.81 -29.56 -31.06
C LEU C 72 -4.87 -30.00 -29.61
N ARG C 73 -5.76 -29.39 -28.84
CA ARG C 73 -5.65 -29.48 -27.40
C ARG C 73 -6.44 -30.61 -26.77
N TYR C 74 -7.46 -31.13 -27.42
CA TYR C 74 -8.11 -32.37 -26.96
C TYR C 74 -8.58 -33.17 -28.17
N PRO C 75 -7.66 -33.77 -28.89
CA PRO C 75 -8.08 -34.59 -30.04
C PRO C 75 -8.31 -36.02 -29.63
N ALA C 76 -8.61 -36.85 -30.62
CA ALA C 76 -8.64 -38.29 -30.44
C ALA C 76 -7.58 -38.86 -31.37
N THR C 77 -6.99 -39.98 -30.99
CA THR C 77 -5.95 -40.61 -31.78
C THR C 77 -6.00 -42.13 -31.61
N CYS C 78 -5.32 -42.84 -32.50
CA CYS C 78 -5.33 -44.29 -32.52
C CYS C 78 -4.16 -44.79 -33.34
N SER C 79 -3.80 -46.04 -33.13
CA SER C 79 -2.69 -46.67 -33.87
C SER C 79 -3.24 -47.27 -35.15
N TYR C 80 -2.46 -47.20 -36.21
CA TYR C 80 -2.81 -47.76 -37.51
C TYR C 80 -1.65 -48.62 -37.97
N LYS C 81 -1.79 -49.93 -37.80
CA LYS C 81 -0.78 -50.88 -38.23
C LYS C 81 -1.34 -51.62 -39.45
N GLY C 82 -1.16 -51.03 -40.62
CA GLY C 82 -1.64 -51.63 -41.86
C GLY C 82 -0.83 -51.12 -43.05
N LYS C 88 2.96 -51.21 -43.08
CA LYS C 88 3.65 -50.16 -42.34
C LYS C 88 2.94 -49.86 -41.02
N HIS C 89 3.23 -48.70 -40.44
CA HIS C 89 2.65 -48.30 -39.17
C HIS C 89 2.63 -46.79 -39.09
N GLN C 90 1.51 -46.23 -38.62
CA GLN C 90 1.33 -44.80 -38.56
C GLN C 90 0.21 -44.49 -37.56
N TYR C 91 0.00 -43.21 -37.30
CA TYR C 91 -1.06 -42.78 -36.41
C TYR C 91 -2.11 -41.97 -37.15
N ILE C 92 -3.35 -42.12 -36.67
CA ILE C 92 -4.49 -41.39 -37.20
C ILE C 92 -4.99 -40.46 -36.10
N ILE C 93 -5.07 -39.17 -36.40
CA ILE C 93 -5.46 -38.15 -35.44
C ILE C 93 -6.52 -37.27 -36.11
N HIS C 94 -7.57 -36.94 -35.35
CA HIS C 94 -8.67 -36.16 -35.89
C HIS C 94 -9.46 -35.51 -34.76
N GLY C 95 -9.84 -34.25 -34.97
CA GLY C 95 -10.77 -33.56 -34.08
C GLY C 95 -10.13 -32.36 -33.41
N GLY C 96 -10.11 -32.36 -32.08
CA GLY C 96 -9.32 -31.41 -31.34
C GLY C 96 -9.87 -30.00 -31.30
N LYS C 97 -9.09 -29.14 -30.65
CA LYS C 97 -9.45 -27.75 -30.43
C LYS C 97 -8.27 -26.90 -30.82
N THR C 98 -8.53 -25.79 -31.51
CA THR C 98 -7.46 -24.92 -31.98
C THR C 98 -6.87 -24.14 -30.81
N PRO C 99 -5.71 -23.50 -30.99
CA PRO C 99 -5.26 -22.52 -29.99
C PRO C 99 -6.20 -21.34 -29.84
N ASN C 100 -6.95 -20.98 -30.87
CA ASN C 100 -7.92 -19.91 -30.77
C ASN C 100 -9.32 -20.42 -30.49
N ASN C 101 -9.44 -21.65 -29.98
CA ASN C 101 -10.68 -22.24 -29.47
C ASN C 101 -11.75 -22.36 -30.56
N GLU C 102 -11.32 -22.86 -31.71
CA GLU C 102 -12.23 -23.32 -32.72
C GLU C 102 -12.15 -24.84 -32.75
N LEU C 103 -13.08 -25.45 -33.47
CA LEU C 103 -13.14 -26.90 -33.58
C LEU C 103 -13.04 -27.29 -35.04
N SER C 104 -11.95 -27.95 -35.40
CA SER C 104 -11.81 -28.46 -36.76
C SER C 104 -12.37 -29.88 -36.82
N ASP C 105 -12.61 -30.34 -38.02
CA ASP C 105 -13.11 -31.68 -38.29
C ASP C 105 -12.34 -32.33 -39.43
N LYS C 106 -11.03 -32.18 -39.41
CA LYS C 106 -10.18 -32.71 -40.46
C LYS C 106 -9.32 -33.83 -39.88
N ILE C 107 -9.06 -34.85 -40.69
CA ILE C 107 -8.40 -36.05 -40.23
C ILE C 107 -6.97 -36.06 -40.74
N TYR C 108 -6.03 -35.81 -39.86
CA TYR C 108 -4.61 -35.77 -40.20
C TYR C 108 -4.01 -37.15 -40.03
N ILE C 109 -3.08 -37.51 -40.90
CA ILE C 109 -2.39 -38.78 -40.85
C ILE C 109 -0.92 -38.49 -40.63
N MET C 110 -0.36 -38.99 -39.53
CA MET C 110 1.07 -38.83 -39.27
C MET C 110 1.78 -40.11 -39.65
N SER C 111 2.65 -40.02 -40.66
CA SER C 111 3.49 -41.14 -41.03
C SER C 111 4.95 -40.70 -40.95
N VAL C 112 5.80 -41.63 -40.56
CA VAL C 112 7.24 -41.37 -40.49
C VAL C 112 7.79 -41.40 -41.91
N ALA C 113 8.23 -40.24 -42.37
CA ALA C 113 8.84 -40.12 -43.70
C ALA C 113 10.16 -40.84 -43.81
N CYS C 114 11.15 -40.44 -43.01
CA CYS C 114 12.46 -41.06 -43.03
C CYS C 114 13.10 -40.89 -41.66
N LYS C 115 14.16 -41.65 -41.42
CA LYS C 115 14.91 -41.54 -40.18
C LYS C 115 16.34 -41.93 -40.52
N ASN C 116 17.26 -40.99 -40.35
CA ASN C 116 18.64 -41.24 -40.73
C ASN C 116 19.58 -40.57 -39.76
N ASN C 117 20.59 -41.34 -39.34
CA ASN C 117 21.64 -40.93 -38.41
C ASN C 117 21.06 -40.38 -37.11
N LYS C 118 20.05 -41.08 -36.59
CA LYS C 118 19.23 -40.64 -35.45
C LYS C 118 18.68 -39.24 -35.62
N LYS C 119 18.24 -38.91 -36.83
CA LYS C 119 17.45 -37.73 -37.12
C LYS C 119 16.28 -38.14 -38.00
N VAL C 120 15.07 -37.91 -37.52
CA VAL C 120 13.87 -38.46 -38.13
C VAL C 120 12.98 -37.33 -38.64
N THR C 121 12.25 -37.59 -39.71
CA THR C 121 11.35 -36.62 -40.31
C THR C 121 9.99 -37.28 -40.50
N PHE C 122 8.96 -36.48 -40.72
CA PHE C 122 7.58 -36.96 -40.79
C PHE C 122 6.92 -36.57 -42.09
N ARG C 123 5.78 -37.21 -42.36
CA ARG C 123 5.11 -37.15 -43.65
C ARG C 123 3.62 -36.90 -43.47
N CYS C 124 3.27 -35.85 -42.72
CA CYS C 124 1.89 -35.52 -42.37
C CYS C 124 1.00 -35.23 -43.58
N THR C 125 -0.08 -35.99 -43.70
CA THR C 125 -1.12 -35.75 -44.70
C THR C 125 -2.47 -35.66 -44.00
N GLU C 126 -3.40 -34.95 -44.61
CA GLU C 126 -4.75 -34.87 -44.10
C GLU C 126 -5.72 -35.55 -45.06
N LYS C 127 -6.90 -35.90 -44.55
CA LYS C 127 -7.92 -36.55 -45.35
C LYS C 127 -9.28 -36.02 -44.95
N ASP C 128 -10.09 -35.67 -45.95
CA ASP C 128 -11.45 -35.26 -45.72
C ASP C 128 -12.40 -36.41 -45.99
N LEU C 129 -13.68 -36.16 -45.72
CA LEU C 129 -14.69 -37.20 -45.78
C LEU C 129 -15.84 -36.76 -46.67
N VAL C 130 -16.58 -37.74 -47.18
CA VAL C 130 -17.80 -37.53 -47.92
C VAL C 130 -18.97 -38.11 -47.12
N GLY C 131 -20.15 -37.58 -47.42
CA GLY C 131 -21.38 -38.15 -46.90
C GLY C 131 -21.67 -37.71 -45.49
N ASP C 132 -22.04 -38.66 -44.64
CA ASP C 132 -22.51 -38.38 -43.29
C ASP C 132 -21.31 -37.99 -42.42
N VAL C 133 -20.91 -36.73 -42.52
CA VAL C 133 -19.75 -36.24 -41.78
C VAL C 133 -20.16 -36.01 -40.33
N PRO C 134 -19.26 -36.22 -39.37
CA PRO C 134 -19.54 -35.81 -38.00
C PRO C 134 -19.21 -34.34 -37.80
N GLU C 135 -19.96 -33.72 -36.90
CA GLU C 135 -19.68 -32.35 -36.52
C GLU C 135 -18.33 -32.29 -35.78
N PRO C 136 -17.63 -31.17 -35.85
CA PRO C 136 -16.35 -31.06 -35.14
C PRO C 136 -16.55 -31.10 -33.64
N ARG C 137 -15.65 -31.77 -32.95
CA ARG C 137 -15.81 -32.01 -31.53
C ARG C 137 -14.45 -32.23 -30.89
N TYR C 138 -14.49 -32.47 -29.58
CA TYR C 138 -13.33 -32.79 -28.80
C TYR C 138 -13.76 -33.65 -27.62
N GLY C 139 -12.80 -34.35 -27.04
CA GLY C 139 -13.10 -35.34 -26.04
C GLY C 139 -13.65 -36.63 -26.59
N HIS C 140 -13.74 -36.77 -27.90
CA HIS C 140 -14.26 -37.95 -28.56
C HIS C 140 -13.20 -39.05 -28.60
N SER C 141 -13.56 -40.17 -29.22
CA SER C 141 -12.72 -41.36 -29.22
C SER C 141 -12.72 -41.99 -30.60
N ILE C 142 -11.54 -42.36 -31.07
CA ILE C 142 -11.38 -43.02 -32.36
C ILE C 142 -10.59 -44.31 -32.14
N ASP C 143 -10.99 -45.35 -32.85
CA ASP C 143 -10.33 -46.64 -32.78
C ASP C 143 -10.36 -47.30 -34.15
N VAL C 144 -9.34 -48.10 -34.41
CA VAL C 144 -9.22 -48.86 -35.64
C VAL C 144 -9.50 -50.31 -35.29
N VAL C 145 -10.29 -50.98 -36.12
CA VAL C 145 -10.66 -52.37 -35.87
C VAL C 145 -10.62 -53.11 -37.21
N TYR C 146 -10.35 -54.40 -37.15
CA TYR C 146 -10.17 -55.22 -38.33
C TYR C 146 -11.28 -56.27 -38.39
N SER C 147 -11.54 -56.74 -39.61
CA SER C 147 -12.47 -57.84 -39.86
C SER C 147 -12.24 -58.33 -41.28
N ARG C 148 -12.13 -59.65 -41.44
CA ARG C 148 -11.88 -60.32 -42.73
C ARG C 148 -10.60 -59.82 -43.39
N GLY C 149 -9.63 -59.41 -42.58
CA GLY C 149 -8.45 -58.75 -43.09
C GLY C 149 -8.62 -57.28 -43.45
N LYS C 150 -9.86 -56.79 -43.49
CA LYS C 150 -10.13 -55.42 -43.86
C LYS C 150 -10.25 -54.55 -42.62
N SER C 151 -9.68 -53.36 -42.70
CA SER C 151 -9.61 -52.44 -41.58
C SER C 151 -10.71 -51.40 -41.68
N MET C 152 -11.12 -50.87 -40.52
CA MET C 152 -12.14 -49.84 -40.49
C MET C 152 -12.01 -49.07 -39.18
N GLY C 153 -12.18 -47.75 -39.27
CA GLY C 153 -12.08 -46.89 -38.12
C GLY C 153 -13.42 -46.60 -37.47
N VAL C 154 -13.52 -46.88 -36.18
CA VAL C 154 -14.76 -46.68 -35.42
C VAL C 154 -14.59 -45.49 -34.50
N LEU C 155 -15.60 -44.61 -34.49
CA LEU C 155 -15.56 -43.32 -33.81
C LEU C 155 -16.71 -43.26 -32.82
N PHE C 156 -16.54 -42.47 -31.76
CA PHE C 156 -17.62 -42.18 -30.84
C PHE C 156 -17.45 -40.77 -30.30
N GLY C 157 -18.55 -40.02 -30.25
CA GLY C 157 -18.46 -38.59 -30.08
C GLY C 157 -18.17 -38.15 -28.67
N GLY C 158 -17.74 -36.91 -28.54
CA GLY C 158 -17.44 -36.30 -27.26
C GLY C 158 -18.41 -35.19 -26.92
N ARG C 159 -18.03 -33.94 -27.17
CA ARG C 159 -18.91 -32.80 -26.92
C ARG C 159 -18.54 -31.66 -27.85
N SER C 160 -19.47 -30.71 -27.99
CA SER C 160 -19.30 -29.62 -28.93
C SER C 160 -20.07 -28.41 -28.45
N TYR C 161 -20.09 -27.38 -29.29
CA TYR C 161 -20.87 -26.19 -29.04
C TYR C 161 -22.32 -26.41 -29.43
N MET C 162 -23.14 -25.41 -29.16
CA MET C 162 -24.46 -25.36 -29.77
C MET C 162 -24.32 -25.12 -31.27
N PRO C 163 -25.29 -25.53 -32.07
CA PRO C 163 -25.28 -25.18 -33.49
C PRO C 163 -25.51 -23.70 -33.71
N SER C 164 -25.40 -23.30 -34.98
CA SER C 164 -25.35 -21.90 -35.36
C SER C 164 -26.63 -21.13 -35.05
N THR C 165 -27.76 -21.82 -34.95
CA THR C 165 -28.99 -21.12 -34.61
C THR C 165 -29.13 -20.96 -33.11
N GLN C 166 -28.65 -21.93 -32.34
CA GLN C 166 -28.79 -21.94 -30.89
C GLN C 166 -27.59 -21.28 -30.20
N ARG C 167 -26.89 -20.41 -30.89
CA ARG C 167 -25.71 -19.76 -30.34
C ARG C 167 -25.92 -18.26 -30.25
N THR C 168 -25.64 -17.70 -29.08
CA THR C 168 -25.76 -16.27 -28.86
C THR C 168 -24.46 -15.72 -28.32
N THR C 169 -24.49 -14.43 -27.96
CA THR C 169 -23.30 -13.76 -27.45
C THR C 169 -22.94 -14.27 -26.07
N GLU C 170 -23.87 -14.16 -25.12
CA GLU C 170 -23.54 -14.45 -23.73
C GLU C 170 -23.39 -15.93 -23.45
N LYS C 171 -23.71 -16.79 -24.41
CA LYS C 171 -23.54 -18.23 -24.27
C LYS C 171 -22.68 -18.78 -25.40
N TRP C 172 -21.74 -17.95 -25.86
CA TRP C 172 -20.95 -18.31 -27.03
C TRP C 172 -20.01 -19.47 -26.75
N ASN C 173 -19.63 -19.67 -25.49
CA ASN C 173 -18.66 -20.69 -25.14
C ASN C 173 -19.27 -21.87 -24.42
N SER C 174 -20.58 -21.91 -24.24
CA SER C 174 -21.19 -23.05 -23.55
C SER C 174 -21.22 -24.26 -24.46
N VAL C 175 -21.11 -25.44 -23.87
CA VAL C 175 -20.94 -26.68 -24.61
C VAL C 175 -22.12 -27.60 -24.35
N ALA C 176 -22.27 -28.59 -25.23
CA ALA C 176 -23.30 -29.60 -25.07
C ALA C 176 -22.81 -30.88 -25.73
N ASP C 177 -23.30 -32.00 -25.20
CA ASP C 177 -22.92 -33.30 -25.72
C ASP C 177 -23.54 -33.52 -27.09
N CYS C 178 -22.76 -34.11 -28.01
CA CYS C 178 -23.26 -34.38 -29.34
C CYS C 178 -24.22 -35.56 -29.32
N LEU C 179 -24.82 -35.82 -30.47
CA LEU C 179 -25.81 -36.89 -30.57
C LEU C 179 -25.11 -38.25 -30.53
N PRO C 180 -25.68 -39.22 -29.82
CA PRO C 180 -24.98 -40.49 -29.62
C PRO C 180 -25.00 -41.35 -30.88
N HIS C 181 -24.07 -41.07 -31.78
CA HIS C 181 -23.91 -41.87 -32.98
C HIS C 181 -22.46 -42.27 -33.12
N VAL C 182 -22.25 -43.40 -33.80
CA VAL C 182 -20.92 -43.88 -34.15
C VAL C 182 -20.79 -43.81 -35.66
N PHE C 183 -19.58 -43.55 -36.13
CA PHE C 183 -19.31 -43.29 -37.53
C PHE C 183 -18.34 -44.33 -38.02
N LEU C 184 -18.51 -44.76 -39.27
CA LEU C 184 -17.67 -45.79 -39.86
C LEU C 184 -16.88 -45.14 -41.00
N ILE C 185 -15.57 -45.11 -40.84
CA ILE C 185 -14.71 -44.25 -41.65
C ILE C 185 -13.74 -45.12 -42.42
N ASP C 186 -13.99 -45.28 -43.71
CA ASP C 186 -13.04 -45.91 -44.62
C ASP C 186 -11.94 -44.90 -44.90
N PHE C 187 -10.69 -45.37 -44.91
CA PHE C 187 -9.59 -44.48 -45.23
C PHE C 187 -9.10 -44.67 -46.66
N GLU C 188 -9.71 -45.58 -47.41
CA GLU C 188 -9.36 -45.71 -48.82
C GLU C 188 -10.08 -44.68 -49.68
N PHE C 189 -11.27 -44.23 -49.24
CA PHE C 189 -12.02 -43.23 -49.99
C PHE C 189 -12.55 -42.08 -49.14
N GLY C 190 -12.65 -42.26 -47.83
CA GLY C 190 -13.26 -41.23 -47.01
C GLY C 190 -14.75 -41.36 -46.86
N CYS C 191 -15.27 -42.58 -46.86
CA CYS C 191 -16.69 -42.83 -46.68
C CYS C 191 -17.05 -42.73 -45.20
N ALA C 192 -18.09 -41.96 -44.90
CA ALA C 192 -18.51 -41.72 -43.53
C ALA C 192 -20.01 -41.95 -43.41
N THR C 193 -20.41 -42.74 -42.42
CA THR C 193 -21.81 -43.06 -42.23
C THR C 193 -22.15 -43.06 -40.74
N SER C 194 -23.08 -42.21 -40.35
CA SER C 194 -23.58 -42.22 -38.99
C SER C 194 -24.49 -43.42 -38.78
N TYR C 195 -24.64 -43.82 -37.52
CA TYR C 195 -25.50 -44.94 -37.18
C TYR C 195 -26.22 -44.65 -35.88
N ILE C 196 -27.49 -45.07 -35.82
CA ILE C 196 -28.36 -44.79 -34.69
C ILE C 196 -28.54 -46.08 -33.90
N LEU C 197 -28.23 -46.01 -32.61
CA LEU C 197 -28.21 -47.22 -31.80
C LEU C 197 -29.19 -47.10 -30.65
N PRO C 198 -30.12 -48.05 -30.53
CA PRO C 198 -31.19 -47.92 -29.54
C PRO C 198 -30.75 -48.12 -28.10
N GLU C 199 -29.70 -48.91 -27.86
CA GLU C 199 -29.25 -49.10 -26.49
C GLU C 199 -28.50 -47.89 -25.97
N LEU C 200 -27.94 -47.08 -26.87
CA LEU C 200 -27.18 -45.92 -26.45
C LEU C 200 -28.15 -44.78 -26.19
N GLN C 201 -27.88 -43.98 -25.16
CA GLN C 201 -28.87 -43.01 -24.70
C GLN C 201 -28.43 -41.57 -24.89
N ASP C 202 -27.30 -41.17 -24.31
CA ASP C 202 -26.91 -39.77 -24.32
C ASP C 202 -25.48 -39.62 -24.80
N GLY C 203 -24.96 -38.40 -24.68
CA GLY C 203 -23.59 -38.13 -25.01
C GLY C 203 -22.65 -38.58 -23.91
N LEU C 204 -21.36 -38.57 -24.24
CA LEU C 204 -20.33 -39.02 -23.31
C LEU C 204 -19.03 -38.35 -23.67
N SER C 205 -18.25 -38.00 -22.66
CA SER C 205 -17.02 -37.25 -22.85
C SER C 205 -15.92 -37.83 -21.99
N PHE C 206 -14.73 -37.92 -22.58
CA PHE C 206 -13.50 -38.39 -21.92
C PHE C 206 -13.64 -39.82 -21.40
N HIS C 207 -14.39 -40.61 -22.14
CA HIS C 207 -14.54 -42.03 -21.87
C HIS C 207 -13.30 -42.76 -22.39
N VAL C 208 -13.10 -43.96 -21.90
CA VAL C 208 -11.92 -44.76 -22.21
C VAL C 208 -12.32 -45.81 -23.23
N SER C 209 -11.48 -45.99 -24.25
CA SER C 209 -11.82 -46.78 -25.42
C SER C 209 -10.79 -47.89 -25.63
N ILE C 210 -11.27 -49.13 -25.68
CA ILE C 210 -10.44 -50.31 -25.92
C ILE C 210 -11.01 -51.02 -27.15
N ALA C 211 -10.13 -51.41 -28.08
CA ALA C 211 -10.56 -52.14 -29.26
C ALA C 211 -9.63 -53.30 -29.53
N ARG C 212 -10.19 -54.50 -29.66
CA ARG C 212 -9.42 -55.71 -29.97
C ARG C 212 -10.14 -56.52 -31.05
N ASN C 213 -9.97 -56.11 -32.31
CA ASN C 213 -10.03 -56.98 -33.49
C ASN C 213 -11.40 -57.54 -33.86
N ASP C 214 -12.38 -57.46 -32.97
CA ASP C 214 -13.74 -57.78 -33.35
C ASP C 214 -14.75 -56.81 -32.76
N THR C 215 -14.43 -56.13 -31.67
CA THR C 215 -15.44 -55.52 -30.83
C THR C 215 -14.77 -54.47 -29.95
N VAL C 216 -15.30 -53.25 -29.92
CA VAL C 216 -14.65 -52.15 -29.22
C VAL C 216 -15.35 -51.97 -27.88
N TYR C 217 -14.56 -51.78 -26.84
CA TYR C 217 -15.08 -51.63 -25.49
C TYR C 217 -14.98 -50.19 -25.04
N ILE C 218 -16.02 -49.71 -24.36
CA ILE C 218 -16.10 -48.36 -23.86
C ILE C 218 -16.10 -48.47 -22.34
N LEU C 219 -15.62 -47.44 -21.66
CA LEU C 219 -15.58 -47.42 -20.21
C LEU C 219 -15.57 -45.99 -19.71
N GLY C 220 -16.46 -45.72 -18.75
CA GLY C 220 -16.38 -44.50 -17.97
C GLY C 220 -16.77 -43.25 -18.75
N GLY C 221 -16.19 -42.14 -18.34
CA GLY C 221 -16.48 -40.85 -18.93
C GLY C 221 -17.56 -40.11 -18.18
N HIS C 222 -17.77 -38.86 -18.60
CA HIS C 222 -18.71 -37.97 -17.94
C HIS C 222 -19.81 -37.56 -18.91
N SER C 223 -21.05 -37.58 -18.44
CA SER C 223 -22.20 -37.14 -19.21
C SER C 223 -22.59 -35.75 -18.75
N LEU C 224 -22.58 -34.80 -19.68
CA LEU C 224 -22.95 -33.43 -19.37
C LEU C 224 -24.45 -33.27 -19.15
N ALA C 225 -25.25 -34.19 -19.71
CA ALA C 225 -26.70 -34.01 -19.78
C ALA C 225 -27.33 -34.03 -18.39
N SER C 226 -26.78 -34.81 -17.48
CA SER C 226 -27.24 -34.81 -16.10
C SER C 226 -26.12 -34.60 -15.11
N ASN C 227 -24.92 -34.23 -15.59
CA ASN C 227 -23.74 -33.93 -14.76
C ASN C 227 -23.34 -35.10 -13.86
N ILE C 228 -23.39 -36.31 -14.39
CA ILE C 228 -22.97 -37.50 -13.68
C ILE C 228 -21.91 -38.22 -14.50
N ARG C 229 -21.30 -39.22 -13.88
CA ARG C 229 -20.46 -40.18 -14.59
C ARG C 229 -21.26 -41.46 -14.74
N PRO C 230 -21.61 -41.86 -15.96
CA PRO C 230 -22.34 -43.12 -16.15
C PRO C 230 -21.44 -44.30 -15.83
N ALA C 231 -21.88 -45.14 -14.90
CA ALA C 231 -21.08 -46.23 -14.37
C ALA C 231 -21.28 -47.53 -15.12
N ASN C 232 -21.67 -47.46 -16.39
CA ASN C 232 -21.96 -48.64 -17.18
C ASN C 232 -21.03 -48.69 -18.39
N LEU C 233 -20.39 -49.82 -18.59
CA LEU C 233 -19.53 -50.00 -19.75
C LEU C 233 -20.37 -50.35 -20.96
N TYR C 234 -19.70 -50.49 -22.10
CA TYR C 234 -20.35 -50.84 -23.34
C TYR C 234 -19.44 -51.76 -24.15
N ARG C 235 -20.07 -52.70 -24.87
CA ARG C 235 -19.37 -53.67 -25.70
C ARG C 235 -19.95 -53.55 -27.09
N ILE C 236 -19.14 -53.08 -28.04
CA ILE C 236 -19.64 -52.65 -29.34
C ILE C 236 -19.09 -53.59 -30.40
N ARG C 237 -19.91 -54.55 -30.81
CA ARG C 237 -19.49 -55.55 -31.79
C ARG C 237 -19.60 -54.96 -33.19
N VAL C 238 -18.57 -55.19 -34.00
CA VAL C 238 -18.56 -54.73 -35.38
C VAL C 238 -18.36 -55.95 -36.29
N ASP C 239 -19.13 -55.95 -37.38
CA ASP C 239 -18.88 -56.88 -38.48
C ASP C 239 -18.94 -56.12 -39.78
N LEU C 240 -17.95 -56.37 -40.64
CA LEU C 240 -17.92 -55.83 -41.99
C LEU C 240 -17.96 -56.99 -42.97
N PRO C 241 -19.13 -57.32 -43.48
CA PRO C 241 -19.23 -58.34 -44.53
C PRO C 241 -18.95 -57.79 -45.91
N LEU C 242 -19.27 -58.58 -46.94
CA LEU C 242 -19.17 -58.07 -48.31
C LEU C 242 -20.17 -56.96 -48.57
N GLY C 243 -21.39 -57.08 -48.04
CA GLY C 243 -22.37 -56.04 -48.25
C GLY C 243 -22.19 -54.86 -47.32
N THR C 244 -23.29 -54.36 -46.78
CA THR C 244 -23.28 -53.27 -45.81
C THR C 244 -22.70 -53.77 -44.49
N PRO C 245 -22.02 -52.91 -43.72
CA PRO C 245 -21.41 -53.37 -42.47
C PRO C 245 -22.43 -53.44 -41.35
N ALA C 246 -22.18 -54.35 -40.41
CA ALA C 246 -23.07 -54.58 -39.29
C ALA C 246 -22.46 -54.02 -38.02
N VAL C 247 -23.22 -53.16 -37.35
CA VAL C 247 -22.84 -52.59 -36.07
C VAL C 247 -23.73 -53.19 -35.00
N ASN C 248 -23.14 -53.60 -33.88
CA ASN C 248 -23.89 -54.22 -32.79
C ASN C 248 -23.36 -53.69 -31.47
N CYS C 249 -24.27 -53.49 -30.52
CA CYS C 249 -23.90 -53.02 -29.20
C CYS C 249 -24.60 -53.85 -28.14
N THR C 250 -23.90 -54.09 -27.04
CA THR C 250 -24.48 -54.77 -25.88
C THR C 250 -24.08 -54.02 -24.63
N VAL C 251 -24.87 -54.21 -23.59
CA VAL C 251 -24.62 -53.54 -22.31
C VAL C 251 -24.27 -54.61 -21.28
N LEU C 252 -23.18 -54.40 -20.57
CA LEU C 252 -22.71 -55.39 -19.61
C LEU C 252 -22.55 -54.72 -18.26
N PRO C 253 -22.73 -55.47 -17.17
CA PRO C 253 -22.41 -54.95 -15.84
C PRO C 253 -20.92 -54.93 -15.60
N GLY C 254 -20.54 -54.27 -14.51
CA GLY C 254 -19.16 -54.17 -14.11
C GLY C 254 -18.45 -52.89 -14.51
N GLY C 255 -19.17 -51.91 -15.04
CA GLY C 255 -18.56 -50.64 -15.38
C GLY C 255 -18.18 -49.84 -14.15
N ILE C 256 -17.03 -49.14 -14.26
CA ILE C 256 -16.48 -48.36 -13.18
C ILE C 256 -16.68 -46.88 -13.52
N SER C 257 -17.14 -46.10 -12.54
CA SER C 257 -17.54 -44.71 -12.77
C SER C 257 -16.30 -43.82 -12.73
N VAL C 258 -15.71 -43.62 -13.90
CA VAL C 258 -14.45 -42.90 -14.03
C VAL C 258 -14.58 -41.90 -15.18
N SER C 259 -13.80 -40.84 -15.13
CA SER C 259 -13.67 -39.94 -16.27
C SER C 259 -12.23 -39.46 -16.38
N SER C 260 -11.79 -39.27 -17.63
CA SER C 260 -10.47 -38.74 -17.98
C SER C 260 -9.34 -39.58 -17.41
N ALA C 261 -9.36 -40.87 -17.74
CA ALA C 261 -8.26 -41.74 -17.38
C ALA C 261 -7.36 -41.95 -18.60
N ILE C 262 -6.32 -42.75 -18.41
CA ILE C 262 -5.39 -43.10 -19.49
C ILE C 262 -5.23 -44.62 -19.51
N LEU C 263 -5.27 -45.19 -20.71
CA LEU C 263 -5.02 -46.61 -20.95
C LEU C 263 -3.54 -46.80 -21.26
N THR C 264 -3.08 -48.04 -21.12
CA THR C 264 -1.71 -48.42 -21.46
C THR C 264 -1.65 -49.93 -21.65
N GLN C 265 -1.03 -50.34 -22.76
CA GLN C 265 -0.67 -51.73 -22.96
C GLN C 265 0.53 -52.07 -22.09
N THR C 266 0.37 -53.03 -21.18
CA THR C 266 1.49 -53.56 -20.42
C THR C 266 2.02 -54.82 -21.07
N ASN C 267 1.15 -55.81 -21.25
CA ASN C 267 1.53 -57.05 -21.92
C ASN C 267 0.60 -57.28 -23.10
N ASN C 268 0.79 -58.40 -23.80
CA ASN C 268 -0.05 -58.71 -24.95
C ASN C 268 -1.46 -59.03 -24.49
N ASP C 269 -2.45 -58.49 -25.23
CA ASP C 269 -3.88 -58.39 -24.92
C ASP C 269 -4.15 -58.08 -23.45
N GLU C 270 -3.37 -57.14 -22.91
CA GLU C 270 -3.33 -56.92 -21.47
C GLU C 270 -3.12 -55.43 -21.24
N PHE C 271 -4.13 -54.76 -20.70
CA PHE C 271 -4.10 -53.31 -20.57
C PHE C 271 -4.37 -52.89 -19.13
N VAL C 272 -4.13 -51.61 -18.86
CA VAL C 272 -4.15 -51.10 -17.49
C VAL C 272 -4.71 -49.69 -17.53
N ILE C 273 -5.22 -49.22 -16.40
CA ILE C 273 -5.94 -47.95 -16.30
C ILE C 273 -5.42 -47.17 -15.11
N VAL C 274 -5.04 -45.93 -15.34
CA VAL C 274 -4.57 -45.06 -14.28
C VAL C 274 -5.76 -44.22 -13.80
N GLY C 275 -5.65 -43.63 -12.61
CA GLY C 275 -6.75 -42.92 -12.00
C GLY C 275 -7.03 -41.58 -12.65
N GLY C 276 -8.31 -41.29 -12.92
CA GLY C 276 -8.72 -40.01 -13.44
C GLY C 276 -9.59 -39.27 -12.44
N TYR C 277 -10.88 -39.18 -12.70
CA TYR C 277 -11.79 -38.48 -11.79
C TYR C 277 -13.07 -39.30 -11.64
N GLN C 278 -13.62 -39.29 -10.42
CA GLN C 278 -14.83 -40.04 -10.14
C GLN C 278 -15.95 -39.10 -9.71
N LEU C 279 -15.60 -38.04 -8.99
CA LEU C 279 -16.48 -36.91 -8.76
C LEU C 279 -15.73 -35.64 -9.14
N GLU C 280 -16.48 -34.56 -9.38
CA GLU C 280 -15.77 -33.32 -9.68
C GLU C 280 -15.37 -32.56 -8.42
N ASN C 281 -15.62 -33.11 -7.25
CA ASN C 281 -15.04 -32.56 -6.02
C ASN C 281 -13.83 -33.36 -5.55
N GLN C 282 -13.79 -34.66 -5.80
CA GLN C 282 -12.65 -35.46 -5.36
C GLN C 282 -11.99 -36.17 -6.53
N LYS C 283 -10.67 -36.14 -6.52
CA LYS C 283 -9.83 -36.90 -7.43
C LYS C 283 -10.02 -38.39 -7.16
N ARG C 284 -9.99 -39.20 -8.21
CA ARG C 284 -10.05 -40.64 -8.03
C ARG C 284 -8.64 -41.19 -7.87
N MET C 285 -8.37 -41.80 -6.73
CA MET C 285 -7.02 -42.24 -6.37
C MET C 285 -6.68 -43.63 -6.86
N VAL C 286 -7.57 -44.60 -6.68
CA VAL C 286 -7.25 -45.98 -6.98
C VAL C 286 -7.27 -46.19 -8.50
N CYS C 287 -6.42 -47.08 -8.98
CA CYS C 287 -6.27 -47.34 -10.40
C CYS C 287 -6.61 -48.81 -10.65
N SER C 288 -6.90 -49.13 -11.92
CA SER C 288 -7.47 -50.42 -12.26
C SER C 288 -6.74 -51.08 -13.43
N LEU C 289 -6.99 -52.37 -13.62
CA LEU C 289 -6.46 -53.12 -14.75
C LEU C 289 -7.61 -53.61 -15.60
N VAL C 290 -7.28 -54.29 -16.68
CA VAL C 290 -8.26 -55.03 -17.48
C VAL C 290 -7.52 -56.16 -18.16
N SER C 291 -8.26 -57.18 -18.57
CA SER C 291 -7.70 -58.35 -19.25
C SER C 291 -8.70 -58.80 -20.29
N LEU C 292 -8.20 -59.09 -21.48
CA LEU C 292 -9.07 -59.51 -22.58
C LEU C 292 -8.76 -60.95 -22.97
N GLY C 293 -9.81 -61.64 -23.41
CA GLY C 293 -9.67 -62.95 -24.00
C GLY C 293 -10.20 -62.91 -25.42
N ASP C 294 -10.71 -64.05 -25.90
CA ASP C 294 -11.33 -64.12 -27.22
C ASP C 294 -12.55 -63.22 -27.33
N ASN C 295 -13.46 -63.33 -26.36
CA ASN C 295 -14.62 -62.47 -26.29
C ASN C 295 -14.90 -61.94 -24.90
N THR C 296 -14.22 -62.42 -23.87
CA THR C 296 -14.50 -62.00 -22.51
C THR C 296 -13.82 -60.66 -22.22
N ILE C 297 -14.28 -60.01 -21.16
CA ILE C 297 -13.70 -58.75 -20.69
C ILE C 297 -13.88 -58.68 -19.19
N GLU C 298 -12.80 -58.39 -18.48
CA GLU C 298 -12.82 -58.39 -17.03
C GLU C 298 -11.88 -57.34 -16.48
N ILE C 299 -12.40 -56.51 -15.57
CA ILE C 299 -11.63 -55.49 -14.89
C ILE C 299 -10.85 -56.13 -13.76
N SER C 300 -9.89 -55.38 -13.24
CA SER C 300 -9.07 -55.82 -12.12
C SER C 300 -8.50 -54.58 -11.46
N GLU C 301 -8.15 -54.70 -10.19
CA GLU C 301 -7.54 -53.59 -9.47
C GLU C 301 -6.15 -53.96 -8.97
N MET C 302 -5.27 -52.97 -8.98
CA MET C 302 -3.88 -53.18 -8.63
C MET C 302 -3.66 -52.98 -7.14
N GLU C 303 -2.39 -53.00 -6.74
CA GLU C 303 -2.01 -52.90 -5.34
C GLU C 303 -1.74 -51.45 -4.94
N THR C 304 -2.66 -50.54 -5.33
CA THR C 304 -2.79 -49.10 -5.04
C THR C 304 -1.45 -48.38 -4.92
N PRO C 305 -0.72 -48.20 -6.03
CA PRO C 305 0.70 -47.82 -5.94
C PRO C 305 0.89 -46.42 -5.38
N ASP C 306 1.87 -46.31 -4.49
CA ASP C 306 1.98 -45.16 -3.61
C ASP C 306 2.33 -43.90 -4.35
N TRP C 307 1.63 -42.83 -4.01
CA TRP C 307 1.92 -41.51 -4.53
C TRP C 307 2.76 -40.75 -3.51
N THR C 308 3.30 -39.64 -3.96
CA THR C 308 3.78 -38.64 -3.04
C THR C 308 2.60 -37.94 -2.37
N SER C 309 2.87 -37.33 -1.21
CA SER C 309 1.87 -36.50 -0.59
C SER C 309 1.64 -35.22 -1.38
N ASP C 310 2.62 -34.82 -2.20
CA ASP C 310 2.49 -33.69 -3.09
C ASP C 310 1.34 -33.88 -4.07
N ILE C 311 1.11 -35.12 -4.51
CA ILE C 311 -0.10 -35.45 -5.25
C ILE C 311 -1.30 -35.43 -4.32
N LYS C 312 -1.16 -36.01 -3.13
CA LYS C 312 -2.30 -36.24 -2.26
C LYS C 312 -2.82 -34.96 -1.61
N HIS C 313 -2.07 -33.87 -1.68
CA HIS C 313 -2.54 -32.60 -1.16
C HIS C 313 -3.07 -31.68 -2.24
N SER C 314 -2.83 -32.02 -3.51
CA SER C 314 -3.19 -31.17 -4.62
C SER C 314 -4.67 -31.33 -4.95
N LYS C 315 -5.06 -30.83 -6.11
CA LYS C 315 -6.46 -30.92 -6.52
C LYS C 315 -6.66 -31.69 -7.81
N ILE C 316 -5.87 -31.41 -8.85
CA ILE C 316 -6.10 -32.00 -10.16
C ILE C 316 -4.81 -32.58 -10.70
N TRP C 317 -4.94 -33.29 -11.82
CA TRP C 317 -3.79 -33.72 -12.60
C TRP C 317 -4.24 -33.87 -14.05
N PHE C 318 -3.40 -34.51 -14.84
CA PHE C 318 -3.68 -34.86 -16.24
C PHE C 318 -2.74 -36.00 -16.58
N GLY C 319 -2.57 -36.26 -17.87
CA GLY C 319 -1.49 -37.12 -18.30
C GLY C 319 -1.86 -37.95 -19.51
N SER C 320 -0.88 -38.72 -19.97
CA SER C 320 -1.07 -39.69 -21.05
C SER C 320 -0.06 -40.81 -20.85
N ASN C 321 0.14 -41.62 -21.87
CA ASN C 321 1.10 -42.71 -21.84
C ASN C 321 2.13 -42.56 -22.94
N MET C 322 3.33 -43.07 -22.67
CA MET C 322 4.40 -43.08 -23.65
C MET C 322 4.45 -44.38 -24.44
N GLY C 323 3.50 -45.27 -24.22
CA GLY C 323 3.41 -46.52 -24.95
C GLY C 323 4.04 -47.74 -24.30
N ASN C 324 5.30 -47.65 -23.91
CA ASN C 324 6.03 -48.82 -23.44
C ASN C 324 5.82 -49.07 -21.94
N GLY C 325 4.56 -49.14 -21.51
CA GLY C 325 4.24 -49.45 -20.13
C GLY C 325 4.62 -48.36 -19.16
N THR C 326 4.74 -47.12 -19.66
CA THR C 326 5.21 -45.99 -18.87
C THR C 326 4.20 -44.87 -18.97
N ILE C 327 3.54 -44.56 -17.87
CA ILE C 327 2.62 -43.43 -17.77
C ILE C 327 3.44 -42.19 -17.42
N PHE C 328 3.31 -41.15 -18.22
CA PHE C 328 3.90 -39.86 -17.92
C PHE C 328 2.77 -38.89 -17.63
N LEU C 329 2.87 -38.18 -16.51
CA LEU C 329 1.81 -37.28 -16.09
C LEU C 329 2.38 -36.12 -15.30
N GLY C 330 1.55 -35.12 -15.12
CA GLY C 330 1.96 -33.90 -14.43
C GLY C 330 0.94 -33.43 -13.43
N ILE C 331 1.19 -32.28 -12.83
CA ILE C 331 0.44 -31.78 -11.69
C ILE C 331 0.72 -30.29 -11.57
N PRO C 332 -0.28 -29.45 -11.33
CA PRO C 332 -0.01 -28.03 -11.11
C PRO C 332 0.61 -27.82 -9.74
N GLY C 333 1.60 -26.94 -9.69
CA GLY C 333 2.32 -26.72 -8.46
C GLY C 333 1.52 -25.90 -7.46
N ASP C 334 2.10 -25.70 -6.28
CA ASP C 334 1.43 -24.93 -5.24
C ASP C 334 1.89 -23.48 -5.29
N ASN C 335 0.99 -22.58 -5.67
CA ASN C 335 1.29 -21.16 -5.69
C ASN C 335 1.21 -20.53 -4.30
N LYS C 336 0.86 -21.30 -3.28
CA LYS C 336 0.85 -20.77 -1.91
C LYS C 336 2.27 -20.55 -1.40
N GLN C 337 3.20 -21.44 -1.76
CA GLN C 337 4.59 -21.24 -1.38
C GLN C 337 5.24 -20.13 -2.19
N ALA C 338 4.67 -19.81 -3.36
CA ALA C 338 5.04 -18.72 -4.26
C ALA C 338 6.45 -18.84 -4.82
N MET C 339 7.02 -20.04 -4.83
CA MET C 339 8.35 -20.31 -5.37
C MET C 339 8.34 -21.60 -6.20
N SER C 340 7.38 -21.67 -7.14
CA SER C 340 7.10 -22.88 -7.88
C SER C 340 7.25 -22.58 -9.37
N GLU C 341 7.53 -23.61 -10.15
CA GLU C 341 7.45 -23.48 -11.59
C GLU C 341 6.07 -23.81 -12.12
N ALA C 342 5.08 -23.88 -11.23
CA ALA C 342 3.65 -24.12 -11.46
C ALA C 342 3.34 -25.48 -12.05
N PHE C 343 4.33 -26.34 -12.27
CA PHE C 343 4.08 -27.66 -12.83
C PHE C 343 5.19 -28.61 -12.36
N TYR C 344 4.78 -29.73 -11.80
CA TYR C 344 5.70 -30.83 -11.56
C TYR C 344 5.23 -32.04 -12.35
N PHE C 345 6.11 -33.02 -12.47
CA PHE C 345 5.83 -34.15 -13.35
C PHE C 345 6.31 -35.44 -12.71
N TYR C 346 5.62 -36.52 -13.02
CA TYR C 346 6.03 -37.85 -12.58
C TYR C 346 5.90 -38.80 -13.75
N THR C 347 6.73 -39.84 -13.73
CA THR C 347 6.62 -40.94 -14.67
C THR C 347 6.31 -42.20 -13.90
N LEU C 348 5.24 -42.88 -14.31
CA LEU C 348 4.77 -44.08 -13.64
C LEU C 348 5.01 -45.29 -14.54
N ARG C 349 6.11 -45.98 -14.30
CA ARG C 349 6.40 -47.25 -14.94
C ARG C 349 5.44 -48.30 -14.38
N CYS C 350 4.73 -48.98 -15.28
CA CYS C 350 3.86 -50.06 -14.84
C CYS C 350 4.57 -51.41 -14.92
N SER C 351 5.28 -51.63 -16.03
CA SER C 351 6.03 -52.86 -16.34
C SER C 351 5.18 -54.13 -16.27
N MET D 1 47.83 -6.22 11.27
CA MET D 1 48.19 -6.29 9.86
C MET D 1 47.54 -7.48 9.18
N SER D 2 46.44 -7.95 9.76
CA SER D 2 45.75 -9.13 9.24
C SER D 2 44.31 -9.10 9.68
N LEU D 3 43.40 -9.05 8.71
CA LEU D 3 41.97 -9.07 8.99
C LEU D 3 41.49 -10.51 9.17
N GLN D 4 40.62 -10.70 10.16
CA GLN D 4 40.04 -12.01 10.40
C GLN D 4 38.56 -11.84 10.66
N MET D 5 37.72 -12.59 9.95
CA MET D 5 36.29 -12.58 10.20
C MET D 5 35.95 -13.54 11.33
N VAL D 6 35.01 -13.13 12.18
CA VAL D 6 34.65 -13.87 13.39
C VAL D 6 33.21 -14.34 13.25
N THR D 7 32.96 -15.57 13.65
CA THR D 7 31.59 -16.04 13.82
C THR D 7 31.16 -15.81 15.25
N VAL D 8 29.86 -15.88 15.48
CA VAL D 8 29.25 -15.25 16.64
C VAL D 8 28.44 -16.29 17.42
N GLY D 9 28.38 -16.10 18.74
CA GLY D 9 27.49 -16.86 19.60
C GLY D 9 26.04 -16.46 19.43
N HIS D 10 25.19 -17.01 20.30
CA HIS D 10 23.76 -16.85 20.12
C HIS D 10 23.28 -15.47 20.58
N ASN D 11 23.94 -14.87 21.57
CA ASN D 11 23.45 -13.66 22.20
C ASN D 11 24.15 -12.44 21.61
N ILE D 12 23.73 -12.11 20.39
CA ILE D 12 24.26 -10.97 19.67
C ILE D 12 23.85 -9.64 20.31
N ALA D 13 22.62 -9.55 20.82
CA ALA D 13 22.02 -8.29 21.21
C ALA D 13 22.67 -7.65 22.43
N LEU D 14 23.44 -8.40 23.21
CA LEU D 14 24.13 -7.80 24.34
C LEU D 14 25.28 -6.90 23.91
N ILE D 15 25.79 -7.04 22.70
CA ILE D 15 26.77 -6.13 22.15
C ILE D 15 26.06 -4.84 21.78
N GLN D 16 26.82 -3.75 21.70
CA GLN D 16 26.36 -2.40 21.44
C GLN D 16 27.59 -1.54 21.24
N PRO D 17 27.48 -0.43 20.51
CA PRO D 17 28.63 0.47 20.37
C PRO D 17 28.95 1.14 21.68
N GLY D 18 30.24 1.17 22.02
CA GLY D 18 30.65 1.70 23.29
C GLY D 18 30.74 0.63 24.36
N PHE D 19 31.52 -0.39 24.10
CA PHE D 19 31.64 -1.49 25.06
C PHE D 19 32.95 -1.35 25.83
N SER D 20 33.26 -2.35 26.63
CA SER D 20 34.49 -2.36 27.41
C SER D 20 35.12 -3.74 27.29
N LEU D 21 36.39 -3.78 26.91
CA LEU D 21 37.14 -5.03 26.82
C LEU D 21 38.22 -4.95 27.88
N MET D 22 38.19 -5.88 28.83
CA MET D 22 39.18 -5.89 29.90
C MET D 22 40.03 -7.14 29.81
N ASN D 23 41.23 -7.07 30.35
CA ASN D 23 42.20 -8.13 30.20
C ASN D 23 42.92 -8.39 31.51
N PHE D 24 43.06 -9.68 31.84
CA PHE D 24 43.77 -10.13 33.03
C PHE D 24 44.48 -11.41 32.66
N ASP D 25 45.82 -11.36 32.60
CA ASP D 25 46.69 -12.50 32.30
C ASP D 25 46.36 -13.15 30.95
N GLY D 26 46.05 -12.31 29.97
CA GLY D 26 45.64 -12.78 28.66
C GLY D 26 44.20 -13.17 28.55
N GLN D 27 43.49 -13.25 29.67
CA GLN D 27 42.09 -13.63 29.66
C GLN D 27 41.23 -12.37 29.63
N VAL D 28 40.30 -12.33 28.68
CA VAL D 28 39.62 -11.10 28.31
C VAL D 28 38.12 -11.20 28.59
N PHE D 29 37.59 -10.16 29.21
CA PHE D 29 36.22 -10.10 29.69
C PHE D 29 35.49 -8.94 29.06
N PHE D 30 34.21 -9.14 28.81
CA PHE D 30 33.34 -8.12 28.24
C PHE D 30 32.59 -7.40 29.35
N PHE D 31 32.51 -6.08 29.22
CA PHE D 31 31.72 -5.23 30.10
C PHE D 31 30.94 -4.24 29.24
N GLY D 32 29.82 -3.76 29.77
CA GLY D 32 29.03 -2.78 29.07
C GLY D 32 28.00 -3.38 28.13
N GLN D 33 27.12 -4.20 28.66
CA GLN D 33 26.10 -4.86 27.86
C GLN D 33 25.01 -3.87 27.47
N LYS D 34 24.03 -4.37 26.73
CA LYS D 34 22.92 -3.56 26.25
C LYS D 34 21.67 -3.86 27.06
N GLY D 35 20.92 -2.83 27.39
CA GLY D 35 19.73 -3.00 28.20
C GLY D 35 20.07 -2.96 29.68
N TRP D 36 19.76 -4.05 30.38
CA TRP D 36 20.03 -4.18 31.80
C TRP D 36 20.39 -5.64 32.04
N PRO D 37 20.98 -5.97 33.19
CA PRO D 37 21.26 -7.39 33.49
C PRO D 37 19.99 -8.22 33.59
N LYS D 38 20.12 -9.51 33.29
CA LYS D 38 18.98 -10.40 33.21
C LYS D 38 19.14 -11.55 34.21
N ARG D 39 18.21 -12.51 34.16
CA ARG D 39 18.29 -13.70 34.98
C ARG D 39 19.44 -14.60 34.59
N SER D 40 19.86 -14.55 33.33
CA SER D 40 21.00 -15.34 32.89
C SER D 40 22.30 -14.85 33.52
N CYS D 41 22.59 -13.56 33.35
CA CYS D 41 23.79 -12.98 33.96
C CYS D 41 23.37 -11.88 34.93
N PRO D 42 23.64 -12.05 36.22
CA PRO D 42 23.24 -11.02 37.18
C PRO D 42 24.16 -9.82 37.19
N THR D 43 25.32 -9.89 36.54
CA THR D 43 26.28 -8.80 36.58
C THR D 43 26.30 -8.01 35.28
N GLY D 44 26.56 -8.68 34.17
CA GLY D 44 26.77 -8.00 32.91
C GLY D 44 28.15 -8.18 32.34
N VAL D 45 29.06 -8.83 33.05
CA VAL D 45 30.42 -9.06 32.57
C VAL D 45 30.53 -10.52 32.16
N PHE D 46 31.30 -10.77 31.11
CA PHE D 46 31.31 -12.08 30.49
C PHE D 46 32.73 -12.51 30.14
N HIS D 47 32.92 -13.82 30.02
CA HIS D 47 34.17 -14.38 29.53
C HIS D 47 34.19 -14.24 28.02
N PHE D 48 34.77 -13.15 27.53
CA PHE D 48 34.84 -12.94 26.09
C PHE D 48 35.87 -13.88 25.47
N ASP D 49 35.45 -15.05 25.02
CA ASP D 49 36.43 -16.04 24.60
C ASP D 49 36.15 -16.53 23.19
N ILE D 50 37.23 -16.67 22.41
CA ILE D 50 37.16 -16.90 20.98
C ILE D 50 38.06 -18.08 20.63
N LYS D 51 37.49 -19.09 20.00
CA LYS D 51 38.23 -20.21 19.43
C LYS D 51 37.87 -20.34 17.96
N GLN D 52 38.90 -20.45 17.12
CA GLN D 52 38.78 -20.65 15.67
C GLN D 52 37.99 -19.52 15.02
N ASN D 53 38.26 -18.29 15.49
CA ASN D 53 37.50 -17.09 15.17
C ASN D 53 36.02 -17.28 15.43
N HIS D 54 35.70 -17.82 16.60
CA HIS D 54 34.32 -18.01 17.03
C HIS D 54 34.20 -17.56 18.47
N LEU D 55 33.30 -16.62 18.73
CA LEU D 55 33.16 -16.02 20.04
C LEU D 55 32.01 -16.66 20.81
N LYS D 56 32.17 -16.71 22.13
CA LYS D 56 31.13 -17.15 23.02
C LYS D 56 31.13 -16.28 24.27
N LEU D 57 29.98 -15.66 24.54
CA LEU D 57 29.82 -14.79 25.71
C LEU D 57 29.16 -15.63 26.79
N LYS D 58 29.97 -16.10 27.73
CA LYS D 58 29.51 -17.02 28.74
C LYS D 58 29.72 -16.36 30.08
N PRO D 59 28.82 -16.50 31.05
CA PRO D 59 28.75 -15.52 32.15
C PRO D 59 29.88 -15.64 33.15
N ALA D 60 30.01 -14.60 33.96
CA ALA D 60 31.00 -14.51 35.01
C ALA D 60 30.36 -13.90 36.24
N ILE D 61 30.69 -14.43 37.40
CA ILE D 61 30.02 -14.03 38.63
C ILE D 61 30.97 -13.26 39.51
N PHE D 62 30.43 -12.67 40.56
CA PHE D 62 31.17 -11.83 41.47
C PHE D 62 31.41 -12.54 42.78
N SER D 63 32.23 -11.93 43.63
CA SER D 63 32.41 -12.42 44.98
C SER D 63 31.25 -11.97 45.86
N LYS D 64 31.33 -12.35 47.13
CA LYS D 64 30.34 -11.86 48.08
C LYS D 64 30.56 -10.39 48.40
N ASP D 65 31.82 -9.96 48.50
CA ASP D 65 32.16 -8.62 48.97
C ASP D 65 32.20 -7.62 47.82
N SER D 66 31.82 -8.05 46.63
CA SER D 66 31.84 -7.22 45.45
C SER D 66 30.75 -6.17 45.54
N CYS D 67 30.84 -5.16 44.68
CA CYS D 67 29.79 -4.15 44.58
C CYS D 67 29.22 -4.22 43.17
N TYR D 68 27.90 -4.08 43.05
CA TYR D 68 27.26 -4.24 41.76
C TYR D 68 27.19 -2.89 41.06
N LEU D 69 27.16 -2.94 39.74
CA LEU D 69 27.24 -1.72 38.98
C LEU D 69 26.51 -1.88 37.66
N PRO D 70 25.89 -0.82 37.16
CA PRO D 70 25.20 -0.89 35.89
C PRO D 70 26.19 -0.85 34.75
N PRO D 71 25.79 -1.28 33.55
CA PRO D 71 26.67 -1.12 32.40
C PRO D 71 26.79 0.33 32.01
N LEU D 72 28.01 0.72 31.62
CA LEU D 72 28.34 2.09 31.30
C LEU D 72 28.75 2.16 29.84
N ARG D 73 28.15 3.08 29.10
CA ARG D 73 28.21 2.99 27.65
C ARG D 73 29.34 3.78 27.02
N TYR D 74 29.90 4.79 27.68
CA TYR D 74 31.12 5.43 27.22
C TYR D 74 31.95 5.87 28.42
N PRO D 75 32.55 4.92 29.12
CA PRO D 75 33.38 5.31 30.26
C PRO D 75 34.82 5.53 29.84
N ALA D 76 35.66 5.80 30.81
CA ALA D 76 37.10 5.81 30.62
C ALA D 76 37.67 4.73 31.52
N THR D 77 38.78 4.14 31.11
CA THR D 77 39.40 3.07 31.88
C THR D 77 40.92 3.11 31.67
N CYS D 78 41.63 2.40 32.55
CA CYS D 78 43.09 2.40 32.55
C CYS D 78 43.59 1.20 33.34
N SER D 79 44.84 0.82 33.11
CA SER D 79 45.46 -0.30 33.80
C SER D 79 46.08 0.21 35.09
N TYR D 80 46.02 -0.58 36.14
CA TYR D 80 46.59 -0.26 37.44
C TYR D 80 47.45 -1.44 37.87
N LYS D 81 48.75 -1.32 37.68
CA LYS D 81 49.71 -2.35 38.08
C LYS D 81 50.47 -1.82 39.29
N GLY D 82 49.89 -2.01 40.47
CA GLY D 82 50.51 -1.57 41.71
C GLY D 82 50.01 -2.39 42.89
N LYS D 88 50.05 -6.18 42.86
CA LYS D 88 48.98 -6.84 42.12
C LYS D 88 48.68 -6.11 40.82
N HIS D 89 47.51 -6.38 40.25
CA HIS D 89 47.10 -5.76 39.00
C HIS D 89 45.58 -5.71 38.94
N GLN D 90 45.04 -4.59 38.49
CA GLN D 90 43.59 -4.38 38.46
C GLN D 90 43.30 -3.24 37.49
N TYR D 91 42.01 -3.02 37.25
CA TYR D 91 41.57 -1.93 36.37
C TYR D 91 40.80 -0.88 37.15
N ILE D 92 40.95 0.37 36.69
CA ILE D 92 40.25 1.51 37.26
C ILE D 92 39.32 2.04 36.19
N ILE D 93 38.02 2.12 36.50
CA ILE D 93 37.00 2.55 35.56
C ILE D 93 36.14 3.60 36.25
N HIS D 94 35.81 4.67 35.53
CA HIS D 94 35.05 5.77 36.10
C HIS D 94 34.40 6.59 35.00
N GLY D 95 33.15 6.99 35.22
CA GLY D 95 32.47 7.94 34.35
C GLY D 95 31.24 7.33 33.71
N GLY D 96 31.22 7.34 32.38
CA GLY D 96 30.25 6.57 31.63
C GLY D 96 28.84 7.14 31.63
N LYS D 97 27.97 6.38 30.97
CA LYS D 97 26.58 6.76 30.77
C LYS D 97 25.71 5.58 31.16
N THR D 98 24.62 5.84 31.86
CA THR D 98 23.74 4.79 32.33
C THR D 98 22.94 4.22 31.16
N PRO D 99 22.29 3.06 31.34
CA PRO D 99 21.29 2.65 30.34
C PRO D 99 20.12 3.61 30.22
N ASN D 100 19.78 4.34 31.27
CA ASN D 100 18.73 5.33 31.19
C ASN D 100 19.25 6.73 30.95
N ASN D 101 20.47 6.84 30.41
CA ASN D 101 21.07 8.08 29.92
C ASN D 101 21.22 9.12 31.03
N GLU D 102 21.73 8.67 32.16
CA GLU D 102 22.23 9.56 33.18
C GLU D 102 23.74 9.45 33.19
N LEU D 103 24.38 10.36 33.91
CA LEU D 103 25.82 10.41 34.00
C LEU D 103 26.23 10.28 35.45
N SER D 104 26.88 9.17 35.79
CA SER D 104 27.41 9.00 37.12
C SER D 104 28.83 9.53 37.17
N ASP D 105 29.32 9.74 38.39
CA ASP D 105 30.67 10.23 38.64
C ASP D 105 31.32 9.43 39.75
N LYS D 106 31.16 8.12 39.72
CA LYS D 106 31.69 7.24 40.74
C LYS D 106 32.79 6.39 40.14
N ILE D 107 33.82 6.10 40.93
CA ILE D 107 35.00 5.43 40.43
C ILE D 107 35.01 4.00 40.92
N TYR D 108 34.74 3.06 40.02
CA TYR D 108 34.68 1.64 40.34
C TYR D 108 36.05 1.03 40.13
N ILE D 109 36.40 0.08 40.98
CA ILE D 109 37.67 -0.63 40.90
C ILE D 109 37.35 -2.09 40.65
N MET D 110 37.82 -2.63 39.54
CA MET D 110 37.65 -4.05 39.26
C MET D 110 38.92 -4.80 39.61
N SER D 111 38.84 -5.68 40.60
CA SER D 111 39.95 -6.55 40.94
C SER D 111 39.48 -7.99 40.85
N VAL D 112 40.39 -8.86 40.42
CA VAL D 112 40.13 -10.28 40.33
C VAL D 112 40.16 -10.85 41.74
N ALA D 113 39.00 -11.29 42.21
CA ALA D 113 38.89 -11.92 43.52
C ALA D 113 39.60 -13.26 43.60
N CYS D 114 39.17 -14.23 42.79
CA CYS D 114 39.79 -15.55 42.78
C CYS D 114 39.58 -16.16 41.41
N LYS D 115 40.32 -17.23 41.13
CA LYS D 115 40.19 -17.95 39.88
C LYS D 115 40.56 -19.39 40.18
N ASN D 116 39.61 -20.29 40.01
CA ASN D 116 39.85 -21.69 40.36
C ASN D 116 39.15 -22.60 39.39
N ASN D 117 39.91 -23.61 38.94
CA ASN D 117 39.46 -24.64 38.00
C ASN D 117 38.90 -24.02 36.72
N LYS D 118 39.61 -23.01 36.20
CA LYS D 118 39.17 -22.17 35.08
C LYS D 118 37.77 -21.60 35.29
N LYS D 119 37.47 -21.18 36.51
CA LYS D 119 36.29 -20.38 36.83
C LYS D 119 36.73 -19.24 37.73
N VAL D 120 36.52 -18.01 37.27
CA VAL D 120 37.09 -16.83 37.90
C VAL D 120 35.97 -15.94 38.44
N THR D 121 36.27 -15.23 39.52
CA THR D 121 35.32 -14.32 40.14
C THR D 121 36.00 -12.98 40.35
N PHE D 122 35.21 -11.94 40.60
CA PHE D 122 35.72 -10.57 40.68
C PHE D 122 35.35 -9.92 42.01
N ARG D 123 36.01 -8.81 42.29
CA ARG D 123 35.97 -8.15 43.59
C ARG D 123 35.75 -6.66 43.44
N CYS D 124 34.68 -6.29 42.71
CA CYS D 124 34.37 -4.90 42.40
C CYS D 124 34.11 -4.03 43.63
N THR D 125 34.89 -2.95 43.75
CA THR D 125 34.67 -1.94 44.77
C THR D 125 34.59 -0.57 44.09
N GLU D 126 33.90 0.35 44.74
CA GLU D 126 33.84 1.72 44.25
C GLU D 126 34.54 2.66 45.22
N LYS D 127 34.89 3.84 44.73
CA LYS D 127 35.57 4.84 45.53
C LYS D 127 35.06 6.22 45.18
N ASP D 128 34.73 7.01 46.19
CA ASP D 128 34.33 8.39 45.99
C ASP D 128 35.50 9.32 46.26
N LEU D 129 35.27 10.61 46.01
CA LEU D 129 36.32 11.61 46.08
C LEU D 129 35.90 12.74 46.99
N VAL D 130 36.90 13.45 47.50
CA VAL D 130 36.72 14.67 48.27
C VAL D 130 37.29 15.84 47.49
N GLY D 131 36.79 17.03 47.80
CA GLY D 131 37.37 18.26 47.31
C GLY D 131 36.91 18.58 45.90
N ASP D 132 37.87 18.95 45.05
CA ASP D 132 37.56 19.44 43.71
C ASP D 132 37.15 18.27 42.83
N VAL D 133 35.88 17.89 42.94
CA VAL D 133 35.38 16.75 42.18
C VAL D 133 35.13 17.17 40.74
N PRO D 134 35.30 16.29 39.77
CA PRO D 134 34.87 16.61 38.41
C PRO D 134 33.41 16.30 38.22
N GLU D 135 32.78 17.08 37.35
CA GLU D 135 31.40 16.81 36.99
C GLU D 135 31.31 15.49 36.22
N PRO D 136 30.18 14.80 36.30
CA PRO D 136 30.05 13.53 35.56
C PRO D 136 30.07 13.76 34.06
N ARG D 137 30.72 12.85 33.35
CA ARG D 137 30.95 13.05 31.93
C ARG D 137 31.13 11.70 31.26
N TYR D 138 31.35 11.77 29.95
CA TYR D 138 31.64 10.60 29.13
C TYR D 138 32.49 11.04 27.95
N GLY D 139 33.17 10.09 27.34
CA GLY D 139 34.15 10.39 26.34
C GLY D 139 35.46 10.92 26.88
N HIS D 140 35.61 10.98 28.20
CA HIS D 140 36.81 11.47 28.85
C HIS D 140 37.89 10.40 28.86
N SER D 141 39.04 10.74 29.46
CA SER D 141 40.21 9.88 29.42
C SER D 141 40.87 9.85 30.79
N ILE D 142 41.22 8.65 31.24
CA ILE D 142 41.90 8.46 32.51
C ILE D 142 43.17 7.65 32.26
N ASP D 143 44.23 8.03 32.96
CA ASP D 143 45.51 7.36 32.86
C ASP D 143 46.18 7.35 34.22
N VAL D 144 46.98 6.31 34.45
CA VAL D 144 47.76 6.17 35.67
C VAL D 144 49.21 6.43 35.30
N VAL D 145 49.89 7.20 36.14
CA VAL D 145 51.28 7.55 35.89
C VAL D 145 52.04 7.48 37.20
N TYR D 146 53.33 7.19 37.11
CA TYR D 146 54.17 7.00 38.29
C TYR D 146 55.23 8.08 38.36
N SER D 147 55.73 8.32 39.57
CA SER D 147 56.84 9.22 39.82
C SER D 147 57.34 8.97 41.22
N ARG D 148 58.67 8.84 41.37
CA ARG D 148 59.35 8.55 42.64
C ARG D 148 58.83 7.27 43.29
N GLY D 149 58.41 6.31 42.46
CA GLY D 149 57.74 5.13 42.95
C GLY D 149 56.29 5.32 43.35
N LYS D 150 55.80 6.56 43.41
CA LYS D 150 54.44 6.84 43.82
C LYS D 150 53.57 7.00 42.58
N SER D 151 52.37 6.44 42.67
CA SER D 151 51.43 6.40 41.55
C SER D 151 50.40 7.51 41.70
N MET D 152 49.87 7.94 40.56
CA MET D 152 48.84 8.98 40.55
C MET D 152 48.05 8.89 39.26
N GLY D 153 46.73 9.07 39.37
CA GLY D 153 45.85 9.01 38.23
C GLY D 153 45.58 10.36 37.61
N VAL D 154 45.84 10.49 36.31
CA VAL D 154 45.65 11.73 35.59
C VAL D 154 44.43 11.60 34.68
N LEU D 155 43.57 12.62 34.69
CA LEU D 155 42.28 12.61 34.04
C LEU D 155 42.21 13.77 33.07
N PHE D 156 41.41 13.64 32.02
CA PHE D 156 41.11 14.74 31.12
C PHE D 156 39.70 14.61 30.59
N GLY D 157 38.96 15.71 30.58
CA GLY D 157 37.53 15.64 30.44
C GLY D 157 37.07 15.39 29.02
N GLY D 158 35.81 14.97 28.90
CA GLY D 158 35.19 14.69 27.63
C GLY D 158 34.08 15.69 27.32
N ARG D 159 32.83 15.31 27.57
CA ARG D 159 31.71 16.22 27.37
C ARG D 159 30.57 15.84 28.30
N SER D 160 29.64 16.78 28.47
CA SER D 160 28.56 16.61 29.43
C SER D 160 27.35 17.41 28.98
N TYR D 161 26.33 17.43 29.84
CA TYR D 161 25.15 18.22 29.61
C TYR D 161 25.40 19.66 30.03
N MET D 162 24.39 20.51 29.79
CA MET D 162 24.38 21.81 30.42
C MET D 162 24.15 21.64 31.92
N PRO D 163 24.59 22.60 32.73
CA PRO D 163 24.26 22.55 34.16
C PRO D 163 22.78 22.82 34.40
N SER D 164 22.40 22.68 35.68
CA SER D 164 21.00 22.65 36.07
C SER D 164 20.26 23.94 35.80
N THR D 165 20.95 25.05 35.71
CA THR D 165 20.27 26.30 35.40
C THR D 165 20.08 26.47 33.91
N GLN D 166 21.05 26.01 33.11
CA GLN D 166 21.02 26.15 31.66
C GLN D 166 20.34 24.99 30.96
N ARG D 167 19.46 24.28 31.66
CA ARG D 167 18.81 23.12 31.09
C ARG D 167 17.31 23.36 31.03
N THR D 168 16.73 23.10 29.87
CA THR D 168 15.29 23.25 29.66
C THR D 168 14.71 21.96 29.11
N THR D 169 13.43 22.01 28.78
CA THR D 169 12.73 20.85 28.26
C THR D 169 13.21 20.50 26.86
N GLU D 170 13.10 21.44 25.92
CA GLU D 170 13.37 21.15 24.52
C GLU D 170 14.85 20.97 24.23
N LYS D 171 15.72 21.27 25.17
CA LYS D 171 17.16 21.08 25.01
C LYS D 171 17.71 20.20 26.11
N TRP D 172 16.89 19.25 26.57
CA TRP D 172 17.24 18.44 27.73
C TRP D 172 18.38 17.49 27.40
N ASN D 173 18.55 17.13 26.14
CA ASN D 173 19.55 16.16 25.75
C ASN D 173 20.75 16.76 25.03
N SER D 174 20.80 18.08 24.88
CA SER D 174 21.93 18.68 24.19
C SER D 174 23.16 18.68 25.08
N VAL D 175 24.33 18.57 24.45
CA VAL D 175 25.57 18.37 25.18
C VAL D 175 26.51 19.54 24.93
N ALA D 176 27.51 19.66 25.79
CA ALA D 176 28.53 20.68 25.64
C ALA D 176 29.82 20.17 26.26
N ASP D 177 30.94 20.65 25.72
CA ASP D 177 32.25 20.24 26.23
C ASP D 177 32.49 20.83 27.61
N CYS D 178 33.07 20.04 28.50
CA CYS D 178 33.38 20.51 29.84
C CYS D 178 34.57 21.45 29.82
N LEU D 179 34.86 22.03 30.98
CA LEU D 179 35.94 22.99 31.08
C LEU D 179 37.29 22.29 31.00
N PRO D 180 38.25 22.85 30.29
CA PRO D 180 39.51 22.14 30.06
C PRO D 180 40.39 22.13 31.31
N HIS D 181 40.10 21.18 32.20
CA HIS D 181 40.92 20.99 33.38
C HIS D 181 41.31 19.52 33.48
N VAL D 182 42.44 19.30 34.14
CA VAL D 182 42.91 17.95 34.47
C VAL D 182 42.87 17.81 35.98
N PHE D 183 42.58 16.59 36.43
CA PHE D 183 42.34 16.29 37.82
C PHE D 183 43.39 15.29 38.29
N LEU D 184 43.83 15.44 39.54
CA LEU D 184 44.86 14.58 40.09
C LEU D 184 44.22 13.78 41.22
N ILE D 185 44.17 12.46 41.05
CA ILE D 185 43.31 11.61 41.84
C ILE D 185 44.17 10.60 42.59
N ASP D 186 44.36 10.83 43.88
CA ASP D 186 44.98 9.86 44.76
C ASP D 186 43.96 8.76 45.04
N PHE D 187 44.42 7.51 45.01
CA PHE D 187 43.52 6.40 45.34
C PHE D 187 43.72 5.90 46.75
N GLU D 188 44.65 6.48 47.50
CA GLU D 188 44.80 6.11 48.90
C GLU D 188 43.79 6.82 49.78
N PHE D 189 43.35 8.02 49.37
CA PHE D 189 42.37 8.77 50.16
C PHE D 189 41.22 9.33 49.33
N GLY D 190 41.37 9.46 48.01
CA GLY D 190 40.34 10.09 47.22
C GLY D 190 40.49 11.59 47.10
N CYS D 191 41.72 12.10 47.08
CA CYS D 191 41.99 13.52 46.94
C CYS D 191 41.87 13.89 45.46
N ALA D 192 41.11 14.95 45.19
CA ALA D 192 40.86 15.40 43.83
C ALA D 192 41.11 16.90 43.73
N THR D 193 41.88 17.31 42.74
CA THR D 193 42.22 18.71 42.57
C THR D 193 42.21 19.07 41.09
N SER D 194 41.36 20.01 40.72
CA SER D 194 41.35 20.55 39.38
C SER D 194 42.57 21.44 39.17
N TYR D 195 42.95 21.61 37.90
CA TYR D 195 44.08 22.46 37.55
C TYR D 195 43.78 23.22 36.27
N ILE D 196 44.21 24.48 36.24
CA ILE D 196 43.93 25.37 35.12
C ILE D 196 45.20 25.54 34.31
N LEU D 197 45.12 25.26 33.02
CA LEU D 197 46.31 25.24 32.20
C LEU D 197 46.19 26.24 31.06
N PRO D 198 47.15 27.17 30.96
CA PRO D 198 47.01 28.26 29.98
C PRO D 198 47.20 27.83 28.54
N GLU D 199 47.96 26.79 28.27
CA GLU D 199 48.13 26.36 26.89
C GLU D 199 46.91 25.63 26.37
N LEU D 200 46.11 25.06 27.26
CA LEU D 200 44.92 24.33 26.85
C LEU D 200 43.79 25.32 26.62
N GLN D 201 42.97 25.07 25.60
CA GLN D 201 42.01 26.08 25.17
C GLN D 201 40.56 25.67 25.38
N ASP D 202 40.14 24.55 24.78
CA ASP D 202 38.74 24.17 24.80
C ASP D 202 38.58 22.73 25.26
N GLY D 203 37.34 22.24 25.15
CA GLY D 203 37.07 20.85 25.46
C GLY D 203 37.48 19.94 24.33
N LEU D 204 37.47 18.64 24.64
CA LEU D 204 37.88 17.63 23.69
C LEU D 204 37.20 16.32 24.04
N SER D 205 36.83 15.56 23.02
CA SER D 205 36.06 14.35 23.20
C SER D 205 36.61 13.26 22.31
N PHE D 206 36.70 12.05 22.86
CA PHE D 206 37.16 10.83 22.19
C PHE D 206 38.57 10.96 21.65
N HIS D 207 39.39 11.69 22.40
CA HIS D 207 40.81 11.82 22.10
C HIS D 207 41.51 10.57 22.59
N VAL D 208 42.71 10.36 22.08
CA VAL D 208 43.50 9.17 22.36
C VAL D 208 44.57 9.52 23.37
N SER D 209 44.76 8.66 24.37
CA SER D 209 45.57 8.98 25.53
C SER D 209 46.66 7.93 25.71
N ILE D 210 47.91 8.39 25.74
CA ILE D 210 49.07 7.55 25.96
C ILE D 210 49.82 8.08 27.18
N ALA D 211 50.21 7.18 28.09
CA ALA D 211 50.96 7.58 29.27
C ALA D 211 52.12 6.63 29.51
N ARG D 212 53.33 7.18 29.63
CA ARG D 212 54.53 6.39 29.91
C ARG D 212 55.36 7.08 30.98
N ASN D 213 54.97 6.89 32.25
CA ASN D 213 55.85 6.91 33.42
C ASN D 213 56.44 8.26 33.80
N ASP D 214 56.36 9.26 32.93
CA ASP D 214 56.70 10.61 33.32
C ASP D 214 55.74 11.65 32.78
N THR D 215 55.03 11.35 31.70
CA THR D 215 54.42 12.39 30.88
C THR D 215 53.36 11.74 29.99
N VAL D 216 52.15 12.29 30.00
CA VAL D 216 51.02 11.67 29.31
C VAL D 216 50.83 12.39 27.98
N TYR D 217 50.62 11.63 26.92
CA TYR D 217 50.46 12.18 25.58
C TYR D 217 49.01 12.11 25.16
N ILE D 218 48.54 13.16 24.50
CA ILE D 218 47.18 13.27 24.02
C ILE D 218 47.27 13.29 22.50
N LEU D 219 46.22 12.84 21.82
CA LEU D 219 46.18 12.82 20.38
C LEU D 219 44.74 12.85 19.91
N GLY D 220 44.47 13.76 18.97
CA GLY D 220 43.24 13.70 18.20
C GLY D 220 42.01 14.09 18.99
N GLY D 221 40.88 13.53 18.60
CA GLY D 221 39.60 13.82 19.22
C GLY D 221 38.86 14.94 18.49
N HIS D 222 37.64 15.16 18.94
CA HIS D 222 36.73 16.12 18.31
C HIS D 222 36.36 17.20 19.30
N SER D 223 36.38 18.45 18.85
CA SER D 223 35.97 19.58 19.65
C SER D 223 34.57 20.01 19.22
N LEU D 224 33.65 20.00 20.17
CA LEU D 224 32.27 20.39 19.87
C LEU D 224 32.14 21.90 19.69
N ALA D 225 33.07 22.66 20.24
CA ALA D 225 32.92 24.12 20.35
C ALA D 225 32.93 24.78 18.98
N SER D 226 33.68 24.24 18.04
CA SER D 226 33.67 24.72 16.68
C SER D 226 33.43 23.61 15.65
N ASN D 227 33.05 22.41 16.12
CA ASN D 227 32.72 21.26 15.28
C ASN D 227 33.87 20.85 14.35
N ILE D 228 35.09 20.88 14.87
CA ILE D 228 36.26 20.46 14.13
C ILE D 228 36.97 19.36 14.93
N ARG D 229 37.97 18.76 14.28
CA ARG D 229 38.93 17.90 14.95
C ARG D 229 40.22 18.68 15.11
N PRO D 230 40.64 19.00 16.33
CA PRO D 230 41.91 19.71 16.51
C PRO D 230 43.08 18.81 16.16
N ALA D 231 43.90 19.26 15.22
CA ALA D 231 44.97 18.45 14.66
C ALA D 231 46.29 18.62 15.40
N ASN D 232 46.24 18.98 16.67
CA ASN D 232 47.44 19.25 17.45
C ASN D 232 47.49 18.29 18.64
N LEU D 233 48.63 17.63 18.81
CA LEU D 233 48.81 16.75 19.95
C LEU D 233 49.18 17.57 21.17
N TYR D 234 49.34 16.87 22.30
CA TYR D 234 49.71 17.49 23.55
C TYR D 234 50.63 16.55 24.33
N ARG D 235 51.58 17.15 25.04
CA ARG D 235 52.55 16.43 25.84
C ARG D 235 52.46 16.99 27.25
N ILE D 236 52.00 16.17 28.19
CA ILE D 236 51.59 16.65 29.50
C ILE D 236 52.54 16.07 30.53
N ARG D 237 53.51 16.86 30.95
CA ARG D 237 54.52 16.43 31.91
C ARG D 237 53.96 16.51 33.32
N VAL D 238 54.17 15.46 34.11
CA VAL D 238 53.75 15.43 35.49
C VAL D 238 54.96 15.20 36.38
N ASP D 239 55.01 15.95 37.49
CA ASP D 239 55.94 15.67 38.56
C ASP D 239 55.20 15.71 39.88
N LEU D 240 55.46 14.71 40.72
CA LEU D 240 54.92 14.65 42.08
C LEU D 240 56.11 14.66 43.04
N PRO D 241 56.45 15.82 43.57
CA PRO D 241 57.49 15.89 44.60
C PRO D 241 56.96 15.60 45.99
N LEU D 242 57.76 15.88 47.01
CA LEU D 242 57.28 15.76 48.38
C LEU D 242 56.18 16.78 48.68
N GLY D 243 56.31 18.00 48.17
CA GLY D 243 55.29 19.00 48.40
C GLY D 243 54.09 18.85 47.49
N THR D 244 53.61 19.96 46.98
CA THR D 244 52.50 19.98 46.03
C THR D 244 52.96 19.42 44.69
N PRO D 245 52.09 18.76 43.92
CA PRO D 245 52.53 18.18 42.64
C PRO D 245 52.59 19.21 41.54
N ALA D 246 53.48 18.95 40.59
CA ALA D 246 53.71 19.87 39.48
C ALA D 246 53.12 19.30 38.21
N VAL D 247 52.26 20.08 37.57
CA VAL D 247 51.67 19.72 36.29
C VAL D 247 52.27 20.63 35.23
N ASN D 248 52.65 20.05 34.09
CA ASN D 248 53.27 20.81 33.01
C ASN D 248 52.71 20.32 31.69
N CYS D 249 52.51 21.24 30.76
CA CYS D 249 52.01 20.90 29.43
C CYS D 249 52.84 21.62 28.38
N THR D 250 53.05 20.93 27.25
CA THR D 250 53.73 21.51 26.10
C THR D 250 52.95 21.15 24.85
N VAL D 251 53.13 21.96 23.83
CA VAL D 251 52.46 21.75 22.55
C VAL D 251 53.49 21.41 21.51
N LEU D 252 53.26 20.33 20.78
CA LEU D 252 54.22 19.86 19.80
C LEU D 252 53.55 19.74 18.45
N PRO D 253 54.28 19.92 17.36
CA PRO D 253 53.73 19.64 16.04
C PRO D 253 53.69 18.15 15.76
N GLY D 254 53.00 17.80 14.67
CA GLY D 254 52.88 16.42 14.25
C GLY D 254 51.60 15.72 14.66
N GLY D 255 50.64 16.45 15.21
CA GLY D 255 49.36 15.85 15.56
C GLY D 255 48.54 15.50 14.33
N ILE D 256 47.84 14.37 14.44
CA ILE D 256 47.02 13.84 13.35
C ILE D 256 45.56 14.05 13.72
N SER D 257 44.77 14.54 12.76
CA SER D 257 43.40 14.95 13.02
C SER D 257 42.49 13.72 12.96
N VAL D 258 42.29 13.11 14.13
CA VAL D 258 41.56 11.87 14.25
C VAL D 258 40.59 11.99 15.42
N SER D 259 39.50 11.22 15.37
CA SER D 259 38.62 11.08 16.53
C SER D 259 38.12 9.65 16.61
N SER D 260 37.96 9.19 17.86
CA SER D 260 37.40 7.87 18.19
C SER D 260 38.22 6.73 17.59
N ALA D 261 39.51 6.73 17.89
CA ALA D 261 40.36 5.63 17.51
C ALA D 261 40.59 4.71 18.70
N ILE D 262 41.37 3.66 18.49
CA ILE D 262 41.72 2.71 19.54
C ILE D 262 43.23 2.53 19.54
N LEU D 263 43.82 2.54 20.73
CA LEU D 263 45.23 2.27 20.95
C LEU D 263 45.41 0.78 21.22
N THR D 264 46.65 0.30 21.06
CA THR D 264 47.01 -1.08 21.36
C THR D 264 48.52 -1.17 21.53
N GLN D 265 48.95 -1.80 22.63
CA GLN D 265 50.34 -2.19 22.79
C GLN D 265 50.64 -3.38 21.90
N THR D 266 51.58 -3.21 20.98
CA THR D 266 52.09 -4.32 20.19
C THR D 266 53.36 -4.88 20.82
N ASN D 267 54.36 -4.02 21.01
CA ASN D 267 55.61 -4.43 21.64
C ASN D 267 55.87 -3.53 22.83
N ASN D 268 56.99 -3.75 23.51
CA ASN D 268 57.32 -2.93 24.67
C ASN D 268 57.66 -1.51 24.23
N ASP D 269 57.15 -0.54 25.00
CA ASP D 269 57.06 0.89 24.72
C ASP D 269 56.73 1.20 23.26
N GLU D 270 55.78 0.44 22.72
CA GLU D 270 55.53 0.44 21.28
C GLU D 270 54.03 0.25 21.07
N PHE D 271 53.37 1.27 20.55
CA PHE D 271 51.92 1.27 20.45
C PHE D 271 51.49 1.56 19.02
N VAL D 272 50.20 1.35 18.76
CA VAL D 272 49.68 1.39 17.40
C VAL D 272 48.27 1.98 17.48
N ILE D 273 47.79 2.51 16.36
CA ILE D 273 46.53 3.24 16.30
C ILE D 273 45.73 2.76 15.11
N VAL D 274 44.47 2.40 15.34
CA VAL D 274 43.59 1.96 14.28
C VAL D 274 42.76 3.17 13.84
N GLY D 275 42.16 3.07 12.66
CA GLY D 275 41.45 4.21 12.09
C GLY D 275 40.11 4.49 12.76
N GLY D 276 39.86 5.76 13.04
CA GLY D 276 38.58 6.19 13.60
C GLY D 276 37.84 7.07 12.63
N TYR D 277 37.77 8.38 12.91
CA TYR D 277 37.08 9.30 12.02
C TYR D 277 37.90 10.57 11.89
N GLN D 278 37.89 11.15 10.68
CA GLN D 278 38.64 12.35 10.40
C GLN D 278 37.71 13.50 10.01
N LEU D 279 36.64 13.18 9.30
CA LEU D 279 35.52 14.07 9.11
C LEU D 279 34.24 13.33 9.48
N GLU D 280 33.17 14.09 9.76
CA GLU D 280 31.93 13.38 10.06
C GLU D 280 31.15 13.03 8.82
N ASN D 281 31.69 13.28 7.62
CA ASN D 281 31.12 12.74 6.41
C ASN D 281 31.88 11.52 5.90
N GLN D 282 33.20 11.46 6.13
CA GLN D 282 33.97 10.33 5.67
C GLN D 282 34.68 9.63 6.81
N LYS D 283 34.64 8.31 6.77
CA LYS D 283 35.40 7.45 7.66
C LYS D 283 36.89 7.62 7.36
N ARG D 284 37.71 7.56 8.40
CA ARG D 284 39.15 7.60 8.21
C ARG D 284 39.68 6.19 8.01
N MET D 285 40.27 5.94 6.85
CA MET D 285 40.69 4.59 6.47
C MET D 285 42.08 4.22 6.94
N VAL D 286 43.06 5.10 6.75
CA VAL D 286 44.45 4.75 7.03
C VAL D 286 44.67 4.75 8.53
N CYS D 287 45.56 3.88 9.00
CA CYS D 287 45.84 3.69 10.40
C CYS D 287 47.31 4.01 10.65
N SER D 288 47.65 4.28 11.91
CA SER D 288 48.96 4.82 12.25
C SER D 288 49.63 4.06 13.38
N LEU D 289 50.92 4.30 13.57
CA LEU D 289 51.67 3.73 14.68
C LEU D 289 52.19 4.87 15.54
N VAL D 290 52.89 4.51 16.61
CA VAL D 290 53.64 5.46 17.40
C VAL D 290 54.78 4.69 18.06
N SER D 291 55.82 5.42 18.47
CA SER D 291 56.98 4.82 19.12
C SER D 291 57.46 5.80 20.18
N LEU D 292 57.77 5.28 21.35
CA LEU D 292 58.22 6.11 22.45
C LEU D 292 59.66 5.78 22.82
N GLY D 293 60.36 6.82 23.26
CA GLY D 293 61.67 6.64 23.85
C GLY D 293 61.67 7.15 25.27
N ASP D 294 62.81 7.64 25.74
CA ASP D 294 62.92 8.23 27.07
C ASP D 294 62.04 9.47 27.21
N ASN D 295 62.15 10.38 26.25
CA ASN D 295 61.30 11.56 26.22
C ASN D 295 60.75 11.88 24.84
N THR D 296 61.21 11.20 23.80
CA THR D 296 60.78 11.51 22.45
C THR D 296 59.42 10.86 22.17
N ILE D 297 58.76 11.34 21.12
CA ILE D 297 57.50 10.79 20.66
C ILE D 297 57.40 10.99 19.16
N GLU D 298 57.09 9.92 18.44
CA GLU D 298 57.06 9.99 16.99
C GLU D 298 55.99 9.07 16.44
N ILE D 299 55.17 9.61 15.56
CA ILE D 299 54.12 8.87 14.88
C ILE D 299 54.74 8.10 13.73
N SER D 300 53.96 7.16 13.19
CA SER D 300 54.38 6.35 12.05
C SER D 300 53.12 5.81 11.40
N GLU D 301 53.22 5.47 10.13
CA GLU D 301 52.08 4.90 9.41
C GLU D 301 52.43 3.52 8.88
N MET D 302 51.43 2.65 8.89
CA MET D 302 51.62 1.26 8.51
C MET D 302 51.40 1.07 7.02
N GLU D 303 51.40 -0.18 6.59
CA GLU D 303 51.26 -0.55 5.19
C GLU D 303 49.80 -0.79 4.81
N THR D 304 48.92 0.14 5.23
CA THR D 304 47.48 0.29 4.96
C THR D 304 46.74 -1.04 4.82
N PRO D 305 46.56 -1.78 5.92
CA PRO D 305 46.16 -3.20 5.82
C PRO D 305 44.76 -3.36 5.27
N ASP D 306 44.61 -4.33 4.38
CA ASP D 306 43.46 -4.41 3.49
C ASP D 306 42.19 -4.75 4.25
N TRP D 307 41.13 -4.02 3.94
CA TRP D 307 39.82 -4.31 4.47
C TRP D 307 39.03 -5.11 3.45
N THR D 308 37.91 -5.65 3.91
CA THR D 308 36.89 -6.11 3.00
C THR D 308 36.21 -4.91 2.36
N SER D 309 35.58 -5.15 1.20
CA SER D 309 34.74 -4.12 0.61
C SER D 309 33.48 -3.89 1.42
N ASP D 310 33.09 -4.89 2.23
CA ASP D 310 31.96 -4.75 3.15
C ASP D 310 32.19 -3.62 4.14
N ILE D 311 33.43 -3.42 4.56
CA ILE D 311 33.79 -2.23 5.32
C ILE D 311 33.77 -1.01 4.42
N LYS D 312 34.33 -1.13 3.21
CA LYS D 312 34.57 0.03 2.35
C LYS D 312 33.29 0.57 1.73
N HIS D 313 32.19 -0.17 1.82
CA HIS D 313 30.92 0.33 1.31
C HIS D 313 30.02 0.84 2.42
N SER D 314 30.38 0.59 3.68
CA SER D 314 29.54 0.94 4.81
C SER D 314 29.72 2.41 5.17
N LYS D 315 29.25 2.78 6.33
CA LYS D 315 29.37 4.16 6.77
C LYS D 315 30.16 4.33 8.06
N ILE D 316 29.88 3.54 9.08
CA ILE D 316 30.50 3.73 10.39
C ILE D 316 31.06 2.42 10.90
N TRP D 317 31.79 2.52 12.00
CA TRP D 317 32.21 1.35 12.77
C TRP D 317 32.39 1.78 14.22
N PHE D 318 33.03 0.92 14.98
CA PHE D 318 33.41 1.16 16.37
C PHE D 318 34.54 0.20 16.70
N GLY D 319 34.82 0.00 17.97
CA GLY D 319 35.68 -1.09 18.36
C GLY D 319 36.52 -0.76 19.57
N SER D 320 37.29 -1.75 20.01
CA SER D 320 38.26 -1.60 21.07
C SER D 320 39.38 -2.62 20.83
N ASN D 321 40.20 -2.84 21.84
CA ASN D 321 41.27 -3.81 21.78
C ASN D 321 41.13 -4.87 22.87
N MET D 322 41.62 -6.07 22.57
CA MET D 322 41.62 -7.16 23.52
C MET D 322 42.94 -7.23 24.30
N GLY D 323 43.83 -6.30 24.07
CA GLY D 323 45.10 -6.25 24.79
C GLY D 323 46.30 -6.86 24.12
N ASN D 324 46.19 -8.12 23.70
CA ASN D 324 47.34 -8.85 23.19
C ASN D 324 47.57 -8.62 21.70
N GLY D 325 47.66 -7.36 21.29
CA GLY D 325 47.94 -7.01 19.91
C GLY D 325 46.83 -7.37 18.95
N THR D 326 45.61 -7.48 19.47
CA THR D 326 44.46 -7.92 18.69
C THR D 326 43.34 -6.90 18.83
N ILE D 327 43.02 -6.21 17.73
CA ILE D 327 41.92 -5.29 17.67
C ILE D 327 40.67 -6.07 17.33
N PHE D 328 39.64 -5.95 18.15
CA PHE D 328 38.33 -6.52 17.85
C PHE D 328 37.37 -5.37 17.58
N LEU D 329 36.65 -5.43 16.49
CA LEU D 329 35.76 -4.36 16.10
C LEU D 329 34.58 -4.90 15.32
N GLY D 330 33.58 -4.05 15.17
CA GLY D 330 32.35 -4.43 14.48
C GLY D 330 31.88 -3.38 13.50
N ILE D 331 30.72 -3.62 12.93
CA ILE D 331 30.21 -2.84 11.81
C ILE D 331 28.71 -3.09 11.70
N PRO D 332 27.88 -2.07 11.49
CA PRO D 332 26.47 -2.33 11.28
C PRO D 332 26.22 -2.92 9.90
N GLY D 333 25.32 -3.90 9.85
CA GLY D 333 25.07 -4.59 8.61
C GLY D 333 24.26 -3.76 7.64
N ASP D 334 24.03 -4.31 6.46
CA ASP D 334 23.26 -3.62 5.44
C ASP D 334 21.80 -4.06 5.49
N ASN D 335 20.92 -3.16 5.91
CA ASN D 335 19.49 -3.44 5.94
C ASN D 335 18.85 -3.32 4.56
N LYS D 336 19.61 -2.95 3.53
CA LYS D 336 19.07 -2.93 2.18
C LYS D 336 18.82 -4.33 1.65
N GLN D 337 19.69 -5.28 1.97
CA GLN D 337 19.47 -6.67 1.57
C GLN D 337 18.35 -7.31 2.39
N ALA D 338 18.07 -6.75 3.57
CA ALA D 338 16.98 -7.13 4.48
C ALA D 338 17.09 -8.56 5.01
N MET D 339 18.25 -9.19 4.84
CA MET D 339 18.58 -10.45 5.49
C MET D 339 19.96 -10.18 6.10
N SER D 340 19.95 -9.56 7.27
CA SER D 340 21.17 -9.32 8.01
C SER D 340 20.88 -9.48 9.49
N GLU D 341 21.92 -9.79 10.26
CA GLU D 341 21.83 -9.74 11.70
C GLU D 341 22.17 -8.37 12.25
N ALA D 342 22.24 -7.36 11.37
CA ALA D 342 22.50 -5.94 11.63
C ALA D 342 23.88 -5.66 12.20
N PHE D 343 24.73 -6.66 12.39
CA PHE D 343 26.06 -6.44 12.93
C PHE D 343 26.98 -7.55 12.44
N TYR D 344 28.11 -7.15 11.86
CA TYR D 344 29.19 -8.09 11.59
C TYR D 344 30.42 -7.64 12.37
N PHE D 345 31.39 -8.53 12.47
CA PHE D 345 32.53 -8.27 13.33
C PHE D 345 33.80 -8.77 12.66
N TYR D 346 34.91 -8.10 12.96
CA TYR D 346 36.22 -8.51 12.50
C TYR D 346 37.19 -8.43 13.66
N THR D 347 38.21 -9.27 13.60
CA THR D 347 39.33 -9.18 14.53
C THR D 347 40.58 -8.87 13.76
N LEU D 348 41.29 -7.83 14.18
CA LEU D 348 42.48 -7.35 13.49
C LEU D 348 43.70 -7.62 14.37
N ARG D 349 44.37 -8.74 14.10
CA ARG D 349 45.65 -9.05 14.71
C ARG D 349 46.69 -8.09 14.16
N CYS D 350 47.41 -7.41 15.06
CA CYS D 350 48.49 -6.54 14.62
C CYS D 350 49.82 -7.27 14.67
N SER D 351 50.06 -8.01 15.76
CA SER D 351 51.28 -8.79 16.04
C SER D 351 52.56 -7.94 15.97
N PRO I 99 -51.94 11.69 -8.55
CA PRO I 99 -53.41 11.58 -8.39
C PRO I 99 -53.85 10.19 -7.98
N SER I 100 -54.95 10.11 -7.23
CA SER I 100 -55.49 8.86 -6.74
C SER I 100 -56.93 8.72 -7.22
N ALA I 101 -57.47 7.50 -7.15
CA ALA I 101 -58.86 7.29 -7.52
C ALA I 101 -59.81 7.87 -6.48
N PHE I 102 -59.44 7.79 -5.20
CA PHE I 102 -60.20 8.48 -4.17
C PHE I 102 -60.07 9.99 -4.31
N PHE I 103 -58.90 10.45 -4.77
CA PHE I 103 -58.73 11.88 -5.07
C PHE I 103 -59.61 12.32 -6.22
N LEU I 104 -59.78 11.46 -7.23
CA LEU I 104 -60.66 11.77 -8.35
C LEU I 104 -62.12 11.73 -7.92
N PHE I 105 -62.46 10.83 -7.00
CA PHE I 105 -63.79 10.81 -6.40
C PHE I 105 -64.06 12.10 -5.62
N CYS I 106 -63.05 12.58 -4.91
CA CYS I 106 -63.17 13.86 -4.21
C CYS I 106 -63.32 15.02 -5.18
N SER I 107 -62.58 15.00 -6.28
CA SER I 107 -62.69 16.04 -7.29
C SER I 107 -64.03 16.00 -8.01
N GLU I 108 -64.66 14.84 -8.11
CA GLU I 108 -65.99 14.73 -8.69
C GLU I 108 -67.09 15.14 -7.72
N TYR I 109 -66.92 14.89 -6.43
CA TYR I 109 -67.99 15.12 -5.46
C TYR I 109 -67.74 16.31 -4.54
N ARG I 110 -66.71 17.12 -4.81
CA ARG I 110 -66.44 18.27 -3.96
C ARG I 110 -67.46 19.42 -4.10
N PRO I 111 -68.00 19.77 -5.29
CA PRO I 111 -69.15 20.69 -5.28
C PRO I 111 -70.38 20.13 -4.58
N LYS I 112 -70.58 18.81 -4.62
CA LYS I 112 -71.65 18.19 -3.85
C LYS I 112 -71.39 18.33 -2.36
N ILE I 113 -70.13 18.23 -1.94
CA ILE I 113 -69.78 18.41 -0.53
C ILE I 113 -69.97 19.86 -0.10
N LYS I 114 -69.66 20.81 -0.99
CA LYS I 114 -69.86 22.23 -0.66
C LYS I 114 -71.35 22.57 -0.60
N GLY I 115 -72.16 21.94 -1.45
CA GLY I 115 -73.59 22.18 -1.42
C GLY I 115 -74.28 21.54 -0.23
N GLU I 116 -73.81 20.37 0.20
CA GLU I 116 -74.38 19.75 1.39
C GLU I 116 -73.96 20.48 2.64
N HIS I 117 -72.68 20.84 2.75
CA HIS I 117 -72.23 21.53 3.94
C HIS I 117 -71.20 22.59 3.62
N PRO I 118 -71.23 23.74 4.32
CA PRO I 118 -70.18 24.75 4.12
C PRO I 118 -68.82 24.28 4.64
N GLY I 119 -68.78 23.81 5.87
CA GLY I 119 -67.54 23.32 6.46
C GLY I 119 -67.76 22.29 7.53
N ILE I 122 -62.11 21.55 6.54
CA ILE I 122 -63.45 21.02 6.24
C ILE I 122 -63.58 19.61 6.78
N GLY I 123 -63.62 19.51 8.12
CA GLY I 123 -63.63 18.24 8.83
C GLY I 123 -64.81 17.34 8.53
N ASP I 124 -66.03 17.83 8.72
CA ASP I 124 -67.22 16.99 8.50
C ASP I 124 -67.42 16.66 7.03
N VAL I 125 -67.17 17.61 6.14
CA VAL I 125 -67.35 17.39 4.70
C VAL I 125 -66.35 16.37 4.18
N ALA I 126 -65.07 16.52 4.54
CA ALA I 126 -64.06 15.57 4.09
C ALA I 126 -64.21 14.21 4.78
N LYS I 127 -64.69 14.19 6.03
CA LYS I 127 -64.91 12.92 6.73
C LYS I 127 -66.04 12.13 6.10
N LYS I 128 -67.17 12.80 5.82
CA LYS I 128 -68.28 12.12 5.16
C LYS I 128 -67.94 11.78 3.71
N LEU I 129 -67.06 12.56 3.08
CA LEU I 129 -66.62 12.25 1.72
C LEU I 129 -65.76 10.98 1.71
N GLY I 130 -64.83 10.86 2.67
CA GLY I 130 -64.07 9.63 2.79
C GLY I 130 -64.93 8.45 3.18
N GLU I 131 -65.96 8.69 4.00
CA GLU I 131 -66.89 7.64 4.39
C GLU I 131 -67.70 7.14 3.20
N MET I 132 -68.17 8.05 2.35
CA MET I 132 -68.97 7.61 1.21
C MET I 132 -68.10 7.02 0.10
N TRP I 133 -66.82 7.42 0.00
CA TRP I 133 -65.96 6.74 -0.95
C TRP I 133 -65.60 5.34 -0.47
N ASN I 134 -65.41 5.16 0.84
CA ASN I 134 -65.22 3.82 1.36
C ASN I 134 -66.50 2.99 1.26
N ASN I 135 -67.66 3.65 1.25
CA ASN I 135 -68.92 2.95 0.98
C ASN I 135 -68.99 2.49 -0.47
N THR I 136 -68.48 3.31 -1.39
CA THR I 136 -68.44 2.92 -2.79
C THR I 136 -67.03 2.52 -3.23
N ALA J 101 -10.59 64.38 -17.88
CA ALA J 101 -9.27 65.03 -17.90
C ALA J 101 -8.60 64.94 -16.54
N PHE J 102 -9.40 64.75 -15.49
CA PHE J 102 -8.86 64.71 -14.14
C PHE J 102 -8.37 63.32 -13.75
N PHE J 103 -8.57 62.31 -14.60
CA PHE J 103 -8.04 60.98 -14.31
C PHE J 103 -6.52 60.96 -14.42
N LEU J 104 -6.00 61.41 -15.57
CA LEU J 104 -4.56 61.49 -15.73
C LEU J 104 -3.97 62.62 -14.88
N PHE J 105 -4.76 63.65 -14.56
CA PHE J 105 -4.28 64.70 -13.66
C PHE J 105 -4.15 64.19 -12.23
N CYS J 106 -5.12 63.38 -11.78
CA CYS J 106 -5.02 62.73 -10.48
C CYS J 106 -3.87 61.74 -10.46
N SER J 107 -3.66 61.02 -11.57
CA SER J 107 -2.53 60.09 -11.67
C SER J 107 -1.19 60.83 -11.71
N GLU J 108 -1.20 62.10 -12.15
CA GLU J 108 0.02 62.89 -12.17
C GLU J 108 0.34 63.52 -10.82
N TYR J 109 -0.66 64.06 -10.14
CA TYR J 109 -0.44 64.67 -8.83
C TYR J 109 -0.42 63.64 -7.70
N ARG J 110 -0.77 62.39 -7.96
CA ARG J 110 -0.73 61.36 -6.93
C ARG J 110 0.68 60.98 -6.46
N PRO J 111 1.72 60.92 -7.31
CA PRO J 111 3.08 60.79 -6.74
C PRO J 111 3.52 62.03 -5.96
N LYS J 112 3.08 63.22 -6.37
CA LYS J 112 3.35 64.42 -5.59
C LYS J 112 2.60 64.37 -4.26
N ILE J 113 1.37 63.84 -4.28
CA ILE J 113 0.60 63.69 -3.04
C ILE J 113 1.21 62.61 -2.17
N LYS J 114 1.88 61.63 -2.78
CA LYS J 114 2.56 60.59 -2.01
C LYS J 114 3.86 61.10 -1.41
N GLY J 115 4.56 61.98 -2.13
CA GLY J 115 5.73 62.61 -1.55
C GLY J 115 5.40 63.60 -0.47
N GLU J 116 4.23 64.23 -0.55
CA GLU J 116 3.80 65.14 0.50
C GLU J 116 3.27 64.39 1.73
N HIS J 117 2.37 63.43 1.52
CA HIS J 117 1.75 62.68 2.60
C HIS J 117 1.90 61.19 2.32
N PRO J 118 2.21 60.39 3.35
CA PRO J 118 2.52 58.97 3.09
C PRO J 118 1.30 58.14 2.72
N GLY J 119 0.09 58.67 2.84
CA GLY J 119 -1.09 57.95 2.42
C GLY J 119 -1.69 57.09 3.51
N LEU J 120 -2.95 57.33 3.85
CA LEU J 120 -3.67 56.58 4.87
C LEU J 120 -4.49 55.44 4.29
N SER J 121 -5.11 55.65 3.13
CA SER J 121 -5.85 54.63 2.40
C SER J 121 -5.97 55.07 0.96
N ILE J 122 -6.13 54.10 0.05
CA ILE J 122 -6.25 54.43 -1.38
C ILE J 122 -7.57 55.12 -1.67
N GLY J 123 -8.63 54.73 -0.96
CA GLY J 123 -9.95 55.30 -1.23
C GLY J 123 -10.05 56.74 -0.79
N ASP J 124 -9.61 57.05 0.43
CA ASP J 124 -9.73 58.41 0.96
C ASP J 124 -8.81 59.37 0.23
N VAL J 125 -7.57 58.94 -0.04
CA VAL J 125 -6.63 59.79 -0.77
C VAL J 125 -7.06 59.98 -2.22
N ALA J 126 -7.63 58.92 -2.82
CA ALA J 126 -8.11 59.04 -4.20
C ALA J 126 -9.34 59.92 -4.29
N LYS J 127 -10.21 59.88 -3.27
CA LYS J 127 -11.37 60.77 -3.25
C LYS J 127 -10.96 62.22 -3.01
N LYS J 128 -9.95 62.44 -2.15
CA LYS J 128 -9.44 63.79 -1.94
C LYS J 128 -8.75 64.33 -3.18
N LEU J 129 -8.03 63.46 -3.91
CA LEU J 129 -7.40 63.89 -5.16
C LEU J 129 -8.43 64.14 -6.25
N GLY J 130 -9.53 63.38 -6.24
CA GLY J 130 -10.62 63.68 -7.16
C GLY J 130 -11.30 64.99 -6.84
N GLU J 131 -11.44 65.31 -5.55
CA GLU J 131 -11.96 66.61 -5.14
C GLU J 131 -11.04 67.74 -5.57
N MET J 132 -9.73 67.56 -5.40
CA MET J 132 -8.78 68.60 -5.78
C MET J 132 -8.66 68.74 -7.29
N TRP J 133 -8.89 67.64 -8.04
CA TRP J 133 -8.80 67.70 -9.49
C TRP J 133 -10.12 68.11 -10.13
N ASN J 134 -11.21 68.10 -9.36
CA ASN J 134 -12.43 68.77 -9.79
C ASN J 134 -12.42 70.24 -9.38
N ASN J 135 -11.68 70.59 -8.33
CA ASN J 135 -11.55 71.98 -7.92
C ASN J 135 -10.44 72.71 -8.68
N THR J 136 -9.56 71.97 -9.35
CA THR J 136 -8.49 72.60 -10.11
C THR J 136 -9.04 73.19 -11.41
N ALA J 137 -8.22 74.00 -12.06
CA ALA J 137 -8.63 74.67 -13.29
C ALA J 137 -8.65 73.69 -14.45
N ALA J 138 -9.17 74.17 -15.58
CA ALA J 138 -9.25 73.32 -16.77
C ALA J 138 -7.89 73.09 -17.40
N ASP J 139 -6.91 73.95 -17.11
CA ASP J 139 -5.59 73.81 -17.71
C ASP J 139 -4.70 72.86 -16.95
N ASP J 140 -4.92 72.68 -15.64
CA ASP J 140 -4.04 71.81 -14.86
C ASP J 140 -4.30 70.34 -15.14
N LYS J 141 -5.44 70.01 -15.73
CA LYS J 141 -5.75 68.66 -16.17
C LYS J 141 -5.54 68.49 -17.68
N GLN J 142 -4.97 69.50 -18.34
CA GLN J 142 -4.80 69.42 -19.80
C GLN J 142 -3.60 68.59 -20.24
N PRO J 143 -2.35 68.79 -19.74
CA PRO J 143 -1.24 68.04 -20.37
C PRO J 143 -1.19 66.57 -20.02
N TYR J 144 -1.58 66.19 -18.80
CA TYR J 144 -1.62 64.77 -18.44
C TYR J 144 -2.68 64.03 -19.24
N GLU J 145 -3.85 64.66 -19.43
CA GLU J 145 -4.90 64.01 -20.22
C GLU J 145 -4.55 64.01 -21.70
N LYS J 146 -3.80 65.01 -22.17
CA LYS J 146 -3.34 65.01 -23.56
C LYS J 146 -2.32 63.89 -23.79
N LYS J 147 -1.43 63.67 -22.81
CA LYS J 147 -0.51 62.55 -22.89
C LYS J 147 -1.23 61.21 -22.78
N ALA J 148 -2.29 61.16 -21.97
CA ALA J 148 -3.08 59.93 -21.85
C ALA J 148 -3.83 59.63 -23.15
N ALA J 149 -4.34 60.66 -23.82
CA ALA J 149 -5.02 60.46 -25.09
C ALA J 149 -4.04 60.08 -26.19
N LYS J 150 -2.85 60.70 -26.20
CA LYS J 150 -1.85 60.38 -27.22
C LYS J 150 -1.28 58.99 -27.02
N LEU J 151 -1.17 58.52 -25.77
CA LEU J 151 -0.66 57.17 -25.54
C LEU J 151 -1.77 56.13 -25.65
N LYS J 152 -3.03 56.52 -25.50
CA LYS J 152 -4.13 55.64 -25.85
C LYS J 152 -4.24 55.50 -27.36
N GLU J 153 -3.83 56.54 -28.10
CA GLU J 153 -3.68 56.41 -29.55
C GLU J 153 -2.45 55.59 -29.92
N LYS J 154 -1.40 55.64 -29.09
CA LYS J 154 -0.19 54.87 -29.36
C LYS J 154 -0.42 53.38 -29.13
N TYR J 155 -1.30 53.03 -28.19
CA TYR J 155 -1.64 51.63 -27.96
C TYR J 155 -2.84 51.22 -28.78
ZN ZN K . 6.12 -1.19 -44.32
CA CA L . 1.93 -2.09 -22.00
ZN ZN M . 0.10 -9.98 45.17
#